data_2PHG
#
_entry.id   2PHG
#
loop_
_entity.id
_entity.type
_entity.pdbx_description
1 polymer 'Transcription initiation factor IIB'
2 polymer 'Alpha trans-inducing protein'
#
loop_
_entity_poly.entity_id
_entity_poly.type
_entity_poly.pdbx_seq_one_letter_code
_entity_poly.pdbx_strand_id
1 'polypeptide(L)'
;SRAMMNAFKEITTMADRINLPRNIVDRTNNLFKQVYEQKSLKGRANDAIASACLYIACRQEGVPRTFKEICAVSRISKKE
IGRCFKLILKALETSVDLITTGDFMSRFCSNLCLPKQVQMAATHIARKAVELDLVPGRSPISVAAAAIYMASQASAEKRT
QKEIGDIAGVADVTIRQSYRLIYPRAPDLFPTDFKFDTPVDKLPQL
;
A
2 'polypeptide(L)' YGALDMADFEFEQMFTDALGIDEYGG B
#
# COMPACT_ATOMS: atom_id res chain seq x y z
N SER A 1 -25.78 -7.63 15.10
CA SER A 1 -24.56 -6.83 14.83
C SER A 1 -23.95 -6.36 16.15
N ARG A 2 -22.67 -6.67 16.35
CA ARG A 2 -21.98 -6.27 17.56
C ARG A 2 -20.65 -5.61 17.23
N ALA A 3 -19.86 -6.27 16.38
CA ALA A 3 -18.57 -5.75 15.98
C ALA A 3 -18.72 -4.64 14.96
N MET A 4 -19.91 -4.52 14.39
CA MET A 4 -20.20 -3.50 13.39
C MET A 4 -20.00 -2.10 13.98
N MET A 5 -20.70 -1.82 15.06
CA MET A 5 -20.62 -0.53 15.72
C MET A 5 -19.26 -0.34 16.40
N ASN A 6 -18.70 -1.43 16.89
CA ASN A 6 -17.41 -1.40 17.57
C ASN A 6 -16.29 -1.03 16.61
N ALA A 7 -16.21 -1.71 15.48
CA ALA A 7 -15.17 -1.45 14.49
C ALA A 7 -15.26 -0.02 13.98
N PHE A 8 -16.49 0.42 13.66
CA PHE A 8 -16.70 1.76 13.15
C PHE A 8 -16.13 2.81 14.11
N LYS A 9 -16.39 2.63 15.40
CA LYS A 9 -15.88 3.56 16.41
C LYS A 9 -14.36 3.53 16.47
N GLU A 10 -13.79 2.33 16.41
CA GLU A 10 -12.34 2.16 16.44
C GLU A 10 -11.69 2.88 15.26
N ILE A 11 -12.26 2.69 14.07
CA ILE A 11 -11.76 3.31 12.85
C ILE A 11 -11.86 4.83 12.94
N THR A 12 -13.03 5.32 13.34
CA THR A 12 -13.26 6.75 13.46
C THR A 12 -12.29 7.39 14.44
N THR A 13 -12.02 6.69 15.54
CA THR A 13 -11.10 7.20 16.55
C THR A 13 -9.70 7.38 15.97
N MET A 14 -9.23 6.38 15.23
CA MET A 14 -7.90 6.43 14.64
C MET A 14 -7.84 7.45 13.51
N ALA A 15 -8.80 7.40 12.61
CA ALA A 15 -8.85 8.32 11.47
C ALA A 15 -8.88 9.78 11.92
N ASP A 16 -9.59 10.03 13.01
CA ASP A 16 -9.69 11.39 13.54
C ASP A 16 -8.36 11.88 14.09
N ARG A 17 -7.62 10.99 14.74
CA ARG A 17 -6.32 11.34 15.32
C ARG A 17 -5.28 11.61 14.25
N ILE A 18 -5.30 10.82 13.19
CA ILE A 18 -4.35 10.99 12.08
C ILE A 18 -4.76 12.16 11.20
N ASN A 19 -5.95 12.68 11.43
CA ASN A 19 -6.50 13.82 10.67
C ASN A 19 -6.76 13.40 9.22
N LEU A 20 -7.36 12.24 9.06
CA LEU A 20 -7.67 11.72 7.74
C LEU A 20 -8.99 12.32 7.24
N PRO A 21 -9.12 12.50 5.91
CA PRO A 21 -10.33 13.07 5.31
C PRO A 21 -11.50 12.08 5.30
N ARG A 22 -12.68 12.57 4.92
CA ARG A 22 -13.88 11.74 4.87
C ARG A 22 -13.69 10.58 3.89
N ASN A 23 -12.77 10.76 2.95
CA ASN A 23 -12.46 9.75 1.94
C ASN A 23 -12.12 8.41 2.59
N ILE A 24 -11.65 8.47 3.83
CA ILE A 24 -11.30 7.28 4.59
C ILE A 24 -12.51 6.70 5.28
N VAL A 25 -13.12 7.49 6.15
CA VAL A 25 -14.29 7.07 6.93
C VAL A 25 -15.44 6.59 6.04
N ASP A 26 -15.79 7.40 5.04
CA ASP A 26 -16.88 7.07 4.12
C ASP A 26 -16.63 5.76 3.40
N ARG A 27 -15.38 5.55 2.99
CA ARG A 27 -15.00 4.33 2.28
C ARG A 27 -15.02 3.13 3.21
N THR A 28 -14.38 3.28 4.37
CA THR A 28 -14.30 2.20 5.35
C THR A 28 -15.70 1.74 5.77
N ASN A 29 -16.61 2.70 5.96
CA ASN A 29 -17.99 2.40 6.35
C ASN A 29 -18.66 1.54 5.30
N ASN A 30 -18.46 1.90 4.04
CA ASN A 30 -19.04 1.18 2.91
C ASN A 30 -18.44 -0.22 2.77
N LEU A 31 -17.15 -0.34 3.02
CA LEU A 31 -16.45 -1.61 2.91
C LEU A 31 -16.84 -2.56 4.04
N PHE A 32 -16.75 -2.08 5.26
CA PHE A 32 -17.08 -2.89 6.44
C PHE A 32 -18.53 -3.34 6.40
N LYS A 33 -19.39 -2.50 5.83
CA LYS A 33 -20.81 -2.80 5.70
C LYS A 33 -21.04 -4.11 4.94
N GLN A 34 -20.11 -4.44 4.05
CA GLN A 34 -20.23 -5.65 3.24
C GLN A 34 -19.42 -6.81 3.81
N VAL A 35 -18.26 -6.51 4.38
CA VAL A 35 -17.40 -7.56 4.94
C VAL A 35 -17.96 -8.13 6.24
N TYR A 36 -18.78 -7.34 6.93
CA TYR A 36 -19.38 -7.79 8.19
C TYR A 36 -20.54 -8.75 7.92
N GLU A 37 -21.06 -8.71 6.71
CA GLU A 37 -22.17 -9.58 6.34
C GLU A 37 -21.67 -10.74 5.48
N GLN A 38 -20.52 -11.26 5.87
CA GLN A 38 -19.91 -12.38 5.16
C GLN A 38 -20.20 -13.68 5.91
N LYS A 39 -20.32 -14.77 5.17
CA LYS A 39 -20.60 -16.06 5.77
C LYS A 39 -19.39 -16.57 6.53
N SER A 40 -18.24 -16.52 5.89
CA SER A 40 -16.99 -16.98 6.50
C SER A 40 -16.59 -16.08 7.66
N LEU A 41 -16.69 -14.77 7.46
CA LEU A 41 -16.32 -13.81 8.49
C LEU A 41 -17.52 -13.40 9.33
N LYS A 42 -17.61 -13.97 10.52
CA LYS A 42 -18.70 -13.67 11.44
C LYS A 42 -18.24 -12.67 12.49
N GLY A 43 -17.15 -11.98 12.19
CA GLY A 43 -16.61 -11.02 13.12
C GLY A 43 -15.61 -11.65 14.06
N ARG A 44 -14.75 -12.50 13.51
CA ARG A 44 -13.72 -13.21 14.28
C ARG A 44 -12.86 -12.22 15.07
N ALA A 45 -12.25 -11.29 14.36
CA ALA A 45 -11.40 -10.29 14.99
C ALA A 45 -11.84 -8.89 14.56
N ASN A 46 -12.54 -8.21 15.46
CA ASN A 46 -13.05 -6.86 15.21
C ASN A 46 -11.95 -5.90 14.79
N ASP A 47 -10.89 -5.87 15.58
CA ASP A 47 -9.74 -5.01 15.34
C ASP A 47 -9.09 -5.28 14.00
N ALA A 48 -9.01 -6.56 13.64
CA ALA A 48 -8.40 -6.97 12.38
C ALA A 48 -9.23 -6.53 11.18
N ILE A 49 -10.52 -6.83 11.21
CA ILE A 49 -11.40 -6.48 10.10
C ILE A 49 -11.50 -4.95 9.96
N ALA A 50 -11.47 -4.25 11.08
CA ALA A 50 -11.53 -2.79 11.07
C ALA A 50 -10.31 -2.22 10.37
N SER A 51 -9.14 -2.75 10.71
CA SER A 51 -7.89 -2.30 10.11
C SER A 51 -7.82 -2.69 8.63
N ALA A 52 -8.42 -3.82 8.29
CA ALA A 52 -8.43 -4.31 6.92
C ALA A 52 -9.13 -3.30 6.00
N CYS A 53 -10.33 -2.90 6.39
CA CYS A 53 -11.11 -1.95 5.61
C CYS A 53 -10.43 -0.58 5.62
N LEU A 54 -9.82 -0.24 6.74
CA LEU A 54 -9.12 1.03 6.90
C LEU A 54 -7.96 1.15 5.89
N TYR A 55 -7.21 0.06 5.75
CA TYR A 55 -6.08 0.02 4.83
C TYR A 55 -6.56 0.20 3.38
N ILE A 56 -7.66 -0.46 3.04
CA ILE A 56 -8.21 -0.36 1.70
C ILE A 56 -8.71 1.06 1.40
N ALA A 57 -9.24 1.71 2.43
CA ALA A 57 -9.75 3.07 2.29
C ALA A 57 -8.64 4.08 2.02
N CYS A 58 -7.51 3.93 2.68
CA CYS A 58 -6.40 4.86 2.52
C CYS A 58 -5.42 4.36 1.46
N ARG A 59 -5.78 3.30 0.77
CA ARG A 59 -4.93 2.71 -0.26
C ARG A 59 -4.50 3.73 -1.32
N GLN A 60 -5.44 4.53 -1.78
CA GLN A 60 -5.15 5.52 -2.81
C GLN A 60 -5.02 6.93 -2.23
N GLU A 61 -6.08 7.40 -1.61
CA GLU A 61 -6.09 8.73 -1.02
C GLU A 61 -6.26 8.65 0.49
N GLY A 62 -5.13 8.77 1.19
CA GLY A 62 -5.16 8.71 2.64
C GLY A 62 -3.84 8.20 3.21
N VAL A 63 -3.18 7.33 2.45
CA VAL A 63 -1.90 6.77 2.87
C VAL A 63 -0.81 7.85 2.93
N PRO A 64 -0.23 8.05 4.12
CA PRO A 64 0.83 9.05 4.31
C PRO A 64 2.19 8.51 3.87
N ARG A 65 2.29 8.16 2.59
CA ARG A 65 3.52 7.63 1.99
C ARG A 65 3.79 6.19 2.42
N THR A 66 3.51 5.88 3.68
CA THR A 66 3.72 4.55 4.21
C THR A 66 2.60 4.17 5.16
N PHE A 67 2.32 2.88 5.26
CA PHE A 67 1.27 2.40 6.14
C PHE A 67 1.79 2.39 7.58
N LYS A 68 3.12 2.44 7.71
CA LYS A 68 3.77 2.43 9.03
C LYS A 68 3.37 3.64 9.87
N GLU A 69 3.16 4.77 9.22
CA GLU A 69 2.79 6.00 9.92
C GLU A 69 1.40 5.89 10.56
N ILE A 70 0.60 4.95 10.09
CA ILE A 70 -0.75 4.76 10.63
C ILE A 70 -0.94 3.35 11.18
N CYS A 71 0.16 2.68 11.49
CA CYS A 71 0.12 1.31 12.01
C CYS A 71 -0.12 1.30 13.52
N ALA A 72 -0.95 2.23 13.98
CA ALA A 72 -1.27 2.32 15.40
C ALA A 72 -2.15 1.16 15.84
N VAL A 73 -3.10 0.80 15.01
CA VAL A 73 -4.02 -0.30 15.32
C VAL A 73 -3.57 -1.59 14.63
N SER A 74 -2.76 -1.45 13.58
CA SER A 74 -2.26 -2.60 12.83
C SER A 74 -1.14 -3.33 13.59
N ARG A 75 -1.37 -3.60 14.87
CA ARG A 75 -0.40 -4.29 15.71
C ARG A 75 -1.08 -5.43 16.46
N ILE A 76 -2.28 -5.76 16.04
CA ILE A 76 -3.04 -6.82 16.66
C ILE A 76 -3.86 -7.57 15.61
N SER A 77 -3.83 -8.90 15.68
CA SER A 77 -4.55 -9.75 14.74
C SER A 77 -4.23 -9.36 13.30
N LYS A 78 -2.95 -9.08 13.06
CA LYS A 78 -2.50 -8.65 11.74
C LYS A 78 -2.72 -9.73 10.69
N LYS A 79 -2.81 -10.98 11.13
CA LYS A 79 -3.05 -12.08 10.22
C LYS A 79 -4.44 -11.98 9.60
N GLU A 80 -5.43 -11.69 10.45
CA GLU A 80 -6.81 -11.58 10.00
C GLU A 80 -7.01 -10.29 9.19
N ILE A 81 -6.19 -9.28 9.46
CA ILE A 81 -6.29 -8.02 8.74
C ILE A 81 -6.04 -8.25 7.26
N GLY A 82 -4.92 -8.89 6.95
CA GLY A 82 -4.58 -9.17 5.56
C GLY A 82 -5.52 -10.18 4.94
N ARG A 83 -6.05 -11.04 5.80
CA ARG A 83 -6.98 -12.09 5.37
C ARG A 83 -8.25 -11.49 4.76
N CYS A 84 -8.87 -10.57 5.49
CA CYS A 84 -10.09 -9.93 5.02
C CYS A 84 -9.80 -8.89 3.94
N PHE A 85 -8.59 -8.33 3.97
CA PHE A 85 -8.17 -7.32 3.01
C PHE A 85 -8.29 -7.83 1.57
N LYS A 86 -7.71 -9.00 1.31
CA LYS A 86 -7.73 -9.58 -0.03
C LYS A 86 -9.14 -9.83 -0.52
N LEU A 87 -10.05 -10.10 0.39
CA LEU A 87 -11.45 -10.37 0.04
C LEU A 87 -12.11 -9.14 -0.59
N ILE A 88 -11.90 -7.99 0.02
CA ILE A 88 -12.51 -6.75 -0.46
C ILE A 88 -11.67 -6.11 -1.58
N LEU A 89 -10.36 -6.34 -1.54
CA LEU A 89 -9.45 -5.78 -2.54
C LEU A 89 -9.82 -6.22 -3.96
N LYS A 90 -10.27 -7.45 -4.11
CA LYS A 90 -10.64 -7.97 -5.42
C LYS A 90 -12.12 -7.77 -5.71
N ALA A 91 -12.80 -7.04 -4.84
CA ALA A 91 -14.22 -6.79 -5.02
C ALA A 91 -14.46 -5.51 -5.83
N LEU A 92 -13.60 -4.53 -5.62
CA LEU A 92 -13.73 -3.26 -6.33
C LEU A 92 -12.37 -2.68 -6.74
N GLU A 93 -12.15 -2.57 -8.04
CA GLU A 93 -10.92 -2.00 -8.56
C GLU A 93 -11.25 -0.73 -9.32
N THR A 94 -10.34 0.24 -9.27
CA THR A 94 -10.52 1.51 -9.95
C THR A 94 -10.42 1.35 -11.47
N SER A 95 -9.80 0.24 -11.90
CA SER A 95 -9.63 -0.06 -13.33
C SER A 95 -8.71 0.98 -14.00
N VAL A 96 -7.74 1.47 -13.26
CA VAL A 96 -6.80 2.46 -13.79
C VAL A 96 -5.64 1.76 -14.49
N ASP A 97 -5.54 0.46 -14.28
CA ASP A 97 -4.48 -0.34 -14.88
C ASP A 97 -4.81 -0.68 -16.33
N LEU A 98 -4.91 0.36 -17.15
CA LEU A 98 -5.23 0.20 -18.57
C LEU A 98 -4.37 1.09 -19.45
N ILE A 99 -3.46 1.84 -18.84
CA ILE A 99 -2.60 2.74 -19.61
C ILE A 99 -1.14 2.38 -19.41
N THR A 100 -0.54 2.92 -18.34
CA THR A 100 0.86 2.67 -18.01
C THR A 100 1.79 2.85 -19.22
N THR A 101 1.72 4.01 -19.87
CA THR A 101 2.56 4.25 -21.05
C THR A 101 3.07 5.68 -21.15
N GLY A 102 2.46 6.60 -20.39
CA GLY A 102 2.89 7.99 -20.46
C GLY A 102 3.82 8.41 -19.34
N ASP A 103 4.24 7.46 -18.52
CA ASP A 103 5.14 7.76 -17.40
C ASP A 103 6.58 7.95 -17.88
N PHE A 104 6.80 7.79 -19.18
CA PHE A 104 8.13 7.94 -19.76
C PHE A 104 8.67 9.36 -19.55
N MET A 105 7.77 10.30 -19.27
CA MET A 105 8.18 11.67 -19.02
C MET A 105 8.70 11.81 -17.59
N SER A 106 7.92 11.29 -16.64
CA SER A 106 8.25 11.29 -15.21
C SER A 106 8.28 12.69 -14.57
N ARG A 107 8.71 13.69 -15.32
CA ARG A 107 8.83 15.05 -14.79
C ARG A 107 7.50 15.59 -14.29
N PHE A 108 6.42 15.34 -15.03
CA PHE A 108 5.09 15.80 -14.65
C PHE A 108 4.61 15.15 -13.34
N CYS A 109 5.19 14.01 -13.00
CA CYS A 109 4.81 13.31 -11.78
C CYS A 109 5.33 14.07 -10.54
N SER A 110 6.32 14.92 -10.75
CA SER A 110 6.91 15.70 -9.66
C SER A 110 6.36 17.13 -9.65
N ASN A 111 5.31 17.36 -10.42
CA ASN A 111 4.69 18.68 -10.51
C ASN A 111 4.04 19.10 -9.18
N LEU A 112 3.76 18.11 -8.34
CA LEU A 112 3.13 18.37 -7.04
C LEU A 112 4.18 18.77 -6.01
N CYS A 113 4.95 19.81 -6.32
CA CYS A 113 6.00 20.33 -5.43
C CYS A 113 6.97 19.24 -5.00
N LEU A 114 7.41 18.43 -5.97
CA LEU A 114 8.34 17.35 -5.69
C LEU A 114 9.70 17.68 -6.30
N PRO A 115 10.75 17.78 -5.47
CA PRO A 115 12.10 18.07 -5.93
C PRO A 115 12.65 17.01 -6.87
N LYS A 116 13.50 17.43 -7.80
CA LYS A 116 14.11 16.52 -8.77
C LYS A 116 15.01 15.49 -8.09
N GLN A 117 15.32 15.72 -6.81
CA GLN A 117 16.14 14.79 -6.05
C GLN A 117 15.46 13.43 -6.00
N VAL A 118 14.13 13.47 -5.92
CA VAL A 118 13.33 12.26 -5.88
C VAL A 118 13.30 11.62 -7.26
N GLN A 119 13.30 12.46 -8.29
CA GLN A 119 13.28 12.01 -9.67
C GLN A 119 14.51 11.16 -9.99
N MET A 120 15.68 11.72 -9.69
CA MET A 120 16.96 11.02 -9.94
C MET A 120 17.05 9.74 -9.12
N ALA A 121 16.56 9.78 -7.90
CA ALA A 121 16.60 8.62 -7.02
C ALA A 121 15.68 7.52 -7.54
N ALA A 122 14.48 7.91 -7.97
CA ALA A 122 13.49 6.98 -8.47
C ALA A 122 13.99 6.18 -9.67
N THR A 123 14.65 6.85 -10.60
CA THR A 123 15.16 6.20 -11.80
C THR A 123 16.20 5.15 -11.45
N HIS A 124 16.96 5.40 -10.39
CA HIS A 124 17.99 4.47 -9.96
C HIS A 124 17.36 3.23 -9.33
N ILE A 125 16.29 3.46 -8.57
CA ILE A 125 15.57 2.37 -7.92
C ILE A 125 14.91 1.50 -8.98
N ALA A 126 14.25 2.15 -9.93
CA ALA A 126 13.57 1.46 -11.01
C ALA A 126 14.55 0.65 -11.86
N ARG A 127 15.69 1.25 -12.17
CA ARG A 127 16.70 0.57 -12.99
C ARG A 127 17.13 -0.75 -12.37
N LYS A 128 17.43 -0.72 -11.07
CA LYS A 128 17.88 -1.92 -10.36
C LYS A 128 16.81 -3.00 -10.38
N ALA A 129 15.55 -2.59 -10.24
CA ALA A 129 14.44 -3.53 -10.23
C ALA A 129 14.12 -4.05 -11.63
N VAL A 130 14.15 -3.17 -12.62
CA VAL A 130 13.85 -3.53 -14.01
C VAL A 130 14.94 -4.42 -14.60
N GLU A 131 16.20 -4.06 -14.37
CA GLU A 131 17.31 -4.84 -14.91
C GLU A 131 17.38 -6.22 -14.27
N LEU A 132 16.80 -6.35 -13.08
CA LEU A 132 16.79 -7.64 -12.39
C LEU A 132 15.50 -8.39 -12.70
N ASP A 133 14.51 -7.65 -13.23
CA ASP A 133 13.20 -8.21 -13.58
C ASP A 133 12.55 -8.84 -12.35
N LEU A 134 12.61 -8.10 -11.24
CA LEU A 134 12.06 -8.56 -9.98
C LEU A 134 10.54 -8.68 -10.03
N VAL A 135 9.90 -7.83 -10.81
CA VAL A 135 8.45 -7.86 -10.92
C VAL A 135 8.00 -7.90 -12.38
N PRO A 136 7.81 -9.11 -12.91
CA PRO A 136 7.38 -9.32 -14.29
C PRO A 136 5.86 -9.47 -14.41
N GLY A 137 5.14 -8.82 -13.50
CA GLY A 137 3.69 -8.90 -13.49
C GLY A 137 3.03 -7.80 -14.32
N ARG A 138 3.82 -6.88 -14.85
CA ARG A 138 3.29 -5.80 -15.66
C ARG A 138 4.24 -5.43 -16.79
N SER A 139 4.98 -4.34 -16.61
CA SER A 139 5.93 -3.86 -17.61
C SER A 139 7.01 -3.04 -16.92
N PRO A 140 8.13 -2.73 -17.61
CA PRO A 140 9.22 -1.92 -17.04
C PRO A 140 8.77 -0.50 -16.73
N ILE A 141 7.72 -0.05 -17.42
CA ILE A 141 7.19 1.29 -17.24
C ILE A 141 6.51 1.43 -15.88
N SER A 142 5.76 0.40 -15.49
CA SER A 142 5.05 0.41 -14.22
C SER A 142 6.01 0.50 -13.04
N VAL A 143 7.20 -0.06 -13.20
CA VAL A 143 8.21 -0.04 -12.15
C VAL A 143 8.75 1.38 -11.94
N ALA A 144 8.78 2.15 -13.01
CA ALA A 144 9.27 3.52 -12.94
C ALA A 144 8.38 4.38 -12.05
N ALA A 145 7.07 4.36 -12.34
CA ALA A 145 6.10 5.12 -11.56
C ALA A 145 6.10 4.69 -10.10
N ALA A 146 6.19 3.38 -9.89
CA ALA A 146 6.22 2.84 -8.53
C ALA A 146 7.48 3.26 -7.81
N ALA A 147 8.58 3.35 -8.54
CA ALA A 147 9.86 3.75 -7.97
C ALA A 147 9.81 5.19 -7.50
N ILE A 148 9.03 6.02 -8.20
CA ILE A 148 8.88 7.42 -7.83
C ILE A 148 8.25 7.52 -6.44
N TYR A 149 7.29 6.64 -6.18
CA TYR A 149 6.62 6.60 -4.90
C TYR A 149 7.59 6.13 -3.82
N MET A 150 8.34 5.08 -4.13
CA MET A 150 9.33 4.51 -3.21
C MET A 150 10.38 5.55 -2.88
N ALA A 151 10.82 6.30 -3.89
CA ALA A 151 11.83 7.33 -3.70
C ALA A 151 11.30 8.42 -2.78
N SER A 152 10.04 8.78 -2.96
CA SER A 152 9.40 9.79 -2.13
C SER A 152 9.33 9.31 -0.68
N GLN A 153 8.98 8.05 -0.51
CA GLN A 153 8.87 7.43 0.81
C GLN A 153 10.19 7.52 1.56
N ALA A 154 11.27 7.11 0.90
CA ALA A 154 12.59 7.12 1.50
C ALA A 154 13.16 8.53 1.65
N SER A 155 12.45 9.51 1.12
CA SER A 155 12.89 10.91 1.21
C SER A 155 12.00 11.71 2.15
N ALA A 156 11.21 10.99 2.95
CA ALA A 156 10.30 11.59 3.93
C ALA A 156 9.24 12.46 3.24
N GLU A 157 8.83 12.07 2.05
CA GLU A 157 7.81 12.79 1.31
C GLU A 157 6.50 12.01 1.38
N LYS A 158 5.51 12.57 2.06
CA LYS A 158 4.23 11.91 2.23
C LYS A 158 3.32 12.15 1.03
N ARG A 159 3.43 11.30 0.03
CA ARG A 159 2.62 11.41 -1.17
C ARG A 159 1.61 10.28 -1.20
N THR A 160 0.55 10.44 -1.98
CA THR A 160 -0.46 9.42 -2.08
C THR A 160 -0.42 8.75 -3.45
N GLN A 161 -1.13 7.62 -3.59
CA GLN A 161 -1.15 6.89 -4.86
C GLN A 161 -2.07 7.57 -5.87
N LYS A 162 -2.97 8.40 -5.35
CA LYS A 162 -3.92 9.13 -6.17
C LYS A 162 -3.21 9.95 -7.25
N GLU A 163 -2.14 10.63 -6.86
CA GLU A 163 -1.37 11.46 -7.78
C GLU A 163 -0.89 10.67 -8.99
N ILE A 164 -0.33 9.50 -8.74
CA ILE A 164 0.20 8.66 -9.82
C ILE A 164 -0.93 7.98 -10.59
N GLY A 165 -2.03 7.70 -9.91
CA GLY A 165 -3.15 7.06 -10.56
C GLY A 165 -3.94 7.98 -11.46
N ASP A 166 -4.32 9.15 -10.95
CA ASP A 166 -5.12 10.10 -11.71
C ASP A 166 -4.28 11.15 -12.43
N ILE A 167 -3.56 11.97 -11.66
CA ILE A 167 -2.74 13.04 -12.23
C ILE A 167 -1.73 12.52 -13.25
N ALA A 168 -0.94 11.53 -12.85
CA ALA A 168 0.06 10.96 -13.75
C ALA A 168 -0.62 10.20 -14.90
N GLY A 169 -1.70 9.51 -14.57
CA GLY A 169 -2.43 8.76 -15.58
C GLY A 169 -1.75 7.46 -15.97
N VAL A 170 -1.00 6.90 -15.04
CA VAL A 170 -0.29 5.65 -15.29
C VAL A 170 -1.18 4.47 -14.93
N ALA A 171 -1.19 4.14 -13.64
CA ALA A 171 -2.00 3.04 -13.13
C ALA A 171 -1.80 2.94 -11.62
N ASP A 172 -2.85 3.23 -10.86
CA ASP A 172 -2.79 3.19 -9.41
C ASP A 172 -2.42 1.81 -8.87
N VAL A 173 -3.20 0.80 -9.23
CA VAL A 173 -2.96 -0.56 -8.75
C VAL A 173 -1.61 -1.11 -9.26
N THR A 174 -1.07 -0.49 -10.30
CA THR A 174 0.21 -0.91 -10.85
C THR A 174 1.34 -0.69 -9.84
N ILE A 175 1.18 0.33 -9.01
CA ILE A 175 2.17 0.63 -7.98
C ILE A 175 2.21 -0.50 -6.96
N ARG A 176 1.03 -0.97 -6.59
CA ARG A 176 0.90 -2.06 -5.63
C ARG A 176 1.44 -3.36 -6.22
N GLN A 177 1.23 -3.54 -7.53
CA GLN A 177 1.69 -4.73 -8.23
C GLN A 177 3.21 -4.75 -8.28
N SER A 178 3.81 -3.59 -8.53
CA SER A 178 5.26 -3.49 -8.59
C SER A 178 5.85 -3.62 -7.19
N TYR A 179 5.24 -2.92 -6.23
CA TYR A 179 5.66 -2.97 -4.84
C TYR A 179 5.08 -4.22 -4.16
N ARG A 180 5.22 -5.36 -4.82
CA ARG A 180 4.69 -6.61 -4.31
C ARG A 180 5.82 -7.57 -3.97
N LEU A 181 6.38 -8.21 -4.99
CA LEU A 181 7.47 -9.16 -4.81
C LEU A 181 8.79 -8.53 -5.24
N ILE A 182 8.83 -7.21 -5.22
CA ILE A 182 10.00 -6.46 -5.62
C ILE A 182 11.06 -6.49 -4.51
N TYR A 183 10.63 -6.81 -3.29
CA TYR A 183 11.54 -6.87 -2.16
C TYR A 183 11.59 -8.29 -1.61
N PRO A 184 12.79 -8.89 -1.56
CA PRO A 184 12.98 -10.25 -1.06
C PRO A 184 12.84 -10.34 0.46
N ARG A 185 13.30 -9.30 1.15
CA ARG A 185 13.23 -9.24 2.60
C ARG A 185 13.34 -7.79 3.07
N ALA A 186 14.07 -7.01 2.30
CA ALA A 186 14.26 -5.60 2.59
C ALA A 186 14.23 -4.82 1.28
N PRO A 187 14.10 -3.48 1.32
CA PRO A 187 14.10 -2.65 0.12
C PRO A 187 15.47 -2.60 -0.56
N ASP A 188 15.91 -3.75 -1.05
CA ASP A 188 17.21 -3.86 -1.71
C ASP A 188 17.14 -3.33 -3.15
N LEU A 189 16.53 -2.17 -3.29
CA LEU A 189 16.38 -1.54 -4.60
C LEU A 189 17.32 -0.34 -4.72
N PHE A 190 18.23 -0.23 -3.76
CA PHE A 190 19.18 0.87 -3.75
C PHE A 190 20.50 0.41 -4.34
N PRO A 191 20.95 1.07 -5.42
CA PRO A 191 22.20 0.73 -6.09
C PRO A 191 23.43 1.10 -5.26
N THR A 192 23.68 2.40 -5.14
CA THR A 192 24.82 2.91 -4.38
C THR A 192 24.63 4.39 -4.04
N ASP A 193 24.07 5.12 -4.98
CA ASP A 193 23.82 6.55 -4.83
C ASP A 193 22.74 6.83 -3.80
N PHE A 194 21.90 5.85 -3.52
CA PHE A 194 20.83 6.01 -2.55
C PHE A 194 21.39 5.88 -1.13
N LYS A 195 21.61 7.01 -0.48
CA LYS A 195 22.15 7.04 0.87
C LYS A 195 21.06 6.72 1.90
N PHE A 196 19.80 6.73 1.45
CA PHE A 196 18.65 6.44 2.31
C PHE A 196 18.43 7.58 3.31
N ASP A 197 17.55 8.51 2.96
CA ASP A 197 17.26 9.66 3.82
C ASP A 197 16.62 9.20 5.13
N THR A 198 15.56 8.41 5.02
CA THR A 198 14.87 7.89 6.19
C THR A 198 15.56 6.62 6.68
N PRO A 199 16.30 6.69 7.79
CA PRO A 199 17.03 5.55 8.35
C PRO A 199 16.19 4.72 9.30
N VAL A 200 15.09 4.18 8.80
CA VAL A 200 14.20 3.37 9.63
C VAL A 200 14.57 1.89 9.54
N ASP A 201 15.23 1.52 8.44
CA ASP A 201 15.66 0.14 8.19
C ASP A 201 14.45 -0.77 7.95
N LYS A 202 13.74 -1.09 9.01
CA LYS A 202 12.55 -1.91 8.92
C LYS A 202 11.41 -1.09 8.34
N LEU A 203 11.24 -1.17 7.03
CA LEU A 203 10.19 -0.41 6.35
C LEU A 203 9.26 -1.33 5.56
N PRO A 204 8.36 -2.02 6.24
CA PRO A 204 7.39 -2.91 5.61
C PRO A 204 6.02 -2.24 5.43
N GLN A 205 5.36 -2.58 4.31
CA GLN A 205 4.03 -2.04 3.97
C GLN A 205 4.13 -0.61 3.46
N LEU A 206 4.68 -0.48 2.25
CA LEU A 206 4.86 0.82 1.59
C LEU A 206 5.98 1.60 2.25
N TYR B 1 -11.96 -19.86 -7.50
CA TYR B 1 -10.53 -19.73 -7.18
C TYR B 1 -10.23 -18.38 -6.54
N GLY B 2 -11.01 -17.37 -6.92
CA GLY B 2 -10.82 -16.04 -6.37
C GLY B 2 -10.99 -16.00 -4.87
N ALA B 3 -11.99 -16.71 -4.36
CA ALA B 3 -12.26 -16.73 -2.92
C ALA B 3 -11.17 -17.46 -2.14
N LEU B 4 -10.33 -18.19 -2.84
CA LEU B 4 -9.23 -18.92 -2.21
C LEU B 4 -8.13 -17.95 -1.78
N ASP B 5 -8.11 -16.81 -2.45
CA ASP B 5 -7.13 -15.77 -2.16
C ASP B 5 -7.56 -14.94 -0.96
N MET B 6 -6.96 -15.21 0.19
CA MET B 6 -7.28 -14.48 1.42
C MET B 6 -6.01 -14.22 2.23
N ALA B 7 -5.23 -15.27 2.44
CA ALA B 7 -4.01 -15.18 3.22
C ALA B 7 -2.86 -14.55 2.44
N ASP B 8 -3.08 -14.30 1.17
CA ASP B 8 -2.03 -13.71 0.33
C ASP B 8 -1.60 -12.34 0.85
N PHE B 9 -2.53 -11.61 1.45
CA PHE B 9 -2.21 -10.29 2.00
C PHE B 9 -1.88 -10.40 3.49
N GLU B 10 -2.11 -11.57 4.06
CA GLU B 10 -1.80 -11.79 5.48
C GLU B 10 -0.32 -11.57 5.73
N PHE B 11 0.48 -12.05 4.80
CA PHE B 11 1.94 -11.92 4.89
C PHE B 11 2.36 -10.48 4.65
N GLU B 12 1.45 -9.68 4.12
CA GLU B 12 1.70 -8.28 3.85
C GLU B 12 1.12 -7.41 4.96
N GLN B 13 0.67 -8.06 6.02
CA GLN B 13 0.11 -7.34 7.16
C GLN B 13 0.76 -7.81 8.45
N MET B 14 0.85 -9.13 8.62
CA MET B 14 1.44 -9.68 9.83
C MET B 14 2.91 -10.00 9.61
N PHE B 15 3.20 -10.82 8.60
CA PHE B 15 4.57 -11.24 8.28
C PHE B 15 5.46 -10.05 7.94
N THR B 16 4.86 -8.99 7.42
CA THR B 16 5.62 -7.79 7.04
C THR B 16 6.45 -7.26 8.21
N ASP B 17 5.80 -7.12 9.36
CA ASP B 17 6.48 -6.61 10.54
C ASP B 17 7.16 -7.73 11.31
N ALA B 18 6.57 -8.92 11.24
CA ALA B 18 7.13 -10.08 11.94
C ALA B 18 8.49 -10.46 11.37
N LEU B 19 8.59 -10.51 10.05
CA LEU B 19 9.84 -10.85 9.38
C LEU B 19 10.73 -9.62 9.29
N GLY B 20 10.10 -8.44 9.28
CA GLY B 20 10.85 -7.20 9.20
C GLY B 20 11.73 -6.98 10.41
N ILE B 21 11.32 -7.55 11.55
CA ILE B 21 12.09 -7.41 12.77
C ILE B 21 13.04 -8.60 12.96
N ASP B 22 13.01 -9.54 12.02
CA ASP B 22 13.87 -10.71 12.08
C ASP B 22 15.33 -10.31 11.84
N GLU B 23 15.54 -9.55 10.77
CA GLU B 23 16.88 -9.07 10.42
C GLU B 23 17.31 -7.92 11.32
N TYR B 24 16.39 -7.45 12.15
CA TYR B 24 16.68 -6.35 13.06
C TYR B 24 16.46 -6.79 14.50
N GLY B 25 16.56 -8.10 14.73
CA GLY B 25 16.37 -8.63 16.07
C GLY B 25 17.60 -8.47 16.93
N GLY B 26 17.90 -7.23 17.27
CA GLY B 26 19.06 -6.93 18.10
C GLY B 26 18.94 -5.57 18.74
N SER A 1 -29.49 -5.86 17.91
CA SER A 1 -28.04 -5.78 17.66
C SER A 1 -27.36 -4.96 18.76
N ARG A 2 -26.05 -5.10 18.86
CA ARG A 2 -25.28 -4.38 19.86
C ARG A 2 -23.86 -4.12 19.36
N ALA A 3 -23.17 -5.20 19.00
CA ALA A 3 -21.80 -5.10 18.50
C ALA A 3 -21.75 -4.27 17.23
N MET A 4 -22.81 -4.37 16.42
CA MET A 4 -22.91 -3.63 15.18
C MET A 4 -22.80 -2.13 15.42
N MET A 5 -23.46 -1.67 16.47
CA MET A 5 -23.46 -0.25 16.82
C MET A 5 -22.09 0.17 17.33
N ASN A 6 -21.48 -0.67 18.16
CA ASN A 6 -20.16 -0.39 18.72
C ASN A 6 -19.10 -0.36 17.62
N ALA A 7 -19.20 -1.30 16.69
CA ALA A 7 -18.26 -1.39 15.59
C ALA A 7 -18.26 -0.10 14.76
N PHE A 8 -19.45 0.44 14.51
CA PHE A 8 -19.58 1.67 13.74
C PHE A 8 -18.94 2.82 14.49
N LYS A 9 -19.10 2.82 15.80
CA LYS A 9 -18.53 3.87 16.64
C LYS A 9 -17.00 3.80 16.60
N GLU A 10 -16.48 2.58 16.56
CA GLU A 10 -15.04 2.36 16.53
C GLU A 10 -14.45 2.88 15.23
N ILE A 11 -15.25 2.85 14.16
CA ILE A 11 -14.82 3.36 12.87
C ILE A 11 -14.50 4.85 13.01
N THR A 12 -15.28 5.53 13.82
CA THR A 12 -15.09 6.95 14.06
C THR A 12 -13.83 7.18 14.89
N THR A 13 -13.63 6.32 15.90
CA THR A 13 -12.46 6.42 16.76
C THR A 13 -11.17 6.24 15.98
N MET A 14 -11.14 5.20 15.15
CA MET A 14 -9.96 4.89 14.35
C MET A 14 -9.68 6.00 13.34
N ALA A 15 -10.70 6.38 12.57
CA ALA A 15 -10.56 7.42 11.56
C ALA A 15 -10.14 8.76 12.16
N ASP A 16 -10.66 9.06 13.35
CA ASP A 16 -10.32 10.31 14.02
C ASP A 16 -8.84 10.39 14.35
N ARG A 17 -8.27 9.28 14.80
CA ARG A 17 -6.85 9.24 15.15
C ARG A 17 -5.97 9.41 13.92
N ILE A 18 -6.43 8.88 12.79
CA ILE A 18 -5.69 9.00 11.54
C ILE A 18 -5.97 10.35 10.90
N ASN A 19 -6.88 11.11 11.53
CA ASN A 19 -7.28 12.44 11.07
C ASN A 19 -7.98 12.37 9.72
N LEU A 20 -8.72 11.28 9.51
CA LEU A 20 -9.45 11.07 8.28
C LEU A 20 -10.78 11.80 8.33
N PRO A 21 -11.17 12.45 7.21
CA PRO A 21 -12.44 13.19 7.14
C PRO A 21 -13.64 12.25 7.19
N ARG A 22 -14.83 12.83 7.36
CA ARG A 22 -16.07 12.05 7.45
C ARG A 22 -16.29 11.25 6.17
N ASN A 23 -15.69 11.73 5.08
CA ASN A 23 -15.80 11.08 3.78
C ASN A 23 -15.26 9.65 3.87
N ILE A 24 -14.14 9.50 4.56
CA ILE A 24 -13.51 8.20 4.73
C ILE A 24 -14.35 7.33 5.66
N VAL A 25 -14.84 7.93 6.74
CA VAL A 25 -15.68 7.23 7.70
C VAL A 25 -16.91 6.64 7.01
N ASP A 26 -17.51 7.45 6.15
CA ASP A 26 -18.70 7.03 5.40
C ASP A 26 -18.40 5.80 4.55
N ARG A 27 -17.31 5.85 3.81
CA ARG A 27 -16.93 4.74 2.95
C ARG A 27 -16.58 3.51 3.79
N THR A 28 -15.86 3.72 4.89
CA THR A 28 -15.47 2.64 5.78
C THR A 28 -16.71 1.96 6.35
N ASN A 29 -17.69 2.76 6.77
CA ASN A 29 -18.94 2.21 7.32
C ASN A 29 -19.67 1.40 6.26
N ASN A 30 -19.61 1.87 5.01
CA ASN A 30 -20.26 1.18 3.89
C ASN A 30 -19.63 -0.19 3.69
N LEU A 31 -18.31 -0.25 3.74
CA LEU A 31 -17.58 -1.49 3.57
C LEU A 31 -17.80 -2.41 4.76
N PHE A 32 -17.68 -1.84 5.96
CA PHE A 32 -17.85 -2.58 7.20
C PHE A 32 -19.24 -3.21 7.27
N LYS A 33 -20.26 -2.46 6.89
CA LYS A 33 -21.64 -2.94 6.92
C LYS A 33 -21.82 -4.19 6.06
N GLN A 34 -21.10 -4.23 4.94
CA GLN A 34 -21.20 -5.36 4.02
C GLN A 34 -20.39 -6.55 4.52
N VAL A 35 -19.20 -6.30 5.04
CA VAL A 35 -18.33 -7.38 5.52
C VAL A 35 -18.80 -7.92 6.88
N TYR A 36 -19.46 -7.08 7.67
CA TYR A 36 -19.96 -7.48 8.98
C TYR A 36 -21.00 -8.59 8.85
N GLU A 37 -21.85 -8.47 7.84
CA GLU A 37 -22.90 -9.46 7.61
C GLU A 37 -22.44 -10.54 6.64
N GLN A 38 -21.16 -10.49 6.28
CA GLN A 38 -20.59 -11.45 5.35
C GLN A 38 -20.26 -12.75 6.09
N LYS A 39 -20.81 -13.85 5.60
CA LYS A 39 -20.57 -15.15 6.23
C LYS A 39 -19.31 -15.80 5.67
N SER A 40 -18.57 -15.05 4.86
CA SER A 40 -17.33 -15.54 4.28
C SER A 40 -16.23 -15.55 5.34
N LEU A 41 -16.47 -14.89 6.46
CA LEU A 41 -15.51 -14.80 7.54
C LEU A 41 -16.22 -14.98 8.88
N LYS A 42 -15.46 -15.37 9.90
CA LYS A 42 -16.03 -15.56 11.22
C LYS A 42 -15.65 -14.40 12.13
N GLY A 43 -14.84 -13.49 11.59
CA GLY A 43 -14.40 -12.34 12.36
C GLY A 43 -13.31 -12.71 13.34
N ARG A 44 -12.07 -12.75 12.86
CA ARG A 44 -10.94 -13.11 13.71
C ARG A 44 -10.63 -11.99 14.70
N ALA A 45 -10.89 -10.75 14.28
CA ALA A 45 -10.63 -9.59 15.12
C ALA A 45 -11.74 -8.56 14.94
N ASN A 46 -11.58 -7.40 15.57
CA ASN A 46 -12.58 -6.34 15.49
C ASN A 46 -12.02 -5.13 14.72
N ASP A 47 -11.09 -4.41 15.35
CA ASP A 47 -10.49 -3.23 14.75
C ASP A 47 -9.67 -3.57 13.50
N ALA A 48 -9.29 -4.83 13.38
CA ALA A 48 -8.52 -5.27 12.22
C ALA A 48 -9.38 -5.20 10.96
N ILE A 49 -10.70 -5.34 11.13
CA ILE A 49 -11.63 -5.29 10.01
C ILE A 49 -11.68 -3.87 9.46
N ALA A 50 -11.69 -2.90 10.36
CA ALA A 50 -11.71 -1.50 9.98
C ALA A 50 -10.40 -1.13 9.30
N SER A 51 -9.32 -1.72 9.80
CA SER A 51 -8.00 -1.50 9.24
C SER A 51 -7.92 -2.04 7.82
N ALA A 52 -8.61 -3.16 7.58
CA ALA A 52 -8.65 -3.77 6.27
C ALA A 52 -9.38 -2.87 5.28
N CYS A 53 -10.38 -2.16 5.79
CA CYS A 53 -11.15 -1.24 4.97
C CYS A 53 -10.28 -0.06 4.55
N LEU A 54 -9.37 0.33 5.43
CA LEU A 54 -8.46 1.43 5.15
C LEU A 54 -7.44 1.00 4.09
N TYR A 55 -7.03 -0.27 4.17
CA TYR A 55 -6.08 -0.83 3.21
C TYR A 55 -6.62 -0.70 1.79
N ILE A 56 -7.94 -0.79 1.65
CA ILE A 56 -8.59 -0.68 0.36
C ILE A 56 -8.30 0.68 -0.27
N ALA A 57 -8.30 1.71 0.55
CA ALA A 57 -8.02 3.07 0.08
C ALA A 57 -6.53 3.31 -0.03
N CYS A 58 -5.76 2.68 0.86
CA CYS A 58 -4.31 2.83 0.86
C CYS A 58 -3.67 2.21 -0.38
N ARG A 59 -4.34 1.21 -0.96
CA ARG A 59 -3.82 0.57 -2.16
C ARG A 59 -4.25 1.34 -3.39
N GLN A 60 -4.82 2.51 -3.16
CA GLN A 60 -5.31 3.36 -4.24
C GLN A 60 -4.65 4.74 -4.17
N GLU A 61 -5.32 5.69 -3.52
CA GLU A 61 -4.79 7.04 -3.39
C GLU A 61 -4.72 7.47 -1.93
N GLY A 62 -5.47 6.79 -1.08
CA GLY A 62 -5.49 7.12 0.34
C GLY A 62 -4.34 6.48 1.10
N VAL A 63 -3.14 6.68 0.60
CA VAL A 63 -1.95 6.14 1.23
C VAL A 63 -1.06 7.26 1.73
N PRO A 64 -0.73 7.25 3.03
CA PRO A 64 0.12 8.26 3.66
C PRO A 64 1.61 8.06 3.35
N ARG A 65 1.93 7.88 2.06
CA ARG A 65 3.31 7.69 1.59
C ARG A 65 3.83 6.29 1.93
N THR A 66 3.58 5.84 3.14
CA THR A 66 4.03 4.55 3.59
C THR A 66 2.96 3.84 4.39
N PHE A 67 3.01 2.52 4.39
CA PHE A 67 2.05 1.72 5.13
C PHE A 67 2.58 1.51 6.54
N LYS A 68 3.84 1.90 6.76
CA LYS A 68 4.47 1.75 8.08
C LYS A 68 3.76 2.62 9.10
N GLU A 69 3.29 3.78 8.66
CA GLU A 69 2.57 4.70 9.54
C GLU A 69 1.24 4.07 9.95
N ILE A 70 0.71 3.22 9.08
CA ILE A 70 -0.54 2.54 9.32
C ILE A 70 -0.32 1.27 10.16
N CYS A 71 0.92 0.80 10.17
CA CYS A 71 1.27 -0.40 10.94
C CYS A 71 1.13 -0.14 12.43
N ALA A 72 0.98 1.13 12.79
CA ALA A 72 0.81 1.52 14.18
C ALA A 72 -0.50 0.97 14.73
N VAL A 73 -1.48 0.77 13.85
CA VAL A 73 -2.77 0.24 14.26
C VAL A 73 -2.74 -1.29 14.30
N SER A 74 -1.64 -1.87 13.82
CA SER A 74 -1.48 -3.31 13.80
C SER A 74 -1.06 -3.80 15.19
N ARG A 75 -1.91 -3.55 16.17
CA ARG A 75 -1.64 -3.94 17.55
C ARG A 75 -2.17 -5.35 17.83
N ILE A 76 -2.94 -5.87 16.90
CA ILE A 76 -3.50 -7.20 17.05
C ILE A 76 -3.86 -7.77 15.68
N SER A 77 -3.34 -8.96 15.39
CA SER A 77 -3.59 -9.65 14.13
C SER A 77 -3.21 -8.78 12.92
N LYS A 78 -1.90 -8.59 12.74
CA LYS A 78 -1.37 -7.81 11.62
C LYS A 78 -1.76 -8.43 10.29
N LYS A 79 -2.03 -9.73 10.33
CA LYS A 79 -2.41 -10.49 9.15
C LYS A 79 -3.86 -10.24 8.75
N GLU A 80 -4.73 -9.95 9.73
CA GLU A 80 -6.15 -9.73 9.46
C GLU A 80 -6.37 -8.50 8.59
N ILE A 81 -5.44 -7.55 8.68
CA ILE A 81 -5.52 -6.33 7.90
C ILE A 81 -5.40 -6.64 6.41
N GLY A 82 -4.83 -7.80 6.11
CA GLY A 82 -4.68 -8.22 4.73
C GLY A 82 -5.65 -9.34 4.40
N ARG A 83 -5.88 -10.20 5.38
CA ARG A 83 -6.78 -11.34 5.23
C ARG A 83 -8.19 -10.88 4.85
N CYS A 84 -8.83 -10.13 5.74
CA CYS A 84 -10.19 -9.65 5.50
C CYS A 84 -10.22 -8.63 4.36
N PHE A 85 -9.09 -7.95 4.15
CA PHE A 85 -8.98 -6.95 3.10
C PHE A 85 -9.15 -7.58 1.72
N LYS A 86 -8.53 -8.72 1.52
CA LYS A 86 -8.60 -9.42 0.24
C LYS A 86 -10.02 -9.83 -0.12
N LEU A 87 -10.89 -9.96 0.88
CA LEU A 87 -12.27 -10.34 0.65
C LEU A 87 -13.00 -9.23 -0.08
N ILE A 88 -12.87 -8.02 0.42
CA ILE A 88 -13.51 -6.86 -0.20
C ILE A 88 -12.74 -6.45 -1.45
N LEU A 89 -11.44 -6.66 -1.42
CA LEU A 89 -10.56 -6.32 -2.54
C LEU A 89 -10.95 -7.10 -3.79
N LYS A 90 -11.30 -8.37 -3.63
CA LYS A 90 -11.68 -9.20 -4.76
C LYS A 90 -13.13 -8.99 -5.15
N ALA A 91 -13.80 -8.08 -4.45
CA ALA A 91 -15.19 -7.78 -4.72
C ALA A 91 -15.32 -6.45 -5.47
N LEU A 92 -14.20 -5.76 -5.61
CA LEU A 92 -14.18 -4.48 -6.31
C LEU A 92 -13.06 -4.44 -7.34
N GLU A 93 -13.11 -3.44 -8.21
CA GLU A 93 -12.09 -3.29 -9.24
C GLU A 93 -11.91 -1.80 -9.58
N THR A 94 -10.92 -1.50 -10.39
CA THR A 94 -10.65 -0.13 -10.79
C THR A 94 -10.29 -0.03 -12.27
N SER A 95 -9.55 -1.03 -12.78
CA SER A 95 -9.11 -1.07 -14.18
C SER A 95 -8.18 0.10 -14.52
N VAL A 96 -7.73 0.82 -13.49
CA VAL A 96 -6.83 1.96 -13.69
C VAL A 96 -5.41 1.46 -14.02
N ASP A 97 -5.14 0.23 -13.60
CA ASP A 97 -3.85 -0.41 -13.82
C ASP A 97 -3.60 -0.64 -15.32
N LEU A 98 -4.68 -0.59 -16.10
CA LEU A 98 -4.62 -0.80 -17.54
C LEU A 98 -3.92 0.35 -18.27
N ILE A 99 -3.65 1.45 -17.57
CA ILE A 99 -2.98 2.58 -18.19
C ILE A 99 -1.47 2.40 -18.12
N THR A 100 -0.83 3.02 -17.13
CA THR A 100 0.61 2.92 -16.92
C THR A 100 1.39 3.07 -18.25
N THR A 101 1.24 4.21 -18.91
CA THR A 101 1.93 4.41 -20.18
C THR A 101 2.53 5.82 -20.31
N GLY A 102 1.84 6.82 -19.79
CA GLY A 102 2.34 8.19 -19.88
C GLY A 102 3.40 8.52 -18.85
N ASP A 103 3.63 7.59 -17.93
CA ASP A 103 4.62 7.78 -16.86
C ASP A 103 6.05 7.86 -17.42
N PHE A 104 6.20 7.47 -18.68
CA PHE A 104 7.51 7.49 -19.35
C PHE A 104 8.11 8.90 -19.37
N MET A 105 7.26 9.91 -19.23
CA MET A 105 7.72 11.29 -19.20
C MET A 105 8.47 11.54 -17.90
N SER A 106 7.87 11.11 -16.79
CA SER A 106 8.45 11.21 -15.45
C SER A 106 8.59 12.64 -14.92
N ARG A 107 8.88 13.60 -15.79
CA ARG A 107 9.06 14.99 -15.37
C ARG A 107 7.79 15.60 -14.77
N PHE A 108 6.64 15.15 -15.24
CA PHE A 108 5.37 15.69 -14.73
C PHE A 108 4.84 14.88 -13.55
N CYS A 109 5.52 13.78 -13.21
CA CYS A 109 5.09 12.95 -12.09
C CYS A 109 5.41 13.66 -10.77
N SER A 110 6.44 14.49 -10.80
CA SER A 110 6.87 15.25 -9.62
C SER A 110 6.19 16.63 -9.62
N ASN A 111 4.97 16.67 -10.15
CA ASN A 111 4.20 17.90 -10.25
C ASN A 111 3.89 18.52 -8.89
N LEU A 112 3.67 17.70 -7.87
CA LEU A 112 3.34 18.21 -6.55
C LEU A 112 4.58 18.65 -5.78
N CYS A 113 5.22 19.71 -6.28
CA CYS A 113 6.41 20.32 -5.65
C CYS A 113 7.43 19.27 -5.19
N LEU A 114 7.65 18.25 -6.02
CA LEU A 114 8.60 17.21 -5.68
C LEU A 114 9.95 17.50 -6.31
N PRO A 115 10.97 17.72 -5.48
CA PRO A 115 12.33 18.03 -5.94
C PRO A 115 12.84 16.99 -6.94
N LYS A 116 13.53 17.47 -7.96
CA LYS A 116 14.08 16.60 -9.01
C LYS A 116 15.02 15.56 -8.41
N GLN A 117 15.59 15.86 -7.26
CA GLN A 117 16.51 14.96 -6.57
C GLN A 117 15.83 13.61 -6.36
N VAL A 118 14.55 13.65 -6.00
CA VAL A 118 13.77 12.45 -5.76
C VAL A 118 13.52 11.71 -7.08
N GLN A 119 13.18 12.47 -8.11
CA GLN A 119 12.90 11.92 -9.43
C GLN A 119 14.15 11.23 -9.99
N MET A 120 15.30 11.88 -9.85
CA MET A 120 16.56 11.33 -10.32
C MET A 120 16.90 10.05 -9.59
N ALA A 121 16.81 10.10 -8.25
CA ALA A 121 17.12 8.94 -7.43
C ALA A 121 16.16 7.78 -7.73
N ALA A 122 14.90 8.12 -7.96
CA ALA A 122 13.87 7.13 -8.28
C ALA A 122 14.24 6.33 -9.51
N THR A 123 14.63 7.04 -10.57
CA THR A 123 14.99 6.40 -11.82
C THR A 123 16.20 5.47 -11.63
N HIS A 124 17.03 5.77 -10.63
CA HIS A 124 18.21 4.95 -10.35
C HIS A 124 17.78 3.62 -9.74
N ILE A 125 16.74 3.64 -8.92
CA ILE A 125 16.23 2.44 -8.29
C ILE A 125 15.53 1.57 -9.34
N ALA A 126 14.71 2.23 -10.17
CA ALA A 126 13.98 1.55 -11.24
C ALA A 126 14.94 0.89 -12.22
N ARG A 127 16.11 1.51 -12.40
CA ARG A 127 17.12 1.00 -13.30
C ARG A 127 17.55 -0.41 -12.86
N LYS A 128 18.03 -0.52 -11.63
CA LYS A 128 18.49 -1.79 -11.10
C LYS A 128 17.36 -2.81 -11.03
N ALA A 129 16.18 -2.36 -10.65
CA ALA A 129 15.01 -3.24 -10.55
C ALA A 129 14.63 -3.83 -11.90
N VAL A 130 14.72 -3.02 -12.95
CA VAL A 130 14.39 -3.46 -14.30
C VAL A 130 15.49 -4.34 -14.88
N GLU A 131 16.74 -3.94 -14.63
CA GLU A 131 17.89 -4.69 -15.14
C GLU A 131 17.94 -6.09 -14.54
N LEU A 132 17.59 -6.20 -13.27
CA LEU A 132 17.59 -7.49 -12.59
C LEU A 132 16.28 -8.24 -12.84
N ASP A 133 15.28 -7.51 -13.35
CA ASP A 133 13.96 -8.08 -13.65
C ASP A 133 13.38 -8.75 -12.40
N LEU A 134 13.19 -7.97 -11.35
CA LEU A 134 12.65 -8.50 -10.10
C LEU A 134 11.13 -8.38 -10.04
N VAL A 135 10.56 -7.53 -10.89
CA VAL A 135 9.12 -7.36 -10.89
C VAL A 135 8.57 -7.36 -12.33
N PRO A 136 8.41 -8.55 -12.91
CA PRO A 136 7.90 -8.72 -14.27
C PRO A 136 6.41 -9.01 -14.28
N GLY A 137 5.73 -8.64 -13.20
CA GLY A 137 4.30 -8.88 -13.11
C GLY A 137 3.48 -7.83 -13.83
N ARG A 138 4.16 -6.80 -14.31
CA ARG A 138 3.50 -5.72 -15.02
C ARG A 138 4.33 -5.32 -16.24
N SER A 139 5.05 -4.22 -16.13
CA SER A 139 5.88 -3.71 -17.21
C SER A 139 7.00 -2.85 -16.65
N PRO A 140 8.06 -2.58 -17.43
CA PRO A 140 9.17 -1.74 -16.97
C PRO A 140 8.73 -0.30 -16.68
N ILE A 141 7.60 0.09 -17.23
CA ILE A 141 7.05 1.43 -17.04
C ILE A 141 6.52 1.60 -15.62
N SER A 142 5.79 0.60 -15.13
CA SER A 142 5.22 0.65 -13.79
C SER A 142 6.29 0.73 -12.71
N VAL A 143 7.49 0.27 -13.05
CA VAL A 143 8.61 0.30 -12.12
C VAL A 143 9.09 1.72 -11.87
N ALA A 144 8.93 2.58 -12.87
CA ALA A 144 9.35 3.96 -12.77
C ALA A 144 8.53 4.71 -11.72
N ALA A 145 7.21 4.76 -11.93
CA ALA A 145 6.30 5.43 -11.00
C ALA A 145 6.45 4.87 -9.59
N ALA A 146 6.55 3.55 -9.50
CA ALA A 146 6.70 2.89 -8.21
C ALA A 146 7.99 3.33 -7.53
N ALA A 147 9.05 3.48 -8.31
CA ALA A 147 10.33 3.91 -7.80
C ALA A 147 10.29 5.36 -7.36
N ILE A 148 9.49 6.17 -8.05
CA ILE A 148 9.35 7.57 -7.71
C ILE A 148 8.74 7.71 -6.32
N TYR A 149 7.74 6.88 -6.04
CA TYR A 149 7.08 6.89 -4.74
C TYR A 149 8.04 6.33 -3.69
N MET A 150 8.82 5.33 -4.10
CA MET A 150 9.79 4.70 -3.22
C MET A 150 10.87 5.71 -2.82
N ALA A 151 11.33 6.49 -3.79
CA ALA A 151 12.35 7.51 -3.55
C ALA A 151 11.82 8.55 -2.57
N SER A 152 10.55 8.88 -2.71
CA SER A 152 9.90 9.85 -1.82
C SER A 152 9.93 9.32 -0.39
N GLN A 153 9.69 8.02 -0.25
CA GLN A 153 9.69 7.36 1.05
C GLN A 153 11.08 7.42 1.67
N ALA A 154 12.10 7.10 0.87
CA ALA A 154 13.48 7.10 1.33
C ALA A 154 13.97 8.52 1.66
N SER A 155 13.23 9.51 1.22
CA SER A 155 13.56 10.90 1.49
C SER A 155 12.67 11.45 2.60
N ALA A 156 11.82 10.56 3.15
CA ALA A 156 10.89 10.90 4.24
C ALA A 156 9.83 11.90 3.80
N GLU A 157 9.65 12.04 2.50
CA GLU A 157 8.66 12.97 1.97
C GLU A 157 7.31 12.28 1.77
N LYS A 158 6.25 12.93 2.20
CA LYS A 158 4.92 12.37 2.08
C LYS A 158 4.16 13.03 0.94
N ARG A 159 3.50 12.22 0.12
CA ARG A 159 2.74 12.73 -1.01
C ARG A 159 1.58 11.79 -1.31
N THR A 160 0.39 12.35 -1.49
CA THR A 160 -0.78 11.55 -1.79
C THR A 160 -0.65 10.93 -3.18
N GLN A 161 -1.06 9.68 -3.30
CA GLN A 161 -0.97 8.94 -4.56
C GLN A 161 -1.71 9.65 -5.69
N LYS A 162 -2.83 10.28 -5.37
CA LYS A 162 -3.61 10.97 -6.39
C LYS A 162 -2.92 12.25 -6.88
N GLU A 163 -1.81 12.61 -6.23
CA GLU A 163 -1.06 13.78 -6.62
C GLU A 163 0.27 13.40 -7.27
N ILE A 164 0.44 12.11 -7.56
CA ILE A 164 1.66 11.65 -8.20
C ILE A 164 1.36 10.64 -9.31
N GLY A 165 0.95 9.43 -8.96
CA GLY A 165 0.65 8.41 -9.95
C GLY A 165 -0.59 8.73 -10.74
N ASP A 166 -1.58 9.31 -10.07
CA ASP A 166 -2.84 9.68 -10.72
C ASP A 166 -2.59 10.73 -11.78
N ILE A 167 -1.82 11.76 -11.41
CA ILE A 167 -1.50 12.85 -12.32
C ILE A 167 -0.65 12.36 -13.49
N ALA A 168 0.28 11.47 -13.21
CA ALA A 168 1.17 10.92 -14.24
C ALA A 168 0.44 9.95 -15.16
N GLY A 169 -0.76 9.55 -14.76
CA GLY A 169 -1.54 8.63 -15.56
C GLY A 169 -0.94 7.23 -15.56
N VAL A 170 -0.56 6.78 -14.37
CA VAL A 170 0.02 5.45 -14.22
C VAL A 170 -1.04 4.46 -13.76
N ALA A 171 -1.02 4.17 -12.46
CA ALA A 171 -1.97 3.25 -11.85
C ALA A 171 -1.82 3.32 -10.35
N ASP A 172 -2.80 2.80 -9.62
CA ASP A 172 -2.77 2.81 -8.17
C ASP A 172 -2.30 1.46 -7.62
N VAL A 173 -2.97 0.40 -8.01
CA VAL A 173 -2.64 -0.95 -7.55
C VAL A 173 -1.31 -1.42 -8.13
N THR A 174 -0.88 -0.81 -9.23
CA THR A 174 0.38 -1.18 -9.87
C THR A 174 1.58 -0.92 -8.95
N ILE A 175 1.46 0.10 -8.09
CA ILE A 175 2.54 0.42 -7.17
C ILE A 175 2.61 -0.65 -6.08
N ARG A 176 1.44 -1.11 -5.65
CA ARG A 176 1.33 -2.14 -4.64
C ARG A 176 1.86 -3.46 -5.20
N GLN A 177 1.61 -3.68 -6.49
CA GLN A 177 2.05 -4.89 -7.17
C GLN A 177 3.57 -4.87 -7.33
N SER A 178 4.09 -3.73 -7.75
CA SER A 178 5.52 -3.56 -7.94
C SER A 178 6.27 -3.72 -6.63
N TYR A 179 5.92 -2.92 -5.62
CA TYR A 179 6.57 -3.00 -4.33
C TYR A 179 5.95 -4.10 -3.48
N ARG A 180 6.06 -5.32 -3.97
CA ARG A 180 5.53 -6.48 -3.28
C ARG A 180 6.56 -7.60 -3.30
N LEU A 181 6.92 -8.04 -4.50
CA LEU A 181 7.90 -9.11 -4.65
C LEU A 181 9.22 -8.56 -5.19
N ILE A 182 9.33 -7.24 -5.17
CA ILE A 182 10.53 -6.57 -5.67
C ILE A 182 11.64 -6.59 -4.61
N TYR A 183 11.25 -6.84 -3.36
CA TYR A 183 12.22 -6.89 -2.27
C TYR A 183 12.15 -8.23 -1.57
N PRO A 184 13.31 -8.89 -1.40
CA PRO A 184 13.38 -10.20 -0.75
C PRO A 184 13.34 -10.09 0.78
N ARG A 185 13.81 -8.96 1.29
CA ARG A 185 13.84 -8.72 2.74
C ARG A 185 13.93 -7.23 3.05
N ALA A 186 14.82 -6.55 2.36
CA ALA A 186 15.02 -5.13 2.55
C ALA A 186 15.11 -4.45 1.18
N PRO A 187 15.07 -3.10 1.12
CA PRO A 187 15.16 -2.38 -0.15
C PRO A 187 16.58 -2.40 -0.73
N ASP A 188 17.08 -3.61 -1.01
CA ASP A 188 18.42 -3.80 -1.55
C ASP A 188 18.43 -3.52 -3.06
N LEU A 189 17.50 -2.68 -3.50
CA LEU A 189 17.38 -2.31 -4.91
C LEU A 189 18.24 -1.10 -5.22
N PHE A 190 18.98 -0.63 -4.24
CA PHE A 190 19.84 0.53 -4.42
C PHE A 190 21.03 0.17 -5.32
N PRO A 191 21.27 0.98 -6.35
CA PRO A 191 22.39 0.75 -7.27
C PRO A 191 23.74 0.94 -6.61
N THR A 192 24.18 2.19 -6.47
CA THR A 192 25.45 2.51 -5.83
C THR A 192 25.47 3.96 -5.38
N ASP A 193 24.94 4.85 -6.21
CA ASP A 193 24.90 6.28 -5.91
C ASP A 193 23.78 6.65 -4.96
N PHE A 194 23.00 5.67 -4.54
CA PHE A 194 21.90 5.94 -3.63
C PHE A 194 22.43 6.16 -2.22
N LYS A 195 22.60 7.41 -1.86
CA LYS A 195 23.11 7.81 -0.56
C LYS A 195 22.23 7.29 0.58
N PHE A 196 20.93 7.20 0.32
CA PHE A 196 19.97 6.75 1.33
C PHE A 196 19.89 7.75 2.48
N ASP A 197 19.10 8.79 2.28
CA ASP A 197 18.95 9.86 3.27
C ASP A 197 18.35 9.35 4.57
N THR A 198 17.12 8.87 4.50
CA THR A 198 16.44 8.36 5.69
C THR A 198 16.73 6.87 5.87
N PRO A 199 17.47 6.50 6.92
CA PRO A 199 17.83 5.12 7.19
C PRO A 199 16.70 4.34 7.86
N VAL A 200 15.81 3.80 7.05
CA VAL A 200 14.69 3.01 7.55
C VAL A 200 15.07 1.54 7.64
N ASP A 201 16.24 1.21 7.08
CA ASP A 201 16.77 -0.15 7.06
C ASP A 201 15.82 -1.12 6.36
N LYS A 202 15.04 -1.86 7.14
CA LYS A 202 14.08 -2.80 6.59
C LYS A 202 12.79 -2.07 6.26
N LEU A 203 12.45 -2.03 4.98
CA LEU A 203 11.26 -1.34 4.54
C LEU A 203 10.30 -2.29 3.81
N PRO A 204 9.56 -3.11 4.57
CA PRO A 204 8.59 -4.04 4.03
C PRO A 204 7.16 -3.51 4.14
N GLN A 205 6.31 -3.90 3.19
CA GLN A 205 4.91 -3.46 3.18
C GLN A 205 4.81 -1.96 2.98
N LEU A 206 5.31 -1.48 1.85
CA LEU A 206 5.29 -0.05 1.51
C LEU A 206 5.93 0.79 2.60
N TYR B 1 -11.45 -21.68 -2.78
CA TYR B 1 -10.52 -20.83 -3.58
C TYR B 1 -10.53 -19.40 -3.07
N GLY B 2 -11.72 -18.89 -2.74
CA GLY B 2 -11.86 -17.53 -2.25
C GLY B 2 -11.07 -17.29 -0.98
N ALA B 3 -11.19 -18.21 -0.03
CA ALA B 3 -10.48 -18.11 1.23
C ALA B 3 -8.97 -18.18 1.02
N LEU B 4 -8.55 -18.92 0.00
CA LEU B 4 -7.14 -19.06 -0.34
C LEU B 4 -6.59 -17.73 -0.83
N ASP B 5 -7.41 -17.02 -1.60
CA ASP B 5 -7.03 -15.71 -2.16
C ASP B 5 -7.12 -14.62 -1.08
N MET B 6 -6.67 -14.95 0.11
CA MET B 6 -6.67 -14.01 1.22
C MET B 6 -5.36 -14.13 1.97
N ALA B 7 -4.69 -15.27 1.78
CA ALA B 7 -3.43 -15.55 2.44
C ALA B 7 -2.29 -14.72 1.88
N ASP B 8 -2.41 -14.28 0.63
CA ASP B 8 -1.36 -13.49 -0.01
C ASP B 8 -1.16 -12.16 0.72
N PHE B 9 -2.25 -11.53 1.13
CA PHE B 9 -2.17 -10.27 1.86
C PHE B 9 -2.08 -10.53 3.35
N GLU B 10 -2.63 -11.67 3.77
CA GLU B 10 -2.62 -12.08 5.17
C GLU B 10 -1.19 -12.31 5.66
N PHE B 11 -0.46 -13.18 4.97
CA PHE B 11 0.90 -13.50 5.35
C PHE B 11 1.84 -12.33 5.09
N GLU B 12 1.55 -11.56 4.06
CA GLU B 12 2.37 -10.41 3.68
C GLU B 12 2.43 -9.36 4.81
N GLN B 13 1.28 -8.78 5.13
CA GLN B 13 1.20 -7.75 6.16
C GLN B 13 1.72 -8.25 7.50
N MET B 14 1.65 -9.55 7.72
CA MET B 14 2.10 -10.14 8.97
C MET B 14 3.61 -10.38 8.99
N PHE B 15 4.07 -11.27 8.12
CA PHE B 15 5.48 -11.66 8.06
C PHE B 15 6.44 -10.50 7.79
N THR B 16 5.96 -9.44 7.15
CA THR B 16 6.82 -8.30 6.84
C THR B 16 7.48 -7.72 8.09
N ASP B 17 6.76 -7.73 9.20
CA ASP B 17 7.30 -7.19 10.45
C ASP B 17 7.33 -8.24 11.55
N ALA B 18 6.36 -9.15 11.53
CA ALA B 18 6.30 -10.21 12.54
C ALA B 18 7.48 -11.16 12.36
N LEU B 19 7.78 -11.48 11.11
CA LEU B 19 8.90 -12.36 10.81
C LEU B 19 10.12 -11.52 10.50
N GLY B 20 9.88 -10.34 9.94
CA GLY B 20 10.95 -9.42 9.60
C GLY B 20 11.47 -8.69 10.82
N ILE B 21 11.36 -9.32 11.98
CA ILE B 21 11.86 -8.74 13.22
C ILE B 21 13.17 -9.42 13.58
N ASP B 22 13.45 -10.52 12.88
CA ASP B 22 14.66 -11.30 13.09
C ASP B 22 15.67 -11.00 11.99
N GLU B 23 15.20 -10.32 10.95
CA GLU B 23 16.05 -9.98 9.82
C GLU B 23 16.11 -8.46 9.64
N TYR B 24 17.31 -7.93 9.76
CA TYR B 24 17.54 -6.49 9.61
C TYR B 24 18.92 -6.27 9.00
N GLY B 25 19.13 -5.10 8.44
CA GLY B 25 20.41 -4.79 7.83
C GLY B 25 20.29 -4.45 6.36
N GLY B 26 19.76 -3.27 6.07
CA GLY B 26 19.60 -2.84 4.71
C GLY B 26 20.70 -1.89 4.29
N SER A 1 -26.26 -5.51 16.20
CA SER A 1 -24.87 -5.17 15.88
C SER A 1 -24.29 -4.21 16.92
N ARG A 2 -22.99 -4.32 17.16
CA ARG A 2 -22.30 -3.45 18.10
C ARG A 2 -20.84 -3.28 17.68
N ALA A 3 -20.20 -4.40 17.38
CA ALA A 3 -18.80 -4.39 16.96
C ALA A 3 -18.63 -3.62 15.66
N MET A 4 -19.63 -3.71 14.79
CA MET A 4 -19.60 -3.01 13.50
C MET A 4 -19.53 -1.50 13.73
N MET A 5 -20.36 -1.00 14.63
CA MET A 5 -20.41 0.42 14.94
C MET A 5 -19.11 0.85 15.60
N ASN A 6 -18.60 0.01 16.50
CA ASN A 6 -17.36 0.30 17.19
C ASN A 6 -16.19 0.40 16.21
N ALA A 7 -16.19 -0.50 15.23
CA ALA A 7 -15.14 -0.52 14.22
C ALA A 7 -15.14 0.78 13.42
N PHE A 8 -16.33 1.23 13.01
CA PHE A 8 -16.45 2.47 12.25
C PHE A 8 -15.93 3.65 13.05
N LYS A 9 -16.17 3.63 14.35
CA LYS A 9 -15.71 4.70 15.23
C LYS A 9 -14.18 4.69 15.28
N GLU A 10 -13.61 3.49 15.43
CA GLU A 10 -12.16 3.33 15.47
C GLU A 10 -11.55 3.86 14.18
N ILE A 11 -12.18 3.55 13.06
CA ILE A 11 -11.71 4.00 11.76
C ILE A 11 -11.69 5.53 11.71
N THR A 12 -12.77 6.14 12.19
CA THR A 12 -12.88 7.59 12.21
C THR A 12 -11.77 8.21 13.05
N THR A 13 -11.54 7.64 14.23
CA THR A 13 -10.50 8.13 15.13
C THR A 13 -9.11 7.92 14.53
N MET A 14 -8.91 6.78 13.88
CA MET A 14 -7.63 6.46 13.26
C MET A 14 -7.34 7.41 12.10
N ALA A 15 -8.39 7.79 11.38
CA ALA A 15 -8.26 8.69 10.25
C ALA A 15 -7.58 10.00 10.64
N ASP A 16 -8.03 10.58 11.75
CA ASP A 16 -7.46 11.83 12.23
C ASP A 16 -5.99 11.67 12.58
N ARG A 17 -5.65 10.50 13.11
CA ARG A 17 -4.27 10.21 13.51
C ARG A 17 -3.36 10.01 12.30
N ILE A 18 -3.85 9.30 11.29
CA ILE A 18 -3.06 9.05 10.08
C ILE A 18 -3.08 10.28 9.15
N ASN A 19 -3.91 11.26 9.51
CA ASN A 19 -4.07 12.50 8.74
C ASN A 19 -4.90 12.25 7.48
N LEU A 20 -5.82 11.29 7.59
CA LEU A 20 -6.68 10.91 6.49
C LEU A 20 -7.91 11.83 6.46
N PRO A 21 -8.25 12.37 5.29
CA PRO A 21 -9.42 13.24 5.12
C PRO A 21 -10.74 12.50 5.36
N ARG A 22 -11.83 13.26 5.45
CA ARG A 22 -13.15 12.69 5.69
C ARG A 22 -13.55 11.71 4.57
N ASN A 23 -12.95 11.91 3.40
CA ASN A 23 -13.23 11.05 2.25
C ASN A 23 -12.86 9.60 2.56
N ILE A 24 -11.85 9.42 3.39
CA ILE A 24 -11.40 8.10 3.78
C ILE A 24 -12.44 7.43 4.66
N VAL A 25 -13.01 8.21 5.57
CA VAL A 25 -14.04 7.71 6.46
C VAL A 25 -15.25 7.28 5.65
N ASP A 26 -15.63 8.14 4.71
CA ASP A 26 -16.78 7.88 3.83
C ASP A 26 -16.56 6.58 3.04
N ARG A 27 -15.36 6.44 2.49
CA ARG A 27 -15.01 5.25 1.71
C ARG A 27 -15.07 3.99 2.57
N THR A 28 -14.36 4.01 3.69
CA THR A 28 -14.31 2.87 4.59
C THR A 28 -15.70 2.53 5.16
N ASN A 29 -16.49 3.55 5.45
CA ASN A 29 -17.83 3.36 5.99
C ASN A 29 -18.71 2.54 5.04
N ASN A 30 -18.30 2.47 3.79
CA ASN A 30 -19.05 1.71 2.79
C ASN A 30 -18.33 0.42 2.43
N LEU A 31 -17.04 0.54 2.13
CA LEU A 31 -16.24 -0.62 1.74
C LEU A 31 -16.07 -1.62 2.88
N PHE A 32 -15.78 -1.12 4.08
CA PHE A 32 -15.61 -1.99 5.24
C PHE A 32 -16.94 -2.64 5.60
N LYS A 33 -18.03 -1.93 5.33
CA LYS A 33 -19.37 -2.43 5.61
C LYS A 33 -19.65 -3.67 4.77
N GLN A 34 -19.28 -3.61 3.50
CA GLN A 34 -19.49 -4.73 2.58
C GLN A 34 -18.61 -5.93 2.93
N VAL A 35 -17.40 -5.66 3.41
CA VAL A 35 -16.48 -6.73 3.76
C VAL A 35 -16.81 -7.30 5.15
N TYR A 36 -17.40 -6.48 6.00
CA TYR A 36 -17.78 -6.90 7.35
C TYR A 36 -18.96 -7.87 7.29
N GLU A 37 -19.82 -7.67 6.31
CA GLU A 37 -20.98 -8.53 6.13
C GLU A 37 -20.72 -9.54 5.02
N GLN A 38 -19.46 -9.77 4.72
CA GLN A 38 -19.06 -10.72 3.68
C GLN A 38 -19.07 -12.13 4.24
N LYS A 39 -19.30 -13.11 3.38
CA LYS A 39 -19.33 -14.50 3.78
C LYS A 39 -17.96 -14.99 4.23
N SER A 40 -16.92 -14.45 3.60
CA SER A 40 -15.55 -14.82 3.90
C SER A 40 -15.09 -14.29 5.26
N LEU A 41 -15.72 -13.22 5.73
CA LEU A 41 -15.33 -12.63 7.00
C LEU A 41 -16.43 -12.80 8.04
N LYS A 42 -16.29 -13.80 8.88
CA LYS A 42 -17.27 -14.08 9.93
C LYS A 42 -16.96 -13.28 11.18
N GLY A 43 -15.88 -12.49 11.14
CA GLY A 43 -15.50 -11.69 12.28
C GLY A 43 -14.44 -12.36 13.12
N ARG A 44 -13.42 -11.61 13.50
CA ARG A 44 -12.32 -12.13 14.32
C ARG A 44 -11.47 -10.98 14.84
N ALA A 45 -10.53 -10.52 14.02
CA ALA A 45 -9.66 -9.42 14.40
C ALA A 45 -10.09 -8.16 13.67
N ASN A 46 -11.05 -7.45 14.25
CA ASN A 46 -11.56 -6.23 13.65
C ASN A 46 -10.47 -5.18 13.50
N ASP A 47 -9.58 -5.12 14.49
CA ASP A 47 -8.48 -4.17 14.48
C ASP A 47 -7.58 -4.40 13.28
N ALA A 48 -7.38 -5.67 12.94
CA ALA A 48 -6.53 -6.05 11.82
C ALA A 48 -7.26 -5.87 10.48
N ILE A 49 -8.54 -6.23 10.47
CA ILE A 49 -9.34 -6.09 9.25
C ILE A 49 -9.52 -4.61 8.90
N ALA A 50 -9.73 -3.79 9.93
CA ALA A 50 -9.93 -2.36 9.74
C ALA A 50 -8.70 -1.71 9.13
N SER A 51 -7.52 -2.04 9.63
CA SER A 51 -6.29 -1.46 9.12
C SER A 51 -6.04 -1.90 7.68
N ALA A 52 -6.32 -3.17 7.39
CA ALA A 52 -6.15 -3.71 6.05
C ALA A 52 -7.10 -3.02 5.07
N CYS A 53 -8.38 -2.93 5.44
CA CYS A 53 -9.38 -2.30 4.60
C CYS A 53 -9.06 -0.82 4.40
N LEU A 54 -8.63 -0.17 5.49
CA LEU A 54 -8.30 1.25 5.46
C LEU A 54 -7.24 1.56 4.40
N TYR A 55 -6.16 0.79 4.41
CA TYR A 55 -5.06 0.99 3.48
C TYR A 55 -5.49 0.78 2.03
N ILE A 56 -6.39 -0.17 1.81
CA ILE A 56 -6.87 -0.47 0.47
C ILE A 56 -7.97 0.51 0.05
N ALA A 57 -8.75 0.96 1.01
CA ALA A 57 -9.84 1.90 0.74
C ALA A 57 -9.33 3.25 0.27
N CYS A 58 -8.28 3.74 0.90
CA CYS A 58 -7.72 5.05 0.55
C CYS A 58 -6.51 4.91 -0.36
N ARG A 59 -6.26 3.69 -0.85
CA ARG A 59 -5.10 3.41 -1.72
C ARG A 59 -5.07 4.35 -2.92
N GLN A 60 -6.24 4.70 -3.43
CA GLN A 60 -6.33 5.59 -4.58
C GLN A 60 -6.11 7.03 -4.17
N GLU A 61 -7.04 7.55 -3.39
CA GLU A 61 -6.97 8.92 -2.93
C GLU A 61 -7.12 8.98 -1.41
N GLY A 62 -6.10 9.52 -0.76
CA GLY A 62 -6.15 9.65 0.67
C GLY A 62 -4.94 9.04 1.37
N VAL A 63 -4.46 7.91 0.87
CA VAL A 63 -3.32 7.22 1.46
C VAL A 63 -2.07 8.11 1.48
N PRO A 64 -1.62 8.48 2.69
CA PRO A 64 -0.46 9.31 2.88
C PRO A 64 0.79 8.49 3.22
N ARG A 65 1.80 8.59 2.35
CA ARG A 65 3.06 7.88 2.53
C ARG A 65 2.90 6.38 2.24
N THR A 66 2.33 5.66 3.20
CA THR A 66 2.13 4.22 3.07
C THR A 66 1.66 3.63 4.40
N PHE A 67 1.79 2.30 4.55
CA PHE A 67 1.39 1.60 5.75
C PHE A 67 2.26 1.96 6.95
N LYS A 68 3.34 2.70 6.69
CA LYS A 68 4.25 3.13 7.74
C LYS A 68 3.51 3.96 8.80
N GLU A 69 2.49 4.69 8.35
CA GLU A 69 1.71 5.53 9.24
C GLU A 69 0.71 4.67 10.03
N ILE A 70 0.26 3.59 9.42
CA ILE A 70 -0.71 2.70 10.04
C ILE A 70 -0.04 1.51 10.74
N CYS A 71 1.25 1.65 11.04
CA CYS A 71 1.99 0.60 11.73
C CYS A 71 1.64 0.59 13.21
N ALA A 72 1.15 1.73 13.70
CA ALA A 72 0.79 1.88 15.11
C ALA A 72 -0.58 1.29 15.38
N VAL A 73 -0.83 0.10 14.84
CA VAL A 73 -2.10 -0.59 15.03
C VAL A 73 -1.99 -2.05 14.59
N SER A 74 -0.97 -2.35 13.80
CA SER A 74 -0.74 -3.70 13.29
C SER A 74 -0.03 -4.57 14.33
N ARG A 75 -0.49 -4.50 15.58
CA ARG A 75 0.10 -5.28 16.66
C ARG A 75 -0.79 -6.48 17.00
N ILE A 76 -1.71 -6.77 16.10
CA ILE A 76 -2.63 -7.88 16.29
C ILE A 76 -2.72 -8.74 15.03
N SER A 77 -1.99 -9.86 15.05
CA SER A 77 -1.98 -10.81 13.94
C SER A 77 -1.57 -10.14 12.63
N LYS A 78 -0.45 -9.43 12.65
CA LYS A 78 0.04 -8.75 11.45
C LYS A 78 0.34 -9.77 10.35
N LYS A 79 0.86 -10.91 10.75
CA LYS A 79 1.17 -11.98 9.81
C LYS A 79 -0.09 -12.47 9.11
N GLU A 80 -1.20 -12.46 9.84
CA GLU A 80 -2.48 -12.90 9.30
C GLU A 80 -3.20 -11.75 8.60
N ILE A 81 -2.69 -10.54 8.80
CA ILE A 81 -3.27 -9.36 8.17
C ILE A 81 -3.16 -9.48 6.66
N GLY A 82 -2.03 -10.02 6.20
CA GLY A 82 -1.82 -10.20 4.78
C GLY A 82 -2.90 -11.04 4.13
N ARG A 83 -3.35 -12.06 4.86
CA ARG A 83 -4.40 -12.96 4.38
C ARG A 83 -5.70 -12.18 4.19
N CYS A 84 -5.97 -11.29 5.12
CA CYS A 84 -7.18 -10.47 5.06
C CYS A 84 -7.00 -9.34 4.04
N PHE A 85 -5.81 -8.77 4.02
CA PHE A 85 -5.46 -7.69 3.11
C PHE A 85 -5.67 -8.13 1.67
N LYS A 86 -5.17 -9.31 1.35
CA LYS A 86 -5.29 -9.86 0.01
C LYS A 86 -6.76 -10.11 -0.36
N LEU A 87 -7.58 -10.41 0.64
CA LEU A 87 -8.99 -10.66 0.43
C LEU A 87 -9.69 -9.40 -0.06
N ILE A 88 -9.42 -8.29 0.60
CA ILE A 88 -10.04 -7.01 0.23
C ILE A 88 -9.38 -6.43 -1.01
N LEU A 89 -8.10 -6.78 -1.20
CA LEU A 89 -7.33 -6.30 -2.34
C LEU A 89 -8.00 -6.64 -3.67
N LYS A 90 -8.43 -7.88 -3.83
CA LYS A 90 -9.08 -8.31 -5.07
C LYS A 90 -10.59 -8.05 -5.02
N ALA A 91 -11.07 -7.66 -3.85
CA ALA A 91 -12.49 -7.35 -3.69
C ALA A 91 -12.77 -5.92 -4.12
N LEU A 92 -11.82 -5.04 -3.79
CA LEU A 92 -11.93 -3.64 -4.13
C LEU A 92 -11.35 -3.39 -5.52
N GLU A 93 -12.10 -3.81 -6.53
CA GLU A 93 -11.67 -3.63 -7.91
C GLU A 93 -12.00 -2.22 -8.37
N THR A 94 -11.09 -1.62 -9.12
CA THR A 94 -11.26 -0.27 -9.62
C THR A 94 -11.07 -0.22 -11.14
N SER A 95 -10.47 -1.28 -11.67
CA SER A 95 -10.21 -1.40 -13.10
C SER A 95 -9.21 -0.33 -13.60
N VAL A 96 -8.43 0.21 -12.68
CA VAL A 96 -7.44 1.21 -13.05
C VAL A 96 -6.16 0.53 -13.53
N ASP A 97 -6.29 -0.17 -14.64
CA ASP A 97 -5.19 -0.89 -15.25
C ASP A 97 -5.44 -0.99 -16.75
N LEU A 98 -4.69 -0.23 -17.54
CA LEU A 98 -4.85 -0.25 -18.99
C LEU A 98 -3.77 0.60 -19.64
N ILE A 99 -3.70 1.87 -19.24
CA ILE A 99 -2.70 2.79 -19.77
C ILE A 99 -1.31 2.39 -19.28
N THR A 100 -0.98 2.84 -18.06
CA THR A 100 0.30 2.55 -17.42
C THR A 100 1.50 2.85 -18.34
N THR A 101 1.31 3.77 -19.28
CA THR A 101 2.35 4.13 -20.21
C THR A 101 2.55 5.65 -20.25
N GLY A 102 1.69 6.35 -19.51
CA GLY A 102 1.76 7.80 -19.48
C GLY A 102 2.93 8.33 -18.68
N ASP A 103 3.37 7.57 -17.69
CA ASP A 103 4.48 8.00 -16.86
C ASP A 103 5.82 7.69 -17.51
N PHE A 104 6.17 8.47 -18.52
CA PHE A 104 7.44 8.32 -19.20
C PHE A 104 8.26 9.58 -18.97
N MET A 105 7.73 10.45 -18.12
CA MET A 105 8.38 11.69 -17.78
C MET A 105 8.65 11.74 -16.28
N SER A 106 7.64 11.34 -15.50
CA SER A 106 7.71 11.30 -14.03
C SER A 106 7.79 12.70 -13.41
N ARG A 107 8.16 13.70 -14.19
CA ARG A 107 8.28 15.07 -13.71
C ARG A 107 6.91 15.72 -13.52
N PHE A 108 5.90 15.15 -14.14
CA PHE A 108 4.55 15.70 -14.02
C PHE A 108 3.83 15.15 -12.79
N CYS A 109 4.28 13.99 -12.31
CA CYS A 109 3.68 13.37 -11.14
C CYS A 109 4.21 14.02 -9.87
N SER A 110 5.31 14.73 -10.01
CA SER A 110 5.96 15.41 -8.89
C SER A 110 5.38 16.82 -8.69
N ASN A 111 4.21 17.06 -9.26
CA ASN A 111 3.56 18.37 -9.16
C ASN A 111 3.11 18.67 -7.73
N LEU A 112 2.93 17.62 -6.94
CA LEU A 112 2.48 17.78 -5.55
C LEU A 112 3.64 18.14 -4.64
N CYS A 113 4.32 19.25 -4.95
CA CYS A 113 5.44 19.75 -4.16
C CYS A 113 6.47 18.66 -3.88
N LEU A 114 6.66 17.78 -4.85
CA LEU A 114 7.61 16.69 -4.70
C LEU A 114 9.02 17.16 -5.04
N PRO A 115 9.93 17.12 -4.06
CA PRO A 115 11.32 17.54 -4.25
C PRO A 115 12.06 16.63 -5.22
N LYS A 116 13.10 17.17 -5.85
CA LYS A 116 13.88 16.40 -6.82
C LYS A 116 14.54 15.20 -6.15
N GLN A 117 14.76 15.31 -4.84
CA GLN A 117 15.37 14.22 -4.07
C GLN A 117 14.56 12.94 -4.24
N VAL A 118 13.25 13.09 -4.37
CA VAL A 118 12.36 11.94 -4.54
C VAL A 118 12.36 11.47 -5.99
N GLN A 119 12.46 12.41 -6.91
CA GLN A 119 12.46 12.11 -8.34
C GLN A 119 13.61 11.19 -8.71
N MET A 120 14.82 11.55 -8.31
CA MET A 120 15.99 10.75 -8.61
C MET A 120 16.00 9.47 -7.78
N ALA A 121 15.36 9.51 -6.62
CA ALA A 121 15.30 8.34 -5.75
C ALA A 121 14.46 7.23 -6.39
N ALA A 122 13.39 7.65 -7.06
CA ALA A 122 12.49 6.70 -7.73
C ALA A 122 13.22 5.89 -8.79
N THR A 123 14.03 6.56 -9.59
CA THR A 123 14.79 5.91 -10.65
C THR A 123 15.81 4.91 -10.08
N HIS A 124 16.24 5.16 -8.84
CA HIS A 124 17.21 4.29 -8.19
C HIS A 124 16.56 2.96 -7.84
N ILE A 125 15.38 3.03 -7.24
CA ILE A 125 14.64 1.83 -6.85
C ILE A 125 14.18 1.07 -8.09
N ALA A 126 13.61 1.80 -9.04
CA ALA A 126 13.11 1.21 -10.28
C ALA A 126 14.20 0.49 -11.04
N ARG A 127 15.41 1.05 -11.02
CA ARG A 127 16.54 0.47 -11.72
C ARG A 127 16.77 -0.97 -11.27
N LYS A 128 17.05 -1.16 -9.99
CA LYS A 128 17.32 -2.48 -9.43
C LYS A 128 16.08 -3.38 -9.56
N ALA A 129 14.91 -2.81 -9.36
CA ALA A 129 13.66 -3.56 -9.44
C ALA A 129 13.43 -4.15 -10.84
N VAL A 130 13.61 -3.33 -11.87
CA VAL A 130 13.39 -3.77 -13.25
C VAL A 130 14.54 -4.68 -13.72
N GLU A 131 15.76 -4.31 -13.37
CA GLU A 131 16.94 -5.09 -13.77
C GLU A 131 16.89 -6.49 -13.17
N LEU A 132 16.38 -6.60 -11.95
CA LEU A 132 16.29 -7.89 -11.28
C LEU A 132 14.98 -8.58 -11.67
N ASP A 133 14.04 -7.80 -12.18
CA ASP A 133 12.73 -8.30 -12.60
C ASP A 133 12.06 -9.07 -11.48
N LEU A 134 11.64 -8.35 -10.45
CA LEU A 134 10.98 -8.97 -9.31
C LEU A 134 9.47 -8.87 -9.43
N VAL A 135 9.00 -8.35 -10.56
CA VAL A 135 7.57 -8.21 -10.79
C VAL A 135 7.26 -8.04 -12.28
N PRO A 136 7.05 -9.17 -12.97
CA PRO A 136 6.73 -9.19 -14.39
C PRO A 136 5.23 -9.23 -14.64
N GLY A 137 4.47 -8.72 -13.67
CA GLY A 137 3.01 -8.73 -13.78
C GLY A 137 2.51 -7.72 -14.80
N ARG A 138 3.30 -6.67 -15.02
CA ARG A 138 2.94 -5.62 -15.98
C ARG A 138 4.20 -4.98 -16.53
N SER A 139 4.03 -3.85 -17.22
CA SER A 139 5.15 -3.12 -17.79
C SER A 139 6.03 -2.53 -16.69
N PRO A 140 7.33 -2.35 -16.97
CA PRO A 140 8.29 -1.79 -16.00
C PRO A 140 7.90 -0.38 -15.54
N ILE A 141 7.07 0.28 -16.34
CA ILE A 141 6.59 1.63 -16.03
C ILE A 141 5.78 1.62 -14.73
N SER A 142 5.03 0.54 -14.52
CA SER A 142 4.22 0.38 -13.31
C SER A 142 5.12 0.34 -12.08
N VAL A 143 6.29 -0.29 -12.25
CA VAL A 143 7.26 -0.40 -11.18
C VAL A 143 7.89 0.96 -10.90
N ALA A 144 8.16 1.69 -11.97
CA ALA A 144 8.77 3.01 -11.86
C ALA A 144 7.86 3.95 -11.09
N ALA A 145 6.59 4.00 -11.47
CA ALA A 145 5.61 4.86 -10.81
C ALA A 145 5.48 4.47 -9.34
N ALA A 146 5.52 3.17 -9.07
CA ALA A 146 5.43 2.67 -7.70
C ALA A 146 6.61 3.16 -6.88
N ALA A 147 7.77 3.20 -7.52
CA ALA A 147 8.99 3.64 -6.87
C ALA A 147 8.92 5.13 -6.53
N ILE A 148 8.24 5.90 -7.37
CA ILE A 148 8.10 7.34 -7.15
C ILE A 148 7.31 7.59 -5.87
N TYR A 149 6.24 6.83 -5.69
CA TYR A 149 5.41 6.96 -4.50
C TYR A 149 6.18 6.50 -3.28
N MET A 150 6.92 5.40 -3.41
CA MET A 150 7.71 4.87 -2.31
C MET A 150 8.82 5.84 -1.91
N ALA A 151 9.49 6.40 -2.91
CA ALA A 151 10.56 7.35 -2.66
C ALA A 151 10.04 8.58 -1.90
N SER A 152 8.76 8.89 -2.09
CA SER A 152 8.15 10.02 -1.42
C SER A 152 8.10 9.79 0.09
N GLN A 153 7.55 8.66 0.50
CA GLN A 153 7.44 8.32 1.91
C GLN A 153 8.82 8.01 2.49
N ALA A 154 9.71 7.51 1.65
CA ALA A 154 11.07 7.20 2.06
C ALA A 154 11.83 8.46 2.41
N SER A 155 11.35 9.59 1.90
CA SER A 155 11.95 10.88 2.14
C SER A 155 11.16 11.64 3.21
N ALA A 156 10.32 10.90 3.93
CA ALA A 156 9.49 11.44 5.01
C ALA A 156 8.45 12.44 4.47
N GLU A 157 8.09 12.31 3.21
CA GLU A 157 7.12 13.19 2.59
C GLU A 157 5.77 12.48 2.46
N LYS A 158 4.73 13.09 3.03
CA LYS A 158 3.40 12.53 2.97
C LYS A 158 2.74 12.83 1.62
N ARG A 159 2.85 11.88 0.71
CA ARG A 159 2.27 12.03 -0.61
C ARG A 159 1.16 11.01 -0.82
N THR A 160 0.30 11.27 -1.79
CA THR A 160 -0.80 10.40 -2.10
C THR A 160 -0.56 9.68 -3.44
N GLN A 161 -1.15 8.49 -3.60
CA GLN A 161 -0.98 7.72 -4.82
C GLN A 161 -1.84 8.28 -5.95
N LYS A 162 -2.68 9.26 -5.64
CA LYS A 162 -3.54 9.86 -6.63
C LYS A 162 -2.77 10.83 -7.52
N GLU A 163 -2.32 11.94 -6.93
CA GLU A 163 -1.59 12.96 -7.67
C GLU A 163 -0.27 12.41 -8.25
N ILE A 164 0.19 11.29 -7.72
CA ILE A 164 1.44 10.70 -8.19
C ILE A 164 1.20 9.54 -9.15
N GLY A 165 -0.05 9.10 -9.30
CA GLY A 165 -0.33 7.99 -10.19
C GLY A 165 -1.69 8.08 -10.84
N ASP A 166 -2.74 8.10 -10.03
CA ASP A 166 -4.12 8.17 -10.53
C ASP A 166 -4.33 9.40 -11.43
N ILE A 167 -3.93 10.56 -10.95
CA ILE A 167 -4.07 11.80 -11.70
C ILE A 167 -3.07 11.84 -12.85
N ALA A 168 -1.90 11.23 -12.63
CA ALA A 168 -0.86 11.19 -13.64
C ALA A 168 -1.30 10.39 -14.87
N GLY A 169 -2.28 9.51 -14.67
CA GLY A 169 -2.78 8.71 -15.77
C GLY A 169 -2.01 7.41 -15.93
N VAL A 170 -1.41 6.96 -14.85
CA VAL A 170 -0.64 5.72 -14.86
C VAL A 170 -1.55 4.54 -14.58
N ALA A 171 -1.76 4.26 -13.29
CA ALA A 171 -2.60 3.17 -12.85
C ALA A 171 -2.75 3.21 -11.33
N ASP A 172 -3.53 2.28 -10.79
CA ASP A 172 -3.75 2.21 -9.35
C ASP A 172 -3.54 0.78 -8.86
N VAL A 173 -4.36 -0.15 -9.36
CA VAL A 173 -4.25 -1.55 -8.97
C VAL A 173 -2.92 -2.12 -9.45
N THR A 174 -2.46 -1.65 -10.60
CA THR A 174 -1.20 -2.08 -11.18
C THR A 174 -0.03 -1.76 -10.26
N ILE A 175 0.01 -0.53 -9.75
CA ILE A 175 1.07 -0.10 -8.85
C ILE A 175 1.02 -0.91 -7.56
N ARG A 176 -0.18 -1.07 -7.03
CA ARG A 176 -0.38 -1.82 -5.79
C ARG A 176 0.02 -3.28 -5.96
N GLN A 177 -0.22 -3.82 -7.14
CA GLN A 177 0.11 -5.21 -7.44
C GLN A 177 1.62 -5.37 -7.64
N SER A 178 2.22 -4.42 -8.33
CA SER A 178 3.65 -4.45 -8.61
C SER A 178 4.46 -4.38 -7.31
N TYR A 179 4.25 -3.32 -6.54
CA TYR A 179 4.96 -3.16 -5.29
C TYR A 179 4.25 -3.89 -4.17
N ARG A 180 4.15 -5.21 -4.32
CA ARG A 180 3.50 -6.05 -3.32
C ARG A 180 4.37 -7.27 -3.04
N LEU A 181 4.70 -8.00 -4.10
CA LEU A 181 5.53 -9.18 -3.98
C LEU A 181 6.94 -8.87 -4.45
N ILE A 182 7.21 -7.59 -4.64
CA ILE A 182 8.51 -7.13 -5.11
C ILE A 182 9.53 -7.15 -3.96
N TYR A 183 9.03 -7.33 -2.75
CA TYR A 183 9.87 -7.39 -1.58
C TYR A 183 9.56 -8.66 -0.78
N PRO A 184 10.57 -9.49 -0.52
CA PRO A 184 10.39 -10.74 0.23
C PRO A 184 10.25 -10.53 1.73
N ARG A 185 10.73 -9.39 2.21
CA ARG A 185 10.67 -9.05 3.62
C ARG A 185 10.92 -7.56 3.83
N ALA A 186 11.84 -7.02 3.04
CA ALA A 186 12.18 -5.62 3.10
C ALA A 186 12.46 -5.11 1.70
N PRO A 187 12.43 -3.79 1.48
CA PRO A 187 12.72 -3.20 0.17
C PRO A 187 14.20 -3.29 -0.18
N ASP A 188 14.62 -4.49 -0.58
CA ASP A 188 16.02 -4.72 -0.94
C ASP A 188 16.27 -4.34 -2.39
N LEU A 189 15.52 -3.35 -2.86
CA LEU A 189 15.62 -2.88 -4.22
C LEU A 189 16.52 -1.65 -4.29
N PHE A 190 17.29 -1.43 -3.23
CA PHE A 190 18.21 -0.30 -3.18
C PHE A 190 19.57 -0.70 -3.72
N PRO A 191 20.11 0.09 -4.67
CA PRO A 191 21.42 -0.17 -5.25
C PRO A 191 22.53 0.24 -4.29
N THR A 192 22.82 1.53 -4.24
CA THR A 192 23.85 2.07 -3.36
C THR A 192 23.60 3.57 -3.13
N ASP A 193 23.20 4.26 -4.18
CA ASP A 193 22.94 5.69 -4.14
C ASP A 193 21.85 6.04 -3.13
N PHE A 194 20.84 5.18 -3.04
CA PHE A 194 19.74 5.40 -2.11
C PHE A 194 20.24 5.42 -0.67
N LYS A 195 20.30 6.62 -0.09
CA LYS A 195 20.76 6.79 1.28
C LYS A 195 19.62 6.58 2.27
N PHE A 196 18.40 6.59 1.75
CA PHE A 196 17.19 6.41 2.56
C PHE A 196 17.04 7.55 3.56
N ASP A 197 16.25 8.55 3.20
CA ASP A 197 16.03 9.71 4.06
C ASP A 197 15.53 9.28 5.44
N THR A 198 14.45 8.52 5.47
CA THR A 198 13.91 8.04 6.72
C THR A 198 14.65 6.77 7.15
N PRO A 199 15.34 6.81 8.29
CA PRO A 199 16.10 5.67 8.79
C PRO A 199 15.23 4.55 9.36
N VAL A 200 14.55 3.83 8.47
CA VAL A 200 13.71 2.72 8.88
C VAL A 200 14.25 1.41 8.33
N ASP A 201 15.02 1.50 7.23
CA ASP A 201 15.65 0.35 6.57
C ASP A 201 14.62 -0.58 5.91
N LYS A 202 13.68 -1.07 6.71
CA LYS A 202 12.65 -1.97 6.22
C LYS A 202 11.29 -1.30 6.28
N LEU A 203 10.41 -1.67 5.35
CA LEU A 203 9.08 -1.09 5.29
C LEU A 203 8.08 -2.09 4.70
N PRO A 204 6.93 -2.29 5.35
CA PRO A 204 5.90 -3.20 4.90
C PRO A 204 4.84 -2.53 4.02
N GLN A 205 4.36 -3.27 3.03
CA GLN A 205 3.33 -2.79 2.11
C GLN A 205 3.81 -1.60 1.28
N LEU A 206 5.10 -1.62 0.92
CA LEU A 206 5.75 -0.57 0.12
C LEU A 206 6.17 0.60 1.01
N TYR B 1 -12.58 -21.26 -8.46
CA TYR B 1 -11.53 -20.44 -9.10
C TYR B 1 -11.06 -19.35 -8.16
N GLY B 2 -11.95 -18.39 -7.86
CA GLY B 2 -11.61 -17.30 -6.98
C GLY B 2 -11.35 -17.79 -5.56
N ALA B 3 -11.98 -18.90 -5.19
CA ALA B 3 -11.82 -19.47 -3.86
C ALA B 3 -10.36 -19.87 -3.62
N LEU B 4 -9.68 -20.28 -4.69
CA LEU B 4 -8.27 -20.66 -4.60
C LEU B 4 -7.45 -19.45 -4.20
N ASP B 5 -7.78 -18.31 -4.78
CA ASP B 5 -7.11 -17.06 -4.48
C ASP B 5 -7.52 -16.58 -3.09
N MET B 6 -8.76 -16.86 -2.74
CA MET B 6 -9.31 -16.48 -1.43
C MET B 6 -8.97 -17.52 -0.37
N ALA B 7 -7.82 -18.16 -0.51
CA ALA B 7 -7.38 -19.17 0.45
C ALA B 7 -5.91 -19.51 0.25
N ASP B 8 -5.63 -20.34 -0.75
CA ASP B 8 -4.27 -20.77 -1.04
C ASP B 8 -3.41 -19.61 -1.51
N PHE B 9 -3.93 -18.84 -2.46
CA PHE B 9 -3.21 -17.70 -3.00
C PHE B 9 -3.29 -16.50 -2.05
N GLU B 10 -3.90 -16.72 -0.89
CA GLU B 10 -4.04 -15.68 0.10
C GLU B 10 -3.03 -15.91 1.22
N PHE B 11 -2.23 -16.95 1.07
CA PHE B 11 -1.23 -17.30 2.07
C PHE B 11 0.12 -16.71 1.71
N GLU B 12 0.22 -16.07 0.56
CA GLU B 12 1.49 -15.49 0.13
C GLU B 12 1.86 -14.32 1.06
N GLN B 13 0.88 -13.48 1.39
CA GLN B 13 1.10 -12.37 2.29
C GLN B 13 0.99 -12.85 3.73
N MET B 14 0.17 -13.87 3.92
CA MET B 14 -0.05 -14.45 5.24
C MET B 14 1.22 -15.11 5.77
N PHE B 15 2.16 -15.37 4.88
CA PHE B 15 3.43 -15.99 5.27
C PHE B 15 4.60 -15.03 5.03
N THR B 16 4.28 -13.79 4.70
CA THR B 16 5.31 -12.80 4.42
C THR B 16 5.14 -11.55 5.29
N ASP B 17 3.89 -11.20 5.59
CA ASP B 17 3.58 -10.02 6.40
C ASP B 17 4.22 -10.09 7.79
N ALA B 18 4.60 -11.31 8.20
CA ALA B 18 5.24 -11.51 9.49
C ALA B 18 6.59 -10.84 9.53
N LEU B 19 7.30 -10.92 8.41
CA LEU B 19 8.62 -10.31 8.30
C LEU B 19 8.47 -8.79 8.25
N GLY B 20 7.40 -8.33 7.63
CA GLY B 20 7.13 -6.91 7.52
C GLY B 20 6.52 -6.34 8.80
N ILE B 21 7.14 -6.68 9.93
CA ILE B 21 6.69 -6.22 11.24
C ILE B 21 7.56 -6.81 12.36
N ASP B 22 7.88 -8.10 12.26
CA ASP B 22 8.70 -8.77 13.26
C ASP B 22 10.18 -8.70 12.91
N GLU B 23 10.49 -8.77 11.63
CA GLU B 23 11.88 -8.72 11.17
C GLU B 23 12.43 -7.30 11.27
N TYR B 24 11.57 -6.37 11.70
CA TYR B 24 11.96 -4.97 11.86
C TYR B 24 13.18 -4.84 12.77
N GLY B 25 13.06 -5.37 13.98
CA GLY B 25 14.15 -5.32 14.92
C GLY B 25 15.09 -6.49 14.73
N GLY B 26 15.76 -6.53 13.60
CA GLY B 26 16.69 -7.59 13.30
C GLY B 26 17.25 -7.46 11.91
N SER A 1 -25.45 -7.50 17.20
CA SER A 1 -24.60 -6.47 16.59
C SER A 1 -23.99 -5.57 17.68
N ARG A 2 -22.71 -5.80 17.98
CA ARG A 2 -22.04 -5.01 19.00
C ARG A 2 -20.78 -4.36 18.43
N ALA A 3 -19.98 -5.14 17.72
CA ALA A 3 -18.75 -4.65 17.14
C ALA A 3 -19.01 -3.67 15.99
N MET A 4 -20.24 -3.67 15.49
CA MET A 4 -20.62 -2.80 14.38
C MET A 4 -20.44 -1.33 14.73
N MET A 5 -21.11 -0.87 15.79
CA MET A 5 -21.01 0.53 16.21
C MET A 5 -19.61 0.85 16.72
N ASN A 6 -18.96 -0.15 17.30
CA ASN A 6 -17.62 0.02 17.84
C ASN A 6 -16.63 0.32 16.73
N ALA A 7 -16.69 -0.47 15.65
CA ALA A 7 -15.79 -0.29 14.52
C ALA A 7 -16.04 1.03 13.80
N PHE A 8 -17.31 1.36 13.60
CA PHE A 8 -17.68 2.61 12.92
C PHE A 8 -17.03 3.81 13.60
N LYS A 9 -17.01 3.79 14.92
CA LYS A 9 -16.42 4.88 15.69
C LYS A 9 -14.91 4.93 15.45
N GLU A 10 -14.28 3.76 15.45
CA GLU A 10 -12.84 3.65 15.24
C GLU A 10 -12.49 4.06 13.81
N ILE A 11 -13.30 3.64 12.86
CA ILE A 11 -13.09 3.98 11.45
C ILE A 11 -13.04 5.50 11.28
N THR A 12 -14.03 6.17 11.87
CA THR A 12 -14.11 7.61 11.80
C THR A 12 -12.89 8.25 12.44
N THR A 13 -12.46 7.68 13.57
CA THR A 13 -11.30 8.19 14.30
C THR A 13 -10.01 7.98 13.50
N MET A 14 -9.85 6.77 12.96
CA MET A 14 -8.66 6.42 12.19
C MET A 14 -8.52 7.32 10.96
N ALA A 15 -9.59 7.44 10.19
CA ALA A 15 -9.58 8.26 9.00
C ALA A 15 -9.39 9.73 9.35
N ASP A 16 -9.93 10.14 10.50
CA ASP A 16 -9.81 11.51 10.97
C ASP A 16 -8.35 11.91 11.16
N ARG A 17 -7.58 11.03 11.80
CA ARG A 17 -6.18 11.28 12.07
C ARG A 17 -5.38 11.38 10.78
N ILE A 18 -5.88 10.76 9.73
CA ILE A 18 -5.22 10.77 8.43
C ILE A 18 -5.70 11.97 7.61
N ASN A 19 -6.69 12.68 8.16
CA ASN A 19 -7.28 13.87 7.50
C ASN A 19 -8.05 13.46 6.26
N LEU A 20 -8.76 12.34 6.37
CA LEU A 20 -9.55 11.83 5.27
C LEU A 20 -10.96 12.39 5.36
N PRO A 21 -11.56 12.74 4.22
CA PRO A 21 -12.92 13.28 4.17
C PRO A 21 -13.95 12.28 4.67
N ARG A 22 -15.14 12.79 5.03
CA ARG A 22 -16.21 11.95 5.54
C ARG A 22 -16.59 10.89 4.51
N ASN A 23 -16.42 11.23 3.23
CA ASN A 23 -16.71 10.30 2.14
C ASN A 23 -15.92 9.00 2.32
N ILE A 24 -14.64 9.14 2.66
CA ILE A 24 -13.78 7.99 2.87
C ILE A 24 -14.27 7.18 4.07
N VAL A 25 -14.65 7.88 5.12
CA VAL A 25 -15.16 7.25 6.33
C VAL A 25 -16.45 6.49 6.01
N ASP A 26 -17.36 7.16 5.34
CA ASP A 26 -18.64 6.59 4.96
C ASP A 26 -18.46 5.35 4.09
N ARG A 27 -17.56 5.45 3.11
CA ARG A 27 -17.29 4.35 2.21
C ARG A 27 -16.74 3.15 2.99
N THR A 28 -15.86 3.43 3.94
CA THR A 28 -15.27 2.38 4.76
C THR A 28 -16.35 1.76 5.65
N ASN A 29 -17.24 2.61 6.18
CA ASN A 29 -18.34 2.14 7.01
C ASN A 29 -19.23 1.20 6.22
N ASN A 30 -19.46 1.56 4.96
CA ASN A 30 -20.28 0.75 4.06
C ASN A 30 -19.61 -0.59 3.78
N LEU A 31 -18.29 -0.55 3.66
CA LEU A 31 -17.52 -1.76 3.41
C LEU A 31 -17.64 -2.70 4.60
N PHE A 32 -17.46 -2.15 5.80
CA PHE A 32 -17.56 -2.93 7.02
C PHE A 32 -18.99 -3.45 7.20
N LYS A 33 -19.96 -2.64 6.82
CA LYS A 33 -21.36 -3.01 6.91
C LYS A 33 -21.67 -4.24 6.06
N GLN A 34 -20.87 -4.45 5.02
CA GLN A 34 -21.06 -5.59 4.14
C GLN A 34 -20.32 -6.82 4.66
N VAL A 35 -19.10 -6.63 5.14
CA VAL A 35 -18.31 -7.75 5.67
C VAL A 35 -18.86 -8.21 7.02
N TYR A 36 -19.59 -7.33 7.69
CA TYR A 36 -20.19 -7.65 8.97
C TYR A 36 -21.28 -8.71 8.81
N GLU A 37 -21.85 -8.78 7.61
CA GLU A 37 -22.90 -9.74 7.32
C GLU A 37 -22.31 -11.04 6.76
N GLN A 38 -21.00 -11.11 6.67
CA GLN A 38 -20.35 -12.31 6.15
C GLN A 38 -20.38 -13.40 7.21
N LYS A 39 -20.92 -14.55 6.83
CA LYS A 39 -21.03 -15.69 7.74
C LYS A 39 -19.64 -16.22 8.10
N SER A 40 -18.65 -15.83 7.32
CA SER A 40 -17.28 -16.23 7.54
C SER A 40 -16.70 -15.47 8.74
N LEU A 41 -16.91 -14.16 8.73
CA LEU A 41 -16.42 -13.28 9.80
C LEU A 41 -17.34 -13.33 11.01
N LYS A 42 -18.62 -13.58 10.77
CA LYS A 42 -19.63 -13.70 11.83
C LYS A 42 -19.82 -12.40 12.60
N GLY A 43 -19.26 -11.30 12.08
CA GLY A 43 -19.36 -10.02 12.75
C GLY A 43 -18.66 -10.03 14.09
N ARG A 44 -17.65 -10.89 14.22
CA ARG A 44 -16.90 -11.01 15.45
C ARG A 44 -15.75 -10.01 15.49
N ALA A 45 -14.99 -9.94 14.41
CA ALA A 45 -13.87 -9.01 14.31
C ALA A 45 -14.35 -7.67 13.78
N ASN A 46 -13.68 -6.60 14.20
CA ASN A 46 -14.06 -5.26 13.76
C ASN A 46 -12.84 -4.39 13.51
N ASP A 47 -11.90 -4.36 14.45
CA ASP A 47 -10.69 -3.54 14.31
C ASP A 47 -9.82 -4.01 13.16
N ALA A 48 -9.54 -5.31 13.13
CA ALA A 48 -8.72 -5.91 12.08
C ALA A 48 -9.29 -5.61 10.69
N ILE A 49 -10.61 -5.76 10.54
CA ILE A 49 -11.27 -5.51 9.27
C ILE A 49 -11.25 -4.03 8.93
N ALA A 50 -11.49 -3.18 9.94
CA ALA A 50 -11.50 -1.74 9.75
C ALA A 50 -10.14 -1.27 9.25
N SER A 51 -9.08 -1.81 9.85
CA SER A 51 -7.72 -1.45 9.46
C SER A 51 -7.46 -1.81 7.99
N ALA A 52 -8.02 -2.93 7.56
CA ALA A 52 -7.87 -3.38 6.19
C ALA A 52 -8.63 -2.47 5.23
N CYS A 53 -9.89 -2.19 5.55
CA CYS A 53 -10.73 -1.33 4.72
C CYS A 53 -10.15 0.07 4.64
N LEU A 54 -9.67 0.58 5.76
CA LEU A 54 -9.08 1.91 5.84
C LEU A 54 -7.85 1.97 4.93
N TYR A 55 -7.05 0.91 4.96
CA TYR A 55 -5.85 0.82 4.13
C TYR A 55 -6.23 0.95 2.66
N ILE A 56 -7.25 0.20 2.25
CA ILE A 56 -7.72 0.22 0.88
C ILE A 56 -8.13 1.62 0.47
N ALA A 57 -8.92 2.27 1.32
CA ALA A 57 -9.41 3.62 1.06
C ALA A 57 -8.26 4.62 0.94
N CYS A 58 -7.25 4.45 1.78
CA CYS A 58 -6.10 5.35 1.77
C CYS A 58 -5.28 5.20 0.49
N ARG A 59 -5.00 3.97 0.11
CA ARG A 59 -4.19 3.68 -1.08
C ARG A 59 -4.91 4.04 -2.38
N GLN A 60 -6.19 4.39 -2.30
CA GLN A 60 -6.94 4.76 -3.49
C GLN A 60 -6.43 6.09 -4.05
N GLU A 61 -6.35 7.11 -3.18
CA GLU A 61 -5.87 8.42 -3.58
C GLU A 61 -5.68 9.34 -2.37
N GLY A 62 -5.54 8.73 -1.19
CA GLY A 62 -5.36 9.52 0.02
C GLY A 62 -3.92 9.52 0.49
N VAL A 63 -3.62 8.67 1.45
CA VAL A 63 -2.26 8.56 1.97
C VAL A 63 -1.60 7.29 1.47
N PRO A 64 -0.35 7.39 1.01
CA PRO A 64 0.39 6.23 0.51
C PRO A 64 0.96 5.36 1.63
N ARG A 65 1.97 4.56 1.27
CA ARG A 65 2.66 3.67 2.20
C ARG A 65 1.85 2.40 2.44
N THR A 66 2.42 1.47 3.16
CA THR A 66 1.77 0.21 3.46
C THR A 66 1.27 0.18 4.91
N PHE A 67 0.99 -1.03 5.40
CA PHE A 67 0.50 -1.22 6.77
C PHE A 67 1.51 -0.73 7.81
N LYS A 68 2.70 -0.35 7.36
CA LYS A 68 3.76 0.15 8.23
C LYS A 68 3.29 1.38 9.01
N GLU A 69 2.40 2.15 8.40
CA GLU A 69 1.87 3.35 9.03
C GLU A 69 0.78 3.00 10.04
N ILE A 70 0.16 1.84 9.85
CA ILE A 70 -0.92 1.39 10.72
C ILE A 70 -0.38 0.55 11.88
N CYS A 71 0.91 0.24 11.84
CA CYS A 71 1.54 -0.56 12.89
C CYS A 71 1.55 0.16 14.23
N ALA A 72 1.26 1.46 14.21
CA ALA A 72 1.23 2.26 15.42
C ALA A 72 0.08 1.85 16.33
N VAL A 73 -0.99 1.31 15.74
CA VAL A 73 -2.15 0.90 16.51
C VAL A 73 -2.53 -0.56 16.21
N SER A 74 -2.71 -0.88 14.94
CA SER A 74 -3.09 -2.23 14.55
C SER A 74 -1.88 -3.16 14.48
N ARG A 75 -1.21 -3.34 15.62
CA ARG A 75 -0.04 -4.22 15.69
C ARG A 75 -0.45 -5.57 16.27
N ILE A 76 -1.72 -5.68 16.61
CA ILE A 76 -2.25 -6.91 17.18
C ILE A 76 -2.82 -7.79 16.06
N SER A 77 -2.45 -9.06 16.07
CA SER A 77 -2.89 -10.01 15.05
C SER A 77 -2.52 -9.55 13.64
N LYS A 78 -1.25 -9.17 13.46
CA LYS A 78 -0.77 -8.69 12.18
C LYS A 78 -1.02 -9.72 11.08
N LYS A 79 -0.70 -10.97 11.38
CA LYS A 79 -0.88 -12.07 10.44
C LYS A 79 -2.33 -12.16 9.98
N GLU A 80 -3.24 -12.24 10.94
CA GLU A 80 -4.67 -12.34 10.63
C GLU A 80 -5.16 -11.14 9.83
N ILE A 81 -4.75 -9.95 10.24
CA ILE A 81 -5.16 -8.72 9.54
C ILE A 81 -4.74 -8.75 8.08
N GLY A 82 -3.48 -9.09 7.84
CA GLY A 82 -2.97 -9.15 6.49
C GLY A 82 -3.67 -10.19 5.64
N ARG A 83 -3.96 -11.34 6.27
CA ARG A 83 -4.63 -12.42 5.57
C ARG A 83 -6.05 -12.02 5.16
N CYS A 84 -6.84 -11.56 6.13
CA CYS A 84 -8.23 -11.16 5.87
C CYS A 84 -8.31 -9.96 4.94
N PHE A 85 -7.25 -9.15 4.92
CA PHE A 85 -7.20 -7.97 4.06
C PHE A 85 -7.30 -8.37 2.59
N LYS A 86 -6.68 -9.49 2.26
CA LYS A 86 -6.68 -9.98 0.88
C LYS A 86 -8.01 -10.60 0.50
N LEU A 87 -8.95 -10.66 1.43
CA LEU A 87 -10.26 -11.23 1.16
C LEU A 87 -11.13 -10.18 0.47
N ILE A 88 -10.95 -8.93 0.87
CA ILE A 88 -11.72 -7.83 0.30
C ILE A 88 -11.29 -7.56 -1.14
N LEU A 89 -9.98 -7.46 -1.35
CA LEU A 89 -9.43 -7.20 -2.69
C LEU A 89 -9.67 -8.40 -3.61
N LYS A 90 -9.99 -9.53 -2.99
CA LYS A 90 -10.25 -10.76 -3.74
C LYS A 90 -11.63 -10.70 -4.38
N ALA A 91 -12.48 -9.85 -3.83
CA ALA A 91 -13.84 -9.68 -4.34
C ALA A 91 -13.96 -8.40 -5.15
N LEU A 92 -13.26 -7.35 -4.72
CA LEU A 92 -13.30 -6.08 -5.42
C LEU A 92 -11.91 -5.45 -5.49
N GLU A 93 -11.48 -5.14 -6.71
CA GLU A 93 -10.18 -4.52 -6.95
C GLU A 93 -10.22 -3.76 -8.27
N THR A 94 -9.38 -2.77 -8.41
CA THR A 94 -9.31 -1.98 -9.62
C THR A 94 -8.71 -2.79 -10.77
N SER A 95 -7.40 -3.07 -10.68
CA SER A 95 -6.67 -3.85 -11.68
C SER A 95 -6.91 -3.31 -13.10
N VAL A 96 -7.06 -1.99 -13.21
CA VAL A 96 -7.32 -1.34 -14.49
C VAL A 96 -6.05 -1.24 -15.35
N ASP A 97 -5.22 -0.24 -15.05
CA ASP A 97 -3.97 0.01 -15.78
C ASP A 97 -4.25 0.24 -17.27
N LEU A 98 -4.99 1.29 -17.57
CA LEU A 98 -5.33 1.62 -18.95
C LEU A 98 -4.55 2.84 -19.43
N ILE A 99 -3.55 3.24 -18.66
CA ILE A 99 -2.74 4.39 -19.01
C ILE A 99 -1.26 4.04 -18.87
N THR A 100 -0.59 4.62 -17.88
CA THR A 100 0.81 4.36 -17.62
C THR A 100 1.66 4.69 -18.85
N THR A 101 1.44 5.87 -19.42
CA THR A 101 2.18 6.31 -20.58
C THR A 101 2.88 7.65 -20.35
N GLY A 102 2.14 8.63 -19.84
CA GLY A 102 2.68 9.94 -19.59
C GLY A 102 3.80 9.96 -18.56
N ASP A 103 3.80 8.99 -17.66
CA ASP A 103 4.81 8.91 -16.60
C ASP A 103 6.19 8.61 -17.18
N PHE A 104 6.24 8.32 -18.49
CA PHE A 104 7.50 8.02 -19.16
C PHE A 104 8.49 9.18 -19.01
N MET A 105 7.95 10.40 -18.91
CA MET A 105 8.78 11.58 -18.76
C MET A 105 9.04 11.88 -17.28
N SER A 106 8.20 11.30 -16.41
CA SER A 106 8.29 11.49 -14.96
C SER A 106 8.55 12.95 -14.58
N ARG A 107 7.51 13.77 -14.65
CA ARG A 107 7.65 15.18 -14.34
C ARG A 107 6.41 15.73 -13.64
N PHE A 108 5.27 15.65 -14.33
CA PHE A 108 4.00 16.16 -13.78
C PHE A 108 3.54 15.35 -12.56
N CYS A 109 4.24 14.25 -12.29
CA CYS A 109 3.94 13.41 -11.15
C CYS A 109 4.13 14.22 -9.86
N SER A 110 5.10 15.12 -9.90
CA SER A 110 5.39 15.99 -8.77
C SER A 110 4.47 17.21 -8.86
N ASN A 111 3.18 16.95 -8.75
CA ASN A 111 2.17 18.00 -8.85
C ASN A 111 2.19 18.97 -7.66
N LEU A 112 2.31 18.43 -6.45
CA LEU A 112 2.32 19.28 -5.27
C LEU A 112 3.75 19.73 -4.95
N CYS A 113 4.46 18.94 -4.16
CA CYS A 113 5.82 19.30 -3.78
C CYS A 113 6.73 18.08 -3.77
N LEU A 114 7.79 18.14 -4.55
CA LEU A 114 8.75 17.05 -4.63
C LEU A 114 10.09 17.58 -5.15
N PRO A 115 11.12 17.56 -4.30
CA PRO A 115 12.45 18.04 -4.68
C PRO A 115 13.05 17.19 -5.80
N LYS A 116 13.85 17.83 -6.66
CA LYS A 116 14.50 17.16 -7.79
C LYS A 116 15.35 15.98 -7.31
N GLN A 117 15.83 16.06 -6.08
CA GLN A 117 16.66 15.00 -5.52
C GLN A 117 15.91 13.67 -5.49
N VAL A 118 14.68 13.70 -5.00
CA VAL A 118 13.86 12.50 -4.92
C VAL A 118 13.55 11.96 -6.31
N GLN A 119 13.28 12.86 -7.24
CA GLN A 119 12.98 12.48 -8.61
C GLN A 119 14.19 11.84 -9.28
N MET A 120 15.35 12.47 -9.11
CA MET A 120 16.59 11.98 -9.69
C MET A 120 17.00 10.64 -9.06
N ALA A 121 16.76 10.50 -7.77
CA ALA A 121 17.09 9.28 -7.07
C ALA A 121 16.13 8.17 -7.48
N ALA A 122 14.87 8.54 -7.66
CA ALA A 122 13.82 7.59 -8.06
C ALA A 122 14.16 6.92 -9.38
N THR A 123 14.54 7.72 -10.37
CA THR A 123 14.89 7.21 -11.68
C THR A 123 16.05 6.21 -11.62
N HIS A 124 16.82 6.26 -10.53
CA HIS A 124 17.95 5.36 -10.36
C HIS A 124 17.50 4.02 -9.79
N ILE A 125 16.45 4.04 -8.98
CA ILE A 125 15.92 2.81 -8.39
C ILE A 125 15.32 1.92 -9.47
N ALA A 126 14.66 2.56 -10.43
CA ALA A 126 14.03 1.87 -11.54
C ALA A 126 15.06 1.08 -12.36
N ARG A 127 16.30 1.54 -12.32
CA ARG A 127 17.37 0.89 -13.06
C ARG A 127 17.65 -0.50 -12.49
N LYS A 128 17.76 -0.59 -11.18
CA LYS A 128 18.03 -1.87 -10.51
C LYS A 128 16.80 -2.77 -10.56
N ALA A 129 15.62 -2.17 -10.60
CA ALA A 129 14.38 -2.94 -10.67
C ALA A 129 14.37 -3.79 -11.94
N VAL A 130 14.79 -3.18 -13.04
CA VAL A 130 14.85 -3.86 -14.32
C VAL A 130 16.10 -4.73 -14.37
N GLU A 131 17.16 -4.26 -13.72
CA GLU A 131 18.43 -4.98 -13.65
C GLU A 131 18.23 -6.35 -13.01
N LEU A 132 17.65 -6.36 -11.81
CA LEU A 132 17.39 -7.60 -11.09
C LEU A 132 16.32 -8.40 -11.85
N ASP A 133 15.44 -7.67 -12.51
CA ASP A 133 14.36 -8.26 -13.31
C ASP A 133 13.40 -9.07 -12.46
N LEU A 134 12.66 -8.38 -11.61
CA LEU A 134 11.68 -9.03 -10.75
C LEU A 134 10.50 -8.09 -10.47
N VAL A 135 10.33 -7.14 -11.38
CA VAL A 135 9.26 -6.15 -11.25
C VAL A 135 8.08 -6.49 -12.17
N PRO A 136 7.00 -7.05 -11.60
CA PRO A 136 5.80 -7.42 -12.34
C PRO A 136 4.85 -6.24 -12.46
N GLY A 137 5.23 -5.26 -13.25
CA GLY A 137 4.43 -4.07 -13.42
C GLY A 137 3.33 -4.20 -14.46
N ARG A 138 3.17 -5.41 -15.00
CA ARG A 138 2.16 -5.69 -16.04
C ARG A 138 2.54 -5.02 -17.37
N SER A 139 2.52 -3.69 -17.38
CA SER A 139 2.86 -2.93 -18.56
C SER A 139 4.12 -2.11 -18.29
N PRO A 140 4.93 -1.82 -19.32
CA PRO A 140 6.16 -1.05 -19.17
C PRO A 140 5.89 0.40 -18.72
N ILE A 141 6.97 1.13 -18.40
CA ILE A 141 6.90 2.52 -17.96
C ILE A 141 6.50 2.63 -16.48
N SER A 142 5.71 1.66 -16.01
CA SER A 142 5.24 1.63 -14.62
C SER A 142 6.41 1.64 -13.62
N VAL A 143 7.56 1.15 -14.06
CA VAL A 143 8.74 1.08 -13.21
C VAL A 143 9.17 2.46 -12.73
N ALA A 144 8.85 3.50 -13.50
CA ALA A 144 9.20 4.86 -13.13
C ALA A 144 8.43 5.30 -11.88
N ALA A 145 7.10 5.35 -11.99
CA ALA A 145 6.25 5.74 -10.87
C ALA A 145 6.50 4.84 -9.66
N ALA A 146 6.70 3.55 -9.90
CA ALA A 146 6.96 2.60 -8.85
C ALA A 146 8.22 2.97 -8.08
N ALA A 147 9.23 3.41 -8.82
CA ALA A 147 10.50 3.82 -8.22
C ALA A 147 10.32 5.13 -7.44
N ILE A 148 9.56 6.06 -8.01
CA ILE A 148 9.31 7.34 -7.36
C ILE A 148 8.57 7.13 -6.04
N TYR A 149 7.69 6.14 -6.05
CA TYR A 149 6.90 5.80 -4.87
C TYR A 149 7.81 5.42 -3.72
N MET A 150 8.76 4.53 -3.99
CA MET A 150 9.69 4.08 -2.97
C MET A 150 10.73 5.14 -2.66
N ALA A 151 11.06 5.94 -3.67
CA ALA A 151 12.05 7.01 -3.50
C ALA A 151 11.61 7.97 -2.40
N SER A 152 10.34 8.33 -2.41
CA SER A 152 9.79 9.22 -1.41
C SER A 152 9.94 8.62 -0.02
N GLN A 153 9.78 7.30 0.06
CA GLN A 153 9.90 6.59 1.33
C GLN A 153 11.35 6.58 1.80
N ALA A 154 12.26 6.40 0.85
CA ALA A 154 13.69 6.35 1.16
C ALA A 154 14.22 7.74 1.51
N SER A 155 13.43 8.76 1.21
CA SER A 155 13.79 10.13 1.51
C SER A 155 13.11 10.60 2.80
N ALA A 156 12.37 9.68 3.41
CA ALA A 156 11.64 9.95 4.65
C ALA A 156 10.64 11.08 4.45
N GLU A 157 10.14 11.21 3.22
CA GLU A 157 9.18 12.26 2.89
C GLU A 157 8.08 11.71 1.98
N LYS A 158 6.96 11.36 2.57
CA LYS A 158 5.84 10.81 1.80
C LYS A 158 5.00 11.94 1.21
N ARG A 159 4.30 11.63 0.13
CA ARG A 159 3.44 12.59 -0.55
C ARG A 159 2.00 12.11 -0.47
N THR A 160 1.15 12.61 -1.35
CA THR A 160 -0.24 12.17 -1.37
C THR A 160 -0.38 11.05 -2.39
N GLN A 161 -1.28 10.12 -2.14
CA GLN A 161 -1.50 9.00 -3.05
C GLN A 161 -2.20 9.49 -4.32
N LYS A 162 -2.62 10.75 -4.28
CA LYS A 162 -3.29 11.38 -5.41
C LYS A 162 -2.26 11.82 -6.46
N GLU A 163 -1.29 12.63 -6.03
CA GLU A 163 -0.26 13.14 -6.93
C GLU A 163 0.65 12.03 -7.44
N ILE A 164 1.03 11.13 -6.54
CA ILE A 164 1.91 10.03 -6.90
C ILE A 164 1.10 8.81 -7.34
N GLY A 165 -0.19 9.01 -7.54
CA GLY A 165 -1.05 7.93 -7.95
C GLY A 165 -1.65 8.15 -9.33
N ASP A 166 -2.90 8.58 -9.37
CA ASP A 166 -3.59 8.80 -10.63
C ASP A 166 -3.08 10.04 -11.35
N ILE A 167 -2.60 11.03 -10.60
CA ILE A 167 -2.09 12.26 -11.20
C ILE A 167 -0.81 11.98 -11.98
N ALA A 168 -0.08 10.95 -11.57
CA ALA A 168 1.18 10.58 -12.23
C ALA A 168 0.91 9.97 -13.60
N GLY A 169 -0.35 9.62 -13.86
CA GLY A 169 -0.70 9.03 -15.14
C GLY A 169 -0.66 7.52 -15.07
N VAL A 170 -0.55 7.00 -13.86
CA VAL A 170 -0.50 5.57 -13.62
C VAL A 170 -1.60 5.19 -12.63
N ALA A 171 -1.59 3.95 -12.18
CA ALA A 171 -2.58 3.49 -11.22
C ALA A 171 -1.90 2.78 -10.07
N ASP A 172 -2.50 2.81 -8.90
CA ASP A 172 -1.92 2.18 -7.71
C ASP A 172 -1.70 0.69 -7.96
N VAL A 173 -2.68 0.03 -8.56
CA VAL A 173 -2.59 -1.40 -8.85
C VAL A 173 -1.30 -1.74 -9.61
N THR A 174 -0.93 -0.90 -10.56
CA THR A 174 0.27 -1.13 -11.35
C THR A 174 1.51 -1.06 -10.45
N ILE A 175 1.57 -0.01 -9.63
CA ILE A 175 2.69 0.18 -8.71
C ILE A 175 2.72 -0.93 -7.66
N ARG A 176 1.55 -1.25 -7.14
CA ARG A 176 1.39 -2.29 -6.13
C ARG A 176 1.85 -3.63 -6.65
N GLN A 177 1.62 -3.90 -7.93
CA GLN A 177 2.02 -5.15 -8.55
C GLN A 177 3.53 -5.16 -8.74
N SER A 178 4.06 -4.02 -9.19
CA SER A 178 5.48 -3.86 -9.42
C SER A 178 6.28 -4.08 -8.14
N TYR A 179 5.81 -3.47 -7.07
CA TYR A 179 6.48 -3.58 -5.78
C TYR A 179 5.78 -4.59 -4.87
N ARG A 180 5.21 -5.64 -5.47
CA ARG A 180 4.52 -6.66 -4.69
C ARG A 180 5.48 -7.75 -4.24
N LEU A 181 6.17 -8.35 -5.20
CA LEU A 181 7.12 -9.40 -4.90
C LEU A 181 8.53 -8.97 -5.31
N ILE A 182 8.77 -7.68 -5.22
CA ILE A 182 10.06 -7.11 -5.60
C ILE A 182 11.04 -7.17 -4.43
N TYR A 183 10.54 -7.48 -3.23
CA TYR A 183 11.38 -7.55 -2.06
C TYR A 183 11.34 -8.95 -1.45
N PRO A 184 12.51 -9.61 -1.38
CA PRO A 184 12.62 -10.95 -0.78
C PRO A 184 12.62 -10.86 0.74
N ARG A 185 12.94 -9.68 1.25
CA ARG A 185 12.97 -9.40 2.67
C ARG A 185 13.09 -7.90 2.89
N ALA A 186 14.01 -7.29 2.15
CA ALA A 186 14.24 -5.86 2.22
C ALA A 186 14.35 -5.29 0.81
N PRO A 187 14.25 -3.97 0.65
CA PRO A 187 14.35 -3.33 -0.66
C PRO A 187 15.80 -3.31 -1.15
N ASP A 188 16.23 -4.43 -1.71
CA ASP A 188 17.60 -4.57 -2.21
C ASP A 188 17.71 -4.05 -3.64
N LEU A 189 16.81 -3.15 -4.00
CA LEU A 189 16.80 -2.57 -5.33
C LEU A 189 17.49 -1.21 -5.30
N PHE A 190 18.10 -0.88 -4.16
CA PHE A 190 18.80 0.37 -4.00
C PHE A 190 20.28 0.18 -4.28
N PRO A 191 20.82 0.93 -5.25
CA PRO A 191 22.24 0.85 -5.63
C PRO A 191 23.14 1.52 -4.59
N THR A 192 23.47 2.79 -4.81
CA THR A 192 24.32 3.53 -3.89
C THR A 192 24.04 5.04 -3.98
N ASP A 193 23.47 5.45 -5.11
CA ASP A 193 23.15 6.86 -5.36
C ASP A 193 22.30 7.42 -4.24
N PHE A 194 21.31 6.64 -3.81
CA PHE A 194 20.42 7.06 -2.74
C PHE A 194 21.13 7.00 -1.40
N LYS A 195 21.24 8.16 -0.73
CA LYS A 195 21.89 8.24 0.56
C LYS A 195 21.05 7.52 1.63
N PHE A 196 19.74 7.43 1.36
CA PHE A 196 18.79 6.78 2.27
C PHE A 196 18.64 7.62 3.54
N ASP A 197 17.56 8.39 3.59
CA ASP A 197 17.29 9.25 4.74
C ASP A 197 16.51 8.49 5.81
N THR A 198 16.05 7.30 5.46
CA THR A 198 15.28 6.49 6.38
C THR A 198 16.12 5.31 6.89
N PRO A 199 16.54 5.36 8.16
CA PRO A 199 17.34 4.32 8.78
C PRO A 199 16.52 3.08 9.14
N VAL A 200 15.88 2.48 8.13
CA VAL A 200 15.06 1.31 8.34
C VAL A 200 15.70 0.05 7.75
N ASP A 201 16.43 0.23 6.64
CA ASP A 201 17.10 -0.87 5.93
C ASP A 201 16.07 -1.83 5.32
N LYS A 202 15.44 -2.62 6.16
CA LYS A 202 14.43 -3.58 5.72
C LYS A 202 13.05 -2.95 5.79
N LEU A 203 12.45 -2.76 4.62
CA LEU A 203 11.14 -2.15 4.52
C LEU A 203 10.36 -2.78 3.36
N PRO A 204 9.04 -2.97 3.54
CA PRO A 204 8.18 -3.56 2.51
C PRO A 204 7.64 -2.50 1.54
N GLN A 205 6.31 -2.46 1.37
CA GLN A 205 5.68 -1.51 0.46
C GLN A 205 5.54 -0.14 1.12
N LEU A 206 6.67 0.44 1.53
CA LEU A 206 6.71 1.75 2.18
C LEU A 206 6.21 1.67 3.63
N TYR B 1 -5.05 -21.97 -5.18
CA TYR B 1 -4.48 -20.76 -5.79
C TYR B 1 -5.09 -19.52 -5.16
N GLY B 2 -6.43 -19.45 -5.19
CA GLY B 2 -7.13 -18.30 -4.64
C GLY B 2 -6.84 -18.08 -3.17
N ALA B 3 -6.94 -19.15 -2.38
CA ALA B 3 -6.70 -19.04 -0.95
C ALA B 3 -5.24 -18.74 -0.62
N LEU B 4 -4.35 -18.96 -1.59
CA LEU B 4 -2.93 -18.68 -1.39
C LEU B 4 -2.68 -17.18 -1.54
N ASP B 5 -3.63 -16.50 -2.18
CA ASP B 5 -3.56 -15.06 -2.39
C ASP B 5 -4.03 -14.33 -1.12
N MET B 6 -3.65 -14.87 0.02
CA MET B 6 -4.02 -14.30 1.30
C MET B 6 -2.81 -14.21 2.22
N ALA B 7 -1.75 -14.93 1.89
CA ALA B 7 -0.55 -14.96 2.71
C ALA B 7 0.53 -14.00 2.18
N ASP B 8 0.21 -13.25 1.14
CA ASP B 8 1.16 -12.30 0.57
C ASP B 8 1.18 -11.02 1.40
N PHE B 9 0.00 -10.47 1.67
CA PHE B 9 -0.10 -9.25 2.46
C PHE B 9 -0.05 -9.59 3.94
N GLU B 10 -0.18 -10.87 4.23
CA GLU B 10 -0.12 -11.37 5.60
C GLU B 10 1.28 -11.12 6.16
N PHE B 11 2.29 -11.49 5.38
CA PHE B 11 3.67 -11.31 5.78
C PHE B 11 4.03 -9.82 5.77
N GLU B 12 3.27 -9.04 5.01
CA GLU B 12 3.49 -7.60 4.93
C GLU B 12 3.25 -6.99 6.32
N GLN B 13 2.20 -7.47 6.97
CA GLN B 13 1.85 -7.01 8.31
C GLN B 13 2.74 -7.70 9.35
N MET B 14 3.06 -8.96 9.09
CA MET B 14 3.90 -9.73 10.01
C MET B 14 5.32 -9.16 10.08
N PHE B 15 5.87 -8.86 8.91
CA PHE B 15 7.22 -8.30 8.82
C PHE B 15 7.33 -7.00 9.59
N THR B 16 6.31 -6.16 9.46
CA THR B 16 6.29 -4.87 10.14
C THR B 16 5.85 -5.01 11.60
N ASP B 17 6.28 -6.09 12.25
CA ASP B 17 5.94 -6.34 13.65
C ASP B 17 6.87 -7.36 14.26
N ALA B 18 6.89 -8.56 13.67
CA ALA B 18 7.74 -9.64 14.16
C ALA B 18 9.20 -9.30 13.95
N LEU B 19 9.47 -8.54 12.92
CA LEU B 19 10.82 -8.12 12.59
C LEU B 19 10.85 -6.61 12.39
N GLY B 20 10.18 -5.89 13.29
CA GLY B 20 10.13 -4.45 13.20
C GLY B 20 9.88 -3.80 14.55
N ILE B 21 10.62 -4.23 15.57
CA ILE B 21 10.47 -3.70 16.91
C ILE B 21 11.53 -4.25 17.87
N ASP B 22 11.92 -5.50 17.67
CA ASP B 22 12.92 -6.14 18.53
C ASP B 22 14.30 -5.56 18.25
N GLU B 23 14.60 -5.39 16.97
CA GLU B 23 15.88 -4.86 16.54
C GLU B 23 15.99 -3.38 16.92
N TYR B 24 14.86 -2.78 17.29
CA TYR B 24 14.84 -1.39 17.68
C TYR B 24 15.39 -1.23 19.09
N GLY B 25 15.52 -2.36 19.79
CA GLY B 25 16.04 -2.35 21.15
C GLY B 25 17.51 -1.96 21.22
N GLY B 26 18.20 -2.11 20.10
CA GLY B 26 19.61 -1.76 20.05
C GLY B 26 20.28 -2.31 18.81
N SER A 1 -26.33 -5.47 18.22
CA SER A 1 -25.48 -4.74 17.25
C SER A 1 -24.38 -3.94 17.96
N ARG A 2 -24.01 -4.37 19.16
CA ARG A 2 -22.98 -3.67 19.92
C ARG A 2 -21.61 -3.87 19.27
N ALA A 3 -21.45 -5.00 18.60
CA ALA A 3 -20.19 -5.31 17.92
C ALA A 3 -20.01 -4.38 16.74
N MET A 4 -21.10 -4.20 15.99
CA MET A 4 -21.10 -3.34 14.82
C MET A 4 -20.79 -1.90 15.22
N MET A 5 -21.49 -1.41 16.23
CA MET A 5 -21.29 -0.05 16.71
C MET A 5 -19.88 0.15 17.22
N ASN A 6 -19.40 -0.79 18.03
CA ASN A 6 -18.06 -0.73 18.60
C ASN A 6 -17.02 -0.67 17.49
N ALA A 7 -17.12 -1.58 16.53
CA ALA A 7 -16.19 -1.66 15.42
C ALA A 7 -16.13 -0.36 14.63
N PHE A 8 -17.29 0.14 14.20
CA PHE A 8 -17.34 1.39 13.45
C PHE A 8 -16.86 2.57 14.28
N LYS A 9 -17.18 2.56 15.57
CA LYS A 9 -16.77 3.64 16.45
C LYS A 9 -15.25 3.67 16.56
N GLU A 10 -14.64 2.50 16.76
CA GLU A 10 -13.19 2.40 16.87
C GLU A 10 -12.52 2.84 15.58
N ILE A 11 -13.12 2.46 14.45
CA ILE A 11 -12.59 2.83 13.14
C ILE A 11 -12.62 4.36 12.98
N THR A 12 -13.78 4.95 13.26
CA THR A 12 -13.96 6.39 13.15
C THR A 12 -12.96 7.12 14.04
N THR A 13 -12.86 6.70 15.29
CA THR A 13 -11.95 7.31 16.25
C THR A 13 -10.49 7.12 15.82
N MET A 14 -10.17 5.92 15.35
CA MET A 14 -8.82 5.60 14.91
C MET A 14 -8.36 6.56 13.81
N ALA A 15 -9.14 6.65 12.75
CA ALA A 15 -8.80 7.52 11.63
C ALA A 15 -8.74 8.98 12.07
N ASP A 16 -9.65 9.35 12.96
CA ASP A 16 -9.70 10.72 13.47
C ASP A 16 -8.43 11.06 14.24
N ARG A 17 -7.88 10.08 14.95
CA ARG A 17 -6.65 10.28 15.72
C ARG A 17 -5.47 10.55 14.80
N ILE A 18 -5.56 10.03 13.58
CA ILE A 18 -4.50 10.22 12.59
C ILE A 18 -4.77 11.49 11.79
N ASN A 19 -5.79 12.25 12.21
CA ASN A 19 -6.17 13.50 11.56
C ASN A 19 -6.63 13.21 10.13
N LEU A 20 -7.19 12.03 9.94
CA LEU A 20 -7.69 11.60 8.65
C LEU A 20 -9.12 12.06 8.45
N PRO A 21 -9.40 12.76 7.32
CA PRO A 21 -10.74 13.25 7.00
C PRO A 21 -11.77 12.11 6.95
N ARG A 22 -13.04 12.48 7.10
CA ARG A 22 -14.13 11.50 7.09
C ARG A 22 -14.27 10.84 5.72
N ASN A 23 -13.62 11.41 4.72
CA ASN A 23 -13.63 10.88 3.36
C ASN A 23 -13.24 9.40 3.34
N ILE A 24 -12.18 9.07 4.05
CA ILE A 24 -11.71 7.70 4.11
C ILE A 24 -12.58 6.86 5.05
N VAL A 25 -13.02 7.47 6.13
CA VAL A 25 -13.88 6.80 7.10
C VAL A 25 -15.17 6.33 6.44
N ASP A 26 -15.75 7.20 5.61
CA ASP A 26 -16.99 6.88 4.89
C ASP A 26 -16.78 5.68 3.98
N ARG A 27 -15.67 5.69 3.24
CA ARG A 27 -15.35 4.59 2.34
C ARG A 27 -15.17 3.30 3.11
N THR A 28 -14.45 3.40 4.23
CA THR A 28 -14.22 2.25 5.09
C THR A 28 -15.52 1.69 5.63
N ASN A 29 -16.44 2.59 5.98
CA ASN A 29 -17.75 2.19 6.51
C ASN A 29 -18.51 1.34 5.50
N ASN A 30 -18.51 1.78 4.24
CA ASN A 30 -19.22 1.07 3.19
C ASN A 30 -18.54 -0.26 2.86
N LEU A 31 -17.23 -0.34 3.12
CA LEU A 31 -16.48 -1.56 2.85
C LEU A 31 -16.62 -2.54 4.01
N PHE A 32 -16.46 -2.04 5.23
CA PHE A 32 -16.54 -2.86 6.43
C PHE A 32 -17.90 -3.53 6.58
N LYS A 33 -18.96 -2.82 6.18
CA LYS A 33 -20.31 -3.36 6.28
C LYS A 33 -20.49 -4.55 5.33
N GLN A 34 -19.70 -4.56 4.26
CA GLN A 34 -19.77 -5.63 3.28
C GLN A 34 -18.91 -6.80 3.71
N VAL A 35 -17.76 -6.50 4.29
CA VAL A 35 -16.84 -7.53 4.75
C VAL A 35 -17.04 -7.82 6.23
N TYR A 36 -18.23 -7.48 6.74
CA TYR A 36 -18.56 -7.71 8.14
C TYR A 36 -18.44 -9.18 8.50
N GLU A 37 -18.85 -10.03 7.55
CA GLU A 37 -18.78 -11.46 7.74
C GLU A 37 -17.70 -12.06 6.84
N GLN A 38 -16.69 -11.25 6.52
CA GLN A 38 -15.58 -11.67 5.67
C GLN A 38 -14.86 -12.88 6.26
N LYS A 39 -15.15 -14.06 5.70
CA LYS A 39 -14.54 -15.32 6.14
C LYS A 39 -14.77 -15.56 7.63
N SER A 40 -15.77 -14.87 8.20
CA SER A 40 -16.09 -14.98 9.62
C SER A 40 -14.88 -14.62 10.48
N LEU A 41 -14.02 -13.76 9.95
CA LEU A 41 -12.81 -13.35 10.66
C LEU A 41 -13.11 -12.27 11.70
N LYS A 42 -14.34 -11.78 11.73
CA LYS A 42 -14.72 -10.75 12.69
C LYS A 42 -14.83 -11.31 14.10
N GLY A 43 -14.73 -12.64 14.20
CA GLY A 43 -14.82 -13.30 15.49
C GLY A 43 -13.67 -12.94 16.41
N ARG A 44 -12.45 -12.97 15.88
CA ARG A 44 -11.27 -12.64 16.67
C ARG A 44 -10.33 -11.72 15.91
N ALA A 45 -10.45 -11.73 14.59
CA ALA A 45 -9.60 -10.90 13.74
C ALA A 45 -10.34 -9.64 13.31
N ASN A 46 -11.18 -9.12 14.18
CA ASN A 46 -11.95 -7.91 13.90
C ASN A 46 -11.02 -6.72 13.69
N ASP A 47 -9.92 -6.70 14.44
CA ASP A 47 -8.92 -5.65 14.33
C ASP A 47 -8.19 -5.75 12.99
N ALA A 48 -8.03 -6.98 12.53
CA ALA A 48 -7.36 -7.25 11.26
C ALA A 48 -8.20 -6.73 10.10
N ILE A 49 -9.48 -7.08 10.09
CA ILE A 49 -10.39 -6.64 9.03
C ILE A 49 -10.46 -5.11 9.00
N ALA A 50 -10.54 -4.50 10.18
CA ALA A 50 -10.60 -3.05 10.29
C ALA A 50 -9.36 -2.42 9.66
N SER A 51 -8.20 -2.98 9.97
CA SER A 51 -6.94 -2.49 9.43
C SER A 51 -6.89 -2.68 7.92
N ALA A 52 -7.41 -3.82 7.45
CA ALA A 52 -7.42 -4.13 6.03
C ALA A 52 -8.26 -3.13 5.25
N CYS A 53 -9.44 -2.82 5.77
CA CYS A 53 -10.33 -1.86 5.11
C CYS A 53 -9.69 -0.48 5.05
N LEU A 54 -9.13 -0.05 6.17
CA LEU A 54 -8.47 1.26 6.25
C LEU A 54 -7.28 1.30 5.30
N TYR A 55 -6.54 0.20 5.27
CA TYR A 55 -5.36 0.06 4.41
C TYR A 55 -5.69 0.41 2.96
N ILE A 56 -6.69 -0.25 2.40
CA ILE A 56 -7.07 -0.03 1.02
C ILE A 56 -7.64 1.38 0.80
N ALA A 57 -8.51 1.80 1.70
CA ALA A 57 -9.15 3.11 1.59
C ALA A 57 -8.15 4.26 1.60
N CYS A 58 -7.19 4.23 2.53
CA CYS A 58 -6.20 5.29 2.62
C CYS A 58 -5.17 5.22 1.50
N ARG A 59 -4.91 4.01 1.01
CA ARG A 59 -3.94 3.81 -0.06
C ARG A 59 -4.44 4.43 -1.36
N GLN A 60 -5.76 4.49 -1.53
CA GLN A 60 -6.35 5.07 -2.73
C GLN A 60 -5.97 6.54 -2.86
N GLU A 61 -6.42 7.34 -1.91
CA GLU A 61 -6.14 8.77 -1.88
C GLU A 61 -6.52 9.35 -0.53
N GLY A 62 -6.02 8.73 0.53
CA GLY A 62 -6.33 9.20 1.86
C GLY A 62 -5.17 9.87 2.56
N VAL A 63 -4.08 9.14 2.71
CA VAL A 63 -2.90 9.67 3.38
C VAL A 63 -1.70 9.64 2.44
N PRO A 64 -0.71 10.51 2.68
CA PRO A 64 0.51 10.54 1.87
C PRO A 64 1.32 9.27 2.05
N ARG A 65 1.94 8.82 0.96
CA ARG A 65 2.74 7.60 0.95
C ARG A 65 1.87 6.35 1.05
N THR A 66 1.57 5.91 2.26
CA THR A 66 0.78 4.71 2.44
C THR A 66 0.20 4.60 3.86
N PHE A 67 -0.25 3.40 4.21
CA PHE A 67 -0.85 3.10 5.51
C PHE A 67 0.18 3.20 6.64
N LYS A 68 1.43 3.52 6.30
CA LYS A 68 2.51 3.64 7.28
C LYS A 68 2.16 4.66 8.36
N GLU A 69 1.52 5.75 7.94
CA GLU A 69 1.13 6.82 8.84
C GLU A 69 0.02 6.38 9.80
N ILE A 70 -0.61 5.25 9.49
CA ILE A 70 -1.69 4.73 10.30
C ILE A 70 -1.35 3.35 10.88
N CYS A 71 -0.06 3.00 10.86
CA CYS A 71 0.38 1.70 11.38
C CYS A 71 0.45 1.73 12.91
N ALA A 72 -0.54 2.34 13.53
CA ALA A 72 -0.60 2.45 14.97
C ALA A 72 -1.94 1.93 15.50
N VAL A 73 -2.75 1.38 14.59
CA VAL A 73 -4.05 0.85 14.96
C VAL A 73 -4.02 -0.68 15.08
N SER A 74 -3.43 -1.35 14.09
CA SER A 74 -3.34 -2.80 14.08
C SER A 74 -2.67 -3.32 15.34
N ARG A 75 -3.45 -3.96 16.19
CA ARG A 75 -2.97 -4.50 17.44
C ARG A 75 -3.02 -6.02 17.44
N ILE A 76 -3.78 -6.57 16.50
CA ILE A 76 -3.90 -8.02 16.39
C ILE A 76 -2.68 -8.60 15.66
N SER A 77 -2.51 -9.91 15.76
CA SER A 77 -1.41 -10.61 15.11
C SER A 77 -1.45 -10.35 13.61
N LYS A 78 -0.32 -9.90 13.08
CA LYS A 78 -0.21 -9.59 11.66
C LYS A 78 -0.34 -10.84 10.79
N LYS A 79 -0.24 -12.01 11.42
CA LYS A 79 -0.33 -13.28 10.72
C LYS A 79 -1.72 -13.52 10.11
N GLU A 80 -2.70 -12.72 10.50
CA GLU A 80 -4.05 -12.86 9.96
C GLU A 80 -4.68 -11.50 9.66
N ILE A 81 -3.86 -10.47 9.51
CA ILE A 81 -4.36 -9.13 9.23
C ILE A 81 -4.76 -8.99 7.76
N GLY A 82 -3.80 -9.15 6.87
CA GLY A 82 -4.07 -9.01 5.45
C GLY A 82 -4.57 -10.30 4.81
N ARG A 83 -5.34 -11.07 5.57
CA ARG A 83 -5.88 -12.33 5.05
C ARG A 83 -7.21 -12.11 4.34
N CYS A 84 -7.43 -10.87 3.94
CA CYS A 84 -8.63 -10.47 3.22
C CYS A 84 -8.39 -9.18 2.45
N PHE A 85 -7.12 -8.83 2.33
CA PHE A 85 -6.71 -7.60 1.65
C PHE A 85 -7.07 -7.62 0.16
N LYS A 86 -6.63 -8.66 -0.53
CA LYS A 86 -6.90 -8.78 -1.96
C LYS A 86 -8.32 -9.25 -2.21
N LEU A 87 -8.93 -9.86 -1.20
CA LEU A 87 -10.30 -10.35 -1.32
C LEU A 87 -11.26 -9.20 -1.55
N ILE A 88 -11.00 -8.07 -0.90
CA ILE A 88 -11.85 -6.88 -1.05
C ILE A 88 -11.62 -6.26 -2.42
N LEU A 89 -10.38 -6.35 -2.91
CA LEU A 89 -10.02 -5.80 -4.21
C LEU A 89 -10.63 -6.63 -5.34
N LYS A 90 -10.97 -7.87 -5.05
CA LYS A 90 -11.57 -8.74 -6.04
C LYS A 90 -13.03 -8.39 -6.27
N ALA A 91 -13.58 -7.57 -5.38
CA ALA A 91 -14.97 -7.16 -5.48
C ALA A 91 -15.14 -6.03 -6.51
N LEU A 92 -14.07 -5.28 -6.73
CA LEU A 92 -14.12 -4.17 -7.69
C LEU A 92 -12.72 -3.87 -8.23
N GLU A 93 -12.58 -3.98 -9.55
CA GLU A 93 -11.31 -3.73 -10.20
C GLU A 93 -11.37 -2.41 -10.99
N THR A 94 -10.24 -1.72 -11.07
CA THR A 94 -10.19 -0.46 -11.80
C THR A 94 -10.26 -0.70 -13.30
N SER A 95 -9.88 -1.91 -13.72
CA SER A 95 -9.92 -2.31 -15.13
C SER A 95 -9.01 -1.43 -15.98
N VAL A 96 -7.77 -1.28 -15.52
CA VAL A 96 -6.80 -0.45 -16.22
C VAL A 96 -5.41 -1.13 -16.20
N ASP A 97 -4.36 -0.39 -15.82
CA ASP A 97 -2.97 -0.90 -15.74
C ASP A 97 -2.32 -0.99 -17.12
N LEU A 98 -3.12 -1.26 -18.14
CA LEU A 98 -2.62 -1.37 -19.52
C LEU A 98 -2.36 0.01 -20.14
N ILE A 99 -1.56 0.83 -19.45
CA ILE A 99 -1.24 2.16 -19.95
C ILE A 99 0.28 2.37 -19.96
N THR A 100 0.80 2.98 -18.89
CA THR A 100 2.22 3.25 -18.76
C THR A 100 2.76 4.11 -19.91
N THR A 101 2.07 5.21 -20.18
CA THR A 101 2.46 6.10 -21.27
C THR A 101 3.03 7.42 -20.75
N GLY A 102 2.25 8.09 -19.91
CA GLY A 102 2.68 9.38 -19.36
C GLY A 102 3.83 9.26 -18.38
N ASP A 103 4.00 8.08 -17.82
CA ASP A 103 5.07 7.86 -16.84
C ASP A 103 6.44 7.75 -17.54
N PHE A 104 6.43 7.73 -18.86
CA PHE A 104 7.66 7.64 -19.63
C PHE A 104 8.45 8.94 -19.54
N MET A 105 7.73 10.04 -19.33
CA MET A 105 8.37 11.34 -19.21
C MET A 105 8.78 11.59 -17.77
N SER A 106 7.94 11.10 -16.85
CA SER A 106 8.19 11.19 -15.40
C SER A 106 8.36 12.64 -14.90
N ARG A 107 7.91 13.62 -15.67
CA ARG A 107 8.06 15.00 -15.25
C ARG A 107 6.82 15.47 -14.48
N PHE A 108 5.66 15.36 -15.09
CA PHE A 108 4.41 15.78 -14.44
C PHE A 108 4.06 14.81 -13.30
N CYS A 109 4.72 13.66 -13.28
CA CYS A 109 4.51 12.67 -12.23
C CYS A 109 5.00 13.22 -10.90
N SER A 110 5.89 14.20 -10.98
CA SER A 110 6.45 14.83 -9.81
C SER A 110 6.11 16.32 -9.79
N ASN A 111 4.91 16.66 -10.29
CA ASN A 111 4.45 18.04 -10.33
C ASN A 111 4.05 18.53 -8.94
N LEU A 112 5.01 18.52 -8.03
CA LEU A 112 4.79 18.95 -6.66
C LEU A 112 6.08 19.56 -6.12
N CYS A 113 6.88 20.11 -7.04
CA CYS A 113 8.17 20.71 -6.69
C CYS A 113 9.06 19.69 -5.99
N LEU A 114 9.13 18.50 -6.55
CA LEU A 114 9.94 17.43 -5.99
C LEU A 114 11.40 17.61 -6.35
N PRO A 115 12.30 17.53 -5.36
CA PRO A 115 13.74 17.68 -5.58
C PRO A 115 14.29 16.62 -6.53
N LYS A 116 15.25 17.02 -7.36
CA LYS A 116 15.87 16.11 -8.32
C LYS A 116 16.52 14.91 -7.65
N GLN A 117 16.89 15.09 -6.38
CA GLN A 117 17.51 14.02 -5.59
C GLN A 117 16.61 12.80 -5.54
N VAL A 118 15.33 13.02 -5.25
CA VAL A 118 14.35 11.95 -5.16
C VAL A 118 14.13 11.32 -6.54
N GLN A 119 14.04 12.18 -7.54
CA GLN A 119 13.84 11.74 -8.92
C GLN A 119 15.00 10.84 -9.36
N MET A 120 16.22 11.31 -9.11
CA MET A 120 17.43 10.57 -9.46
C MET A 120 17.47 9.23 -8.73
N ALA A 121 17.16 9.25 -7.44
CA ALA A 121 17.15 8.04 -6.63
C ALA A 121 16.15 7.04 -7.17
N ALA A 122 14.97 7.54 -7.53
CA ALA A 122 13.91 6.68 -8.07
C ALA A 122 14.32 6.08 -9.42
N THR A 123 15.08 6.85 -10.19
CA THR A 123 15.53 6.41 -11.50
C THR A 123 16.31 5.10 -11.40
N HIS A 124 17.24 5.02 -10.45
CA HIS A 124 18.05 3.81 -10.30
C HIS A 124 17.27 2.68 -9.63
N ILE A 125 16.14 3.00 -9.00
CA ILE A 125 15.33 1.98 -8.35
C ILE A 125 14.66 1.12 -9.42
N ALA A 126 14.00 1.78 -10.37
CA ALA A 126 13.34 1.09 -11.46
C ALA A 126 14.36 0.30 -12.27
N ARG A 127 15.53 0.90 -12.43
CA ARG A 127 16.63 0.27 -13.16
C ARG A 127 17.05 -1.02 -12.48
N LYS A 128 17.21 -0.98 -11.16
CA LYS A 128 17.61 -2.15 -10.40
C LYS A 128 16.48 -3.18 -10.36
N ALA A 129 15.26 -2.70 -10.23
CA ALA A 129 14.09 -3.57 -10.16
C ALA A 129 13.95 -4.42 -11.42
N VAL A 130 14.20 -3.81 -12.58
CA VAL A 130 14.09 -4.54 -13.84
C VAL A 130 15.29 -5.47 -14.03
N GLU A 131 16.41 -5.14 -13.39
CA GLU A 131 17.61 -5.96 -13.50
C GLU A 131 17.44 -7.25 -12.70
N LEU A 132 16.78 -7.13 -11.56
CA LEU A 132 16.52 -8.29 -10.70
C LEU A 132 15.34 -9.10 -11.27
N ASP A 133 14.52 -8.43 -12.06
CA ASP A 133 13.35 -9.03 -12.70
C ASP A 133 12.40 -9.65 -11.67
N LEU A 134 11.65 -8.81 -10.98
CA LEU A 134 10.72 -9.30 -9.97
C LEU A 134 9.28 -9.04 -10.39
N VAL A 135 9.10 -8.35 -11.51
CA VAL A 135 7.76 -8.03 -11.99
C VAL A 135 7.52 -8.66 -13.37
N PRO A 136 6.91 -9.86 -13.39
CA PRO A 136 6.61 -10.58 -14.61
C PRO A 136 5.19 -10.30 -15.11
N GLY A 137 5.04 -9.27 -15.94
CA GLY A 137 3.74 -8.94 -16.47
C GLY A 137 3.66 -7.53 -16.98
N ARG A 138 3.60 -6.58 -16.06
CA ARG A 138 3.52 -5.17 -16.41
C ARG A 138 4.86 -4.68 -16.97
N SER A 139 4.78 -3.71 -17.87
CA SER A 139 5.94 -3.12 -18.51
C SER A 139 6.91 -2.54 -17.47
N PRO A 140 8.22 -2.75 -17.65
CA PRO A 140 9.26 -2.26 -16.72
C PRO A 140 9.22 -0.75 -16.52
N ILE A 141 8.62 -0.03 -17.46
CA ILE A 141 8.51 1.42 -17.37
C ILE A 141 7.60 1.83 -16.21
N SER A 142 6.69 0.93 -15.83
CA SER A 142 5.74 1.19 -14.76
C SER A 142 6.41 1.29 -13.39
N VAL A 143 7.64 0.80 -13.31
CA VAL A 143 8.37 0.82 -12.05
C VAL A 143 8.91 2.22 -11.77
N ALA A 144 8.79 3.11 -12.75
CA ALA A 144 9.26 4.49 -12.59
C ALA A 144 8.45 5.21 -11.52
N ALA A 145 7.16 5.39 -11.78
CA ALA A 145 6.26 6.05 -10.83
C ALA A 145 6.28 5.34 -9.48
N ALA A 146 6.34 4.01 -9.52
CA ALA A 146 6.37 3.21 -8.30
C ALA A 146 7.63 3.54 -7.50
N ALA A 147 8.75 3.65 -8.19
CA ALA A 147 10.02 3.98 -7.55
C ALA A 147 9.98 5.39 -6.99
N ILE A 148 9.45 6.33 -7.77
CA ILE A 148 9.35 7.72 -7.33
C ILE A 148 8.50 7.81 -6.06
N TYR A 149 7.43 7.03 -6.03
CA TYR A 149 6.52 7.01 -4.89
C TYR A 149 7.23 6.45 -3.66
N MET A 150 7.86 5.30 -3.79
CA MET A 150 8.56 4.67 -2.66
C MET A 150 9.77 5.49 -2.24
N ALA A 151 10.36 6.21 -3.19
CA ALA A 151 11.52 7.06 -2.90
C ALA A 151 11.09 8.24 -2.04
N SER A 152 9.89 8.74 -2.32
CA SER A 152 9.32 9.85 -1.58
C SER A 152 9.06 9.44 -0.14
N GLN A 153 8.78 8.16 0.06
CA GLN A 153 8.52 7.62 1.38
C GLN A 153 9.79 7.64 2.22
N ALA A 154 10.90 7.22 1.61
CA ALA A 154 12.19 7.18 2.29
C ALA A 154 12.64 8.58 2.70
N SER A 155 12.39 9.55 1.83
CA SER A 155 12.77 10.92 2.11
C SER A 155 11.72 11.62 2.98
N ALA A 156 10.65 10.87 3.30
CA ALA A 156 9.56 11.38 4.11
C ALA A 156 8.92 12.62 3.49
N GLU A 157 8.83 12.62 2.17
CA GLU A 157 8.24 13.74 1.46
C GLU A 157 6.72 13.60 1.42
N LYS A 158 6.02 14.73 1.44
CA LYS A 158 4.58 14.73 1.43
C LYS A 158 4.06 14.44 0.02
N ARG A 159 4.04 13.17 -0.34
CA ARG A 159 3.57 12.76 -1.65
C ARG A 159 2.41 11.78 -1.49
N THR A 160 1.19 12.28 -1.69
CA THR A 160 0.02 11.44 -1.61
C THR A 160 -0.22 10.76 -2.95
N GLN A 161 -0.99 9.68 -2.92
CA GLN A 161 -1.30 8.92 -4.14
C GLN A 161 -1.94 9.84 -5.18
N LYS A 162 -2.78 10.75 -4.72
CA LYS A 162 -3.47 11.68 -5.60
C LYS A 162 -2.52 12.79 -6.09
N GLU A 163 -1.30 12.79 -5.58
CA GLU A 163 -0.32 13.78 -5.97
C GLU A 163 0.72 13.20 -6.91
N ILE A 164 0.56 11.92 -7.25
CA ILE A 164 1.49 11.25 -8.16
C ILE A 164 0.76 10.35 -9.15
N GLY A 165 0.10 9.31 -8.66
CA GLY A 165 -0.61 8.40 -9.54
C GLY A 165 -1.81 9.04 -10.19
N ASP A 166 -2.57 9.79 -9.40
CA ASP A 166 -3.75 10.48 -9.89
C ASP A 166 -3.39 11.48 -10.97
N ILE A 167 -2.31 12.24 -10.73
CA ILE A 167 -1.85 13.23 -11.68
C ILE A 167 -1.31 12.58 -12.94
N ALA A 168 -0.54 11.51 -12.76
CA ALA A 168 0.03 10.79 -13.89
C ALA A 168 -1.05 10.19 -14.78
N GLY A 169 -2.13 9.73 -14.15
CA GLY A 169 -3.23 9.14 -14.88
C GLY A 169 -2.86 7.82 -15.52
N VAL A 170 -1.95 7.09 -14.89
CA VAL A 170 -1.55 5.80 -15.41
C VAL A 170 -2.50 4.72 -14.90
N ALA A 171 -2.25 4.24 -13.69
CA ALA A 171 -3.10 3.20 -13.10
C ALA A 171 -2.68 2.93 -11.66
N ASP A 172 -3.64 2.52 -10.84
CA ASP A 172 -3.36 2.20 -9.45
C ASP A 172 -2.82 0.78 -9.35
N VAL A 173 -3.29 -0.09 -10.24
CA VAL A 173 -2.84 -1.48 -10.29
C VAL A 173 -1.34 -1.52 -10.53
N THR A 174 -0.88 -0.54 -11.30
CA THR A 174 0.53 -0.40 -11.63
C THR A 174 1.37 -0.27 -10.36
N ILE A 175 0.82 0.43 -9.37
CA ILE A 175 1.50 0.63 -8.10
C ILE A 175 0.87 -0.26 -7.03
N ARG A 176 0.15 -1.27 -7.47
CA ARG A 176 -0.52 -2.19 -6.56
C ARG A 176 -0.02 -3.62 -6.75
N GLN A 177 -0.28 -4.18 -7.92
CA GLN A 177 0.12 -5.55 -8.22
C GLN A 177 1.60 -5.63 -8.57
N SER A 178 2.04 -4.77 -9.49
CA SER A 178 3.43 -4.76 -9.92
C SER A 178 4.37 -4.50 -8.74
N TYR A 179 3.98 -3.59 -7.86
CA TYR A 179 4.78 -3.25 -6.69
C TYR A 179 4.80 -4.42 -5.70
N ARG A 180 3.70 -5.15 -5.64
CA ARG A 180 3.58 -6.30 -4.74
C ARG A 180 4.54 -7.41 -5.15
N LEU A 181 4.79 -7.52 -6.45
CA LEU A 181 5.68 -8.55 -6.97
C LEU A 181 7.16 -8.20 -6.76
N ILE A 182 7.47 -6.91 -6.68
CA ILE A 182 8.85 -6.47 -6.50
C ILE A 182 9.17 -6.23 -5.03
N TYR A 183 8.24 -6.59 -4.15
CA TYR A 183 8.43 -6.41 -2.72
C TYR A 183 8.36 -7.77 -2.02
N PRO A 184 9.51 -8.45 -1.88
CA PRO A 184 9.57 -9.77 -1.24
C PRO A 184 9.38 -9.69 0.28
N ARG A 185 10.00 -8.69 0.91
CA ARG A 185 9.91 -8.52 2.35
C ARG A 185 10.33 -7.11 2.73
N ALA A 186 11.41 -6.64 2.12
CA ALA A 186 11.91 -5.30 2.37
C ALA A 186 12.45 -4.71 1.07
N PRO A 187 12.70 -3.38 1.04
CA PRO A 187 13.22 -2.70 -0.14
C PRO A 187 14.68 -3.08 -0.44
N ASP A 188 14.87 -4.31 -0.87
CA ASP A 188 16.20 -4.82 -1.18
C ASP A 188 16.56 -4.55 -2.64
N LEU A 189 15.77 -3.70 -3.27
CA LEU A 189 15.99 -3.33 -4.66
C LEU A 189 17.12 -2.32 -4.78
N PHE A 190 17.57 -1.81 -3.64
CA PHE A 190 18.64 -0.83 -3.60
C PHE A 190 19.37 -0.88 -2.27
N PRO A 191 20.64 -1.31 -2.27
CA PRO A 191 21.44 -1.38 -1.05
C PRO A 191 22.06 -0.02 -0.72
N THR A 192 23.32 0.17 -1.12
CA THR A 192 24.01 1.43 -0.88
C THR A 192 23.69 2.43 -1.99
N ASP A 193 22.77 2.04 -2.86
CA ASP A 193 22.34 2.87 -3.97
C ASP A 193 21.46 4.02 -3.49
N PHE A 194 20.87 3.84 -2.31
CA PHE A 194 20.00 4.85 -1.73
C PHE A 194 20.68 5.50 -0.52
N LYS A 195 20.36 6.75 -0.28
CA LYS A 195 20.94 7.50 0.83
C LYS A 195 20.22 7.20 2.14
N PHE A 196 18.94 6.81 2.02
CA PHE A 196 18.10 6.49 3.18
C PHE A 196 17.96 7.69 4.10
N ASP A 197 17.11 8.64 3.70
CA ASP A 197 16.86 9.84 4.50
C ASP A 197 16.28 9.47 5.85
N THR A 198 15.08 8.93 5.83
CA THR A 198 14.39 8.53 7.03
C THR A 198 14.42 7.02 7.20
N PRO A 199 14.86 6.53 8.37
CA PRO A 199 14.92 5.10 8.66
C PRO A 199 13.52 4.54 8.89
N VAL A 200 12.78 4.38 7.81
CA VAL A 200 11.42 3.85 7.89
C VAL A 200 11.43 2.40 8.36
N ASP A 201 12.55 1.71 8.08
CA ASP A 201 12.76 0.31 8.46
C ASP A 201 11.90 -0.63 7.63
N LYS A 202 10.60 -0.43 7.65
CA LYS A 202 9.68 -1.27 6.90
C LYS A 202 8.70 -0.42 6.12
N LEU A 203 8.61 -0.66 4.81
CA LEU A 203 7.70 0.08 3.96
C LEU A 203 6.42 -0.72 3.77
N PRO A 204 5.31 -0.26 4.37
CA PRO A 204 4.02 -0.93 4.26
C PRO A 204 3.36 -0.63 2.91
N GLN A 205 4.03 -1.07 1.84
CA GLN A 205 3.56 -0.86 0.47
C GLN A 205 3.64 0.61 0.13
N LEU A 206 4.85 1.06 -0.22
CA LEU A 206 5.12 2.44 -0.60
C LEU A 206 5.09 3.35 0.64
N TYR B 1 -11.26 -18.51 -15.07
CA TYR B 1 -11.21 -17.22 -14.34
C TYR B 1 -11.09 -17.45 -12.84
N GLY B 2 -11.61 -18.58 -12.37
CA GLY B 2 -11.56 -18.89 -10.95
C GLY B 2 -10.16 -19.02 -10.41
N ALA B 3 -9.23 -19.46 -11.25
CA ALA B 3 -7.84 -19.62 -10.86
C ALA B 3 -7.24 -18.31 -10.36
N LEU B 4 -7.69 -17.20 -10.95
CA LEU B 4 -7.21 -15.88 -10.57
C LEU B 4 -7.48 -15.65 -9.08
N ASP B 5 -8.64 -16.08 -8.63
CA ASP B 5 -9.02 -15.94 -7.24
C ASP B 5 -8.35 -17.03 -6.41
N MET B 6 -8.45 -18.27 -6.89
CA MET B 6 -7.88 -19.44 -6.22
C MET B 6 -6.41 -19.25 -5.88
N ALA B 7 -5.61 -18.87 -6.88
CA ALA B 7 -4.18 -18.68 -6.70
C ALA B 7 -3.89 -17.57 -5.70
N ASP B 8 -4.49 -16.42 -5.92
CA ASP B 8 -4.29 -15.28 -5.03
C ASP B 8 -4.84 -15.54 -3.64
N PHE B 9 -5.80 -16.46 -3.54
CA PHE B 9 -6.41 -16.81 -2.25
C PHE B 9 -5.35 -17.41 -1.34
N GLU B 10 -4.53 -18.29 -1.89
CA GLU B 10 -3.46 -18.91 -1.13
C GLU B 10 -2.33 -17.90 -0.98
N PHE B 11 -2.18 -17.05 -2.00
CA PHE B 11 -1.16 -16.02 -2.00
C PHE B 11 -1.50 -14.91 -1.00
N GLU B 12 -2.64 -15.06 -0.32
CA GLU B 12 -3.07 -14.10 0.68
C GLU B 12 -2.18 -14.23 1.91
N GLN B 13 -1.53 -15.39 2.00
CA GLN B 13 -0.64 -15.71 3.10
C GLN B 13 0.61 -14.83 3.03
N MET B 14 0.86 -14.27 1.84
CA MET B 14 2.00 -13.39 1.63
C MET B 14 1.83 -12.11 2.42
N PHE B 15 0.58 -11.67 2.55
CA PHE B 15 0.26 -10.44 3.25
C PHE B 15 -0.15 -10.74 4.70
N THR B 16 0.22 -11.92 5.19
CA THR B 16 -0.13 -12.31 6.54
C THR B 16 1.01 -13.05 7.24
N ASP B 17 1.41 -14.20 6.69
CA ASP B 17 2.49 -14.99 7.28
C ASP B 17 3.78 -14.20 7.31
N ALA B 18 4.14 -13.61 6.17
CA ALA B 18 5.35 -12.82 6.06
C ALA B 18 5.26 -11.56 6.93
N LEU B 19 4.04 -11.08 7.11
CA LEU B 19 3.81 -9.89 7.92
C LEU B 19 3.89 -10.25 9.40
N GLY B 20 3.40 -11.43 9.74
CA GLY B 20 3.42 -11.88 11.12
C GLY B 20 4.76 -12.45 11.54
N ILE B 21 5.46 -13.08 10.62
CA ILE B 21 6.77 -13.65 10.93
C ILE B 21 7.78 -12.53 11.18
N ASP B 22 7.44 -11.34 10.72
CA ASP B 22 8.30 -10.18 10.87
C ASP B 22 7.66 -9.15 11.80
N GLU B 23 6.50 -9.49 12.35
CA GLU B 23 5.78 -8.59 13.25
C GLU B 23 6.49 -8.50 14.59
N TYR B 24 7.35 -9.48 14.85
CA TYR B 24 8.13 -9.52 16.08
C TYR B 24 9.15 -8.39 16.08
N GLY B 25 9.47 -7.92 14.87
CA GLY B 25 10.42 -6.84 14.72
C GLY B 25 9.78 -5.66 14.03
N GLY B 26 8.48 -5.52 14.19
CA GLY B 26 7.76 -4.42 13.57
C GLY B 26 6.43 -4.87 12.99
N SER A 1 -23.19 -6.84 15.25
CA SER A 1 -22.07 -6.17 14.56
C SER A 1 -21.51 -5.05 15.44
N ARG A 2 -20.97 -5.42 16.59
CA ARG A 2 -20.41 -4.45 17.52
C ARG A 2 -19.05 -3.96 17.03
N ALA A 3 -18.34 -4.83 16.32
CA ALA A 3 -17.02 -4.51 15.80
C ALA A 3 -17.05 -3.31 14.86
N MET A 4 -18.01 -3.30 13.92
CA MET A 4 -18.12 -2.20 12.97
C MET A 4 -18.36 -0.86 13.68
N MET A 5 -19.09 -0.91 14.79
CA MET A 5 -19.39 0.28 15.55
C MET A 5 -18.13 0.89 16.15
N ASN A 6 -17.29 0.03 16.71
CA ASN A 6 -16.05 0.48 17.33
C ASN A 6 -15.03 0.90 16.26
N ALA A 7 -15.04 0.17 15.14
CA ALA A 7 -14.13 0.46 14.03
C ALA A 7 -14.39 1.81 13.41
N PHE A 8 -15.67 2.13 13.20
CA PHE A 8 -16.06 3.41 12.61
C PHE A 8 -15.47 4.57 13.40
N LYS A 9 -15.61 4.51 14.71
CA LYS A 9 -15.10 5.56 15.58
C LYS A 9 -13.58 5.50 15.68
N GLU A 10 -13.03 4.29 15.56
CA GLU A 10 -11.60 4.09 15.62
C GLU A 10 -10.90 4.91 14.55
N ILE A 11 -11.42 4.83 13.33
CA ILE A 11 -10.87 5.57 12.22
C ILE A 11 -10.89 7.07 12.50
N THR A 12 -12.02 7.57 12.99
CA THR A 12 -12.18 8.97 13.31
C THR A 12 -11.18 9.42 14.39
N THR A 13 -11.00 8.59 15.41
CA THR A 13 -10.09 8.92 16.50
C THR A 13 -8.63 8.87 16.03
N MET A 14 -8.32 7.91 15.17
CA MET A 14 -6.96 7.75 14.64
C MET A 14 -6.66 8.87 13.64
N ALA A 15 -7.59 9.10 12.72
CA ALA A 15 -7.44 10.12 11.70
C ALA A 15 -7.27 11.51 12.30
N ASP A 16 -7.83 11.70 13.49
CA ASP A 16 -7.74 12.97 14.19
C ASP A 16 -6.28 13.31 14.50
N ARG A 17 -5.51 12.30 14.86
CA ARG A 17 -4.10 12.49 15.19
C ARG A 17 -3.23 12.52 13.95
N ILE A 18 -3.53 11.63 13.00
CA ILE A 18 -2.76 11.56 11.76
C ILE A 18 -3.10 12.74 10.85
N ASN A 19 -4.14 13.46 11.22
CA ASN A 19 -4.62 14.63 10.48
C ASN A 19 -5.16 14.22 9.12
N LEU A 20 -6.08 13.27 9.15
CA LEU A 20 -6.71 12.77 7.94
C LEU A 20 -8.10 13.38 7.80
N PRO A 21 -8.42 13.91 6.62
CA PRO A 21 -9.72 14.52 6.35
C PRO A 21 -10.88 13.56 6.56
N ARG A 22 -12.05 14.11 6.84
CA ARG A 22 -13.25 13.31 7.06
C ARG A 22 -13.58 12.47 5.85
N ASN A 23 -13.20 12.96 4.67
CA ASN A 23 -13.43 12.24 3.41
C ASN A 23 -12.79 10.85 3.48
N ILE A 24 -11.58 10.78 4.01
CA ILE A 24 -10.85 9.52 4.13
C ILE A 24 -11.59 8.58 5.06
N VAL A 25 -12.06 9.12 6.18
CA VAL A 25 -12.80 8.35 7.17
C VAL A 25 -14.11 7.83 6.56
N ASP A 26 -14.84 8.72 5.91
CA ASP A 26 -16.12 8.38 5.29
C ASP A 26 -15.94 7.26 4.26
N ARG A 27 -14.89 7.37 3.45
CA ARG A 27 -14.60 6.37 2.44
C ARG A 27 -14.36 5.00 3.09
N THR A 28 -13.42 4.97 4.03
CA THR A 28 -13.07 3.74 4.72
C THR A 28 -14.29 3.15 5.44
N ASN A 29 -15.12 4.00 6.02
CA ASN A 29 -16.33 3.56 6.72
C ASN A 29 -17.23 2.74 5.81
N ASN A 30 -17.30 3.15 4.55
CA ASN A 30 -18.13 2.48 3.56
C ASN A 30 -17.45 1.21 3.04
N LEU A 31 -16.19 1.35 2.64
CA LEU A 31 -15.42 0.24 2.10
C LEU A 31 -15.26 -0.89 3.10
N PHE A 32 -14.90 -0.55 4.32
CA PHE A 32 -14.71 -1.53 5.39
C PHE A 32 -16.02 -2.26 5.69
N LYS A 33 -17.12 -1.54 5.58
CA LYS A 33 -18.44 -2.10 5.84
C LYS A 33 -18.79 -3.23 4.85
N GLN A 34 -18.24 -3.14 3.65
CA GLN A 34 -18.51 -4.14 2.62
C GLN A 34 -17.88 -5.49 2.97
N VAL A 35 -16.60 -5.48 3.30
CA VAL A 35 -15.88 -6.71 3.63
C VAL A 35 -15.85 -6.97 5.13
N TYR A 36 -16.68 -6.25 5.88
CA TYR A 36 -16.75 -6.41 7.32
C TYR A 36 -17.21 -7.82 7.69
N GLU A 37 -18.39 -8.19 7.23
CA GLU A 37 -18.93 -9.50 7.50
C GLU A 37 -18.79 -10.36 6.25
N GLN A 38 -17.63 -10.97 6.12
CA GLN A 38 -17.33 -11.83 4.98
C GLN A 38 -16.46 -12.99 5.42
N LYS A 39 -15.79 -13.60 4.46
CA LYS A 39 -14.90 -14.73 4.73
C LYS A 39 -13.51 -14.21 5.07
N SER A 40 -13.39 -12.91 5.21
CA SER A 40 -12.13 -12.27 5.53
C SER A 40 -11.75 -12.51 7.00
N LEU A 41 -12.06 -11.55 7.85
CA LEU A 41 -11.75 -11.66 9.27
C LEU A 41 -12.86 -12.41 9.99
N LYS A 42 -12.48 -13.42 10.76
CA LYS A 42 -13.44 -14.19 11.51
C LYS A 42 -13.01 -14.30 12.96
N GLY A 43 -11.75 -13.98 13.23
CA GLY A 43 -11.22 -14.05 14.58
C GLY A 43 -11.53 -12.80 15.39
N ARG A 44 -12.74 -12.26 15.21
CA ARG A 44 -13.22 -11.07 15.92
C ARG A 44 -12.51 -9.79 15.47
N ALA A 45 -11.38 -9.91 14.79
CA ALA A 45 -10.64 -8.74 14.33
C ALA A 45 -11.28 -8.14 13.07
N ASN A 46 -12.61 -8.17 13.03
CA ASN A 46 -13.36 -7.64 11.91
C ASN A 46 -13.23 -6.12 11.84
N ASP A 47 -13.03 -5.51 12.99
CA ASP A 47 -12.89 -4.06 13.08
C ASP A 47 -11.50 -3.62 12.62
N ALA A 48 -10.59 -4.57 12.49
CA ALA A 48 -9.22 -4.28 12.06
C ALA A 48 -9.13 -4.19 10.52
N ILE A 49 -10.21 -4.56 9.85
CA ILE A 49 -10.24 -4.52 8.38
C ILE A 49 -10.26 -3.08 7.88
N ALA A 50 -10.67 -2.17 8.75
CA ALA A 50 -10.74 -0.75 8.40
C ALA A 50 -9.40 -0.23 7.90
N SER A 51 -8.34 -0.46 8.68
CA SER A 51 -7.01 -0.02 8.31
C SER A 51 -6.53 -0.68 7.03
N ALA A 52 -6.88 -1.94 6.84
CA ALA A 52 -6.48 -2.69 5.64
C ALA A 52 -7.06 -2.06 4.38
N CYS A 53 -8.29 -1.55 4.48
CA CYS A 53 -8.97 -0.93 3.35
C CYS A 53 -8.20 0.30 2.83
N LEU A 54 -7.39 0.92 3.68
CA LEU A 54 -6.63 2.10 3.28
C LEU A 54 -5.60 1.75 2.21
N TYR A 55 -5.09 0.53 2.24
CA TYR A 55 -4.10 0.09 1.27
C TYR A 55 -4.75 -0.74 0.17
N ILE A 56 -5.85 -1.40 0.50
CA ILE A 56 -6.55 -2.24 -0.46
C ILE A 56 -7.42 -1.41 -1.42
N ALA A 57 -8.26 -0.56 -0.86
CA ALA A 57 -9.16 0.25 -1.68
C ALA A 57 -8.66 1.67 -1.86
N CYS A 58 -8.25 2.30 -0.77
CA CYS A 58 -7.77 3.68 -0.81
C CYS A 58 -6.35 3.78 -1.36
N ARG A 59 -5.93 2.74 -2.08
CA ARG A 59 -4.60 2.69 -2.68
C ARG A 59 -4.43 3.82 -3.69
N GLN A 60 -5.53 4.21 -4.31
CA GLN A 60 -5.53 5.28 -5.30
C GLN A 60 -5.49 6.64 -4.61
N GLU A 61 -6.42 6.82 -3.69
CA GLU A 61 -6.54 8.05 -2.94
C GLU A 61 -7.17 7.77 -1.58
N GLY A 62 -6.46 8.11 -0.52
CA GLY A 62 -6.97 7.88 0.81
C GLY A 62 -5.89 7.35 1.73
N VAL A 63 -4.95 6.61 1.16
CA VAL A 63 -3.85 6.03 1.93
C VAL A 63 -3.03 7.11 2.62
N PRO A 64 -2.89 7.01 3.95
CA PRO A 64 -2.12 7.98 4.73
C PRO A 64 -0.62 7.70 4.65
N ARG A 65 -0.03 8.09 3.51
CA ARG A 65 1.41 7.91 3.25
C ARG A 65 1.72 6.45 2.91
N THR A 66 1.30 5.54 3.77
CA THR A 66 1.53 4.12 3.57
C THR A 66 0.74 3.30 4.60
N PHE A 67 1.10 2.03 4.77
CA PHE A 67 0.39 1.16 5.70
C PHE A 67 0.98 1.19 7.11
N LYS A 68 2.29 1.37 7.23
CA LYS A 68 2.94 1.41 8.53
C LYS A 68 2.35 2.50 9.44
N GLU A 69 1.78 3.52 8.81
CA GLU A 69 1.19 4.63 9.54
C GLU A 69 -0.01 4.17 10.35
N ILE A 70 -0.66 3.11 9.89
CA ILE A 70 -1.85 2.58 10.56
C ILE A 70 -1.65 1.14 11.02
N CYS A 71 -0.41 0.66 10.95
CA CYS A 71 -0.09 -0.70 11.36
C CYS A 71 -0.01 -0.83 12.87
N ALA A 72 -0.31 0.26 13.57
CA ALA A 72 -0.28 0.29 15.02
C ALA A 72 -1.38 -0.58 15.60
N VAL A 73 -2.48 -0.74 14.87
CA VAL A 73 -3.59 -1.56 15.33
C VAL A 73 -3.38 -3.01 14.93
N SER A 74 -2.58 -3.23 13.89
CA SER A 74 -2.30 -4.56 13.38
C SER A 74 -1.22 -5.24 14.24
N ARG A 75 -1.46 -5.31 15.54
CA ARG A 75 -0.53 -5.94 16.47
C ARG A 75 -1.16 -7.16 17.10
N ILE A 76 -2.49 -7.14 17.19
CA ILE A 76 -3.23 -8.25 17.76
C ILE A 76 -4.03 -8.96 16.67
N SER A 77 -3.90 -10.28 16.60
CA SER A 77 -4.60 -11.08 15.59
C SER A 77 -4.18 -10.63 14.19
N LYS A 78 -2.92 -10.23 14.06
CA LYS A 78 -2.38 -9.75 12.79
C LYS A 78 -2.41 -10.86 11.75
N LYS A 79 -2.14 -12.09 12.17
CA LYS A 79 -2.12 -13.23 11.27
C LYS A 79 -3.51 -13.50 10.69
N GLU A 80 -4.53 -12.95 11.33
CA GLU A 80 -5.89 -13.11 10.85
C GLU A 80 -6.16 -12.09 9.75
N ILE A 81 -5.66 -10.87 9.97
CA ILE A 81 -5.83 -9.79 9.01
C ILE A 81 -4.97 -10.03 7.78
N GLY A 82 -3.71 -10.40 8.02
CA GLY A 82 -2.80 -10.67 6.93
C GLY A 82 -3.19 -11.89 6.13
N ARG A 83 -4.05 -12.72 6.72
CA ARG A 83 -4.52 -13.95 6.07
C ARG A 83 -5.52 -13.63 4.96
N CYS A 84 -5.98 -12.39 4.92
CA CYS A 84 -6.94 -11.96 3.90
C CYS A 84 -6.73 -10.48 3.57
N PHE A 85 -5.80 -10.22 2.68
CA PHE A 85 -5.49 -8.86 2.27
C PHE A 85 -5.44 -8.76 0.74
N LYS A 86 -4.52 -9.51 0.14
CA LYS A 86 -4.33 -9.53 -1.30
C LYS A 86 -5.58 -10.06 -2.01
N LEU A 87 -6.32 -10.93 -1.33
CA LEU A 87 -7.54 -11.51 -1.88
C LEU A 87 -8.60 -10.44 -2.06
N ILE A 88 -8.62 -9.46 -1.17
CA ILE A 88 -9.60 -8.38 -1.23
C ILE A 88 -9.33 -7.50 -2.43
N LEU A 89 -8.08 -7.53 -2.91
CA LEU A 89 -7.68 -6.75 -4.07
C LEU A 89 -8.41 -7.26 -5.31
N LYS A 90 -8.73 -8.56 -5.31
CA LYS A 90 -9.43 -9.20 -6.43
C LYS A 90 -10.89 -8.75 -6.46
N ALA A 91 -11.38 -8.26 -5.33
CA ALA A 91 -12.75 -7.80 -5.22
C ALA A 91 -12.86 -6.31 -5.50
N LEU A 92 -11.71 -5.69 -5.71
CA LEU A 92 -11.66 -4.26 -5.99
C LEU A 92 -10.81 -3.98 -7.23
N GLU A 93 -11.31 -4.42 -8.36
CA GLU A 93 -10.61 -4.23 -9.64
C GLU A 93 -11.18 -3.02 -10.36
N THR A 94 -10.31 -2.06 -10.68
CA THR A 94 -10.72 -0.84 -11.38
C THR A 94 -11.30 -1.15 -12.74
N SER A 95 -10.74 -2.18 -13.39
CA SER A 95 -11.17 -2.64 -14.72
C SER A 95 -10.71 -1.67 -15.82
N VAL A 96 -10.88 -0.38 -15.59
CA VAL A 96 -10.49 0.63 -16.56
C VAL A 96 -8.99 0.89 -16.47
N ASP A 97 -8.20 -0.07 -16.92
CA ASP A 97 -6.76 0.03 -16.89
C ASP A 97 -6.19 -0.26 -18.27
N LEU A 98 -5.99 0.80 -19.06
CA LEU A 98 -5.46 0.65 -20.41
C LEU A 98 -4.50 1.78 -20.74
N ILE A 99 -3.99 2.45 -19.72
CA ILE A 99 -3.06 3.56 -19.92
C ILE A 99 -1.62 3.04 -19.99
N THR A 100 -0.80 3.47 -19.03
CA THR A 100 0.61 3.06 -18.96
C THR A 100 1.31 3.25 -20.31
N THR A 101 1.51 4.49 -20.71
CA THR A 101 2.15 4.78 -21.98
C THR A 101 2.98 6.07 -21.91
N GLY A 102 2.30 7.21 -21.89
CA GLY A 102 3.00 8.49 -21.83
C GLY A 102 3.38 8.88 -20.43
N ASP A 103 3.07 8.01 -19.48
CA ASP A 103 3.36 8.24 -18.07
C ASP A 103 4.81 7.93 -17.75
N PHE A 104 5.57 7.58 -18.77
CA PHE A 104 6.98 7.24 -18.62
C PHE A 104 7.85 8.47 -18.38
N MET A 105 7.23 9.64 -18.33
CA MET A 105 7.96 10.88 -18.10
C MET A 105 8.28 11.02 -16.61
N SER A 106 7.29 10.66 -15.79
CA SER A 106 7.37 10.69 -14.31
C SER A 106 7.67 12.08 -13.71
N ARG A 107 7.97 13.07 -14.54
CA ARG A 107 8.29 14.41 -14.05
C ARG A 107 7.04 15.20 -13.70
N PHE A 108 5.88 14.63 -14.01
CA PHE A 108 4.62 15.28 -13.70
C PHE A 108 4.06 14.76 -12.38
N CYS A 109 4.76 13.79 -11.80
CA CYS A 109 4.35 13.19 -10.53
C CYS A 109 4.69 14.12 -9.38
N SER A 110 5.73 14.91 -9.56
CA SER A 110 6.17 15.86 -8.55
C SER A 110 5.51 17.22 -8.79
N ASN A 111 4.38 17.21 -9.48
CA ASN A 111 3.64 18.43 -9.82
C ASN A 111 3.12 19.15 -8.58
N LEU A 112 2.78 18.39 -7.54
CA LEU A 112 2.26 19.00 -6.33
C LEU A 112 3.40 19.47 -5.44
N CYS A 113 3.73 18.69 -4.42
CA CYS A 113 4.80 19.03 -3.50
C CYS A 113 5.69 17.81 -3.29
N LEU A 114 6.68 17.65 -4.17
CA LEU A 114 7.60 16.53 -4.09
C LEU A 114 9.00 16.98 -4.48
N PRO A 115 9.94 16.94 -3.53
CA PRO A 115 11.33 17.34 -3.78
C PRO A 115 12.03 16.42 -4.78
N LYS A 116 13.07 16.95 -5.43
CA LYS A 116 13.83 16.21 -6.42
C LYS A 116 14.49 14.97 -5.81
N GLN A 117 14.70 15.00 -4.49
CA GLN A 117 15.31 13.89 -3.78
C GLN A 117 14.51 12.61 -4.00
N VAL A 118 13.19 12.73 -3.90
CA VAL A 118 12.29 11.60 -4.09
C VAL A 118 12.33 11.13 -5.54
N GLN A 119 12.38 12.09 -6.46
CA GLN A 119 12.42 11.81 -7.89
C GLN A 119 13.69 11.02 -8.25
N MET A 120 14.81 11.43 -7.65
CA MET A 120 16.10 10.79 -7.90
C MET A 120 16.11 9.37 -7.34
N ALA A 121 15.49 9.21 -6.18
CA ALA A 121 15.43 7.90 -5.54
C ALA A 121 14.54 6.95 -6.34
N ALA A 122 13.41 7.47 -6.78
CA ALA A 122 12.44 6.69 -7.55
C ALA A 122 13.07 6.04 -8.78
N THR A 123 13.84 6.81 -9.53
CA THR A 123 14.48 6.29 -10.74
C THR A 123 15.47 5.19 -10.41
N HIS A 124 16.19 5.35 -9.30
CA HIS A 124 17.19 4.37 -8.88
C HIS A 124 16.53 3.08 -8.39
N ILE A 125 15.49 3.22 -7.57
CA ILE A 125 14.79 2.06 -7.04
C ILE A 125 14.06 1.31 -8.14
N ALA A 126 13.32 2.05 -8.98
CA ALA A 126 12.58 1.46 -10.07
C ALA A 126 13.50 0.71 -11.02
N ARG A 127 14.61 1.34 -11.37
CA ARG A 127 15.58 0.74 -12.28
C ARG A 127 16.09 -0.59 -11.74
N LYS A 128 16.42 -0.63 -10.45
CA LYS A 128 16.92 -1.83 -9.82
C LYS A 128 15.89 -2.96 -9.90
N ALA A 129 14.63 -2.63 -9.63
CA ALA A 129 13.56 -3.61 -9.69
C ALA A 129 13.35 -4.10 -11.12
N VAL A 130 13.52 -3.20 -12.08
CA VAL A 130 13.35 -3.55 -13.50
C VAL A 130 14.50 -4.43 -13.98
N GLU A 131 15.73 -4.07 -13.60
CA GLU A 131 16.92 -4.82 -13.98
C GLU A 131 16.83 -6.26 -13.51
N LEU A 132 16.44 -6.44 -12.26
CA LEU A 132 16.31 -7.76 -11.66
C LEU A 132 15.04 -8.46 -12.14
N ASP A 133 14.05 -7.67 -12.55
CA ASP A 133 12.76 -8.19 -13.03
C ASP A 133 12.13 -9.05 -11.94
N LEU A 134 11.81 -8.41 -10.83
CA LEU A 134 11.23 -9.09 -9.68
C LEU A 134 9.84 -9.64 -9.99
N VAL A 135 8.90 -8.78 -10.31
CA VAL A 135 7.54 -9.22 -10.62
C VAL A 135 6.95 -8.45 -11.78
N PRO A 136 7.03 -9.02 -12.99
CA PRO A 136 6.48 -8.41 -14.19
C PRO A 136 4.98 -8.67 -14.32
N GLY A 137 4.19 -7.89 -13.58
CA GLY A 137 2.75 -8.04 -13.62
C GLY A 137 2.17 -7.65 -14.97
N ARG A 138 2.63 -6.51 -15.49
CA ARG A 138 2.17 -6.03 -16.78
C ARG A 138 3.34 -5.46 -17.58
N SER A 139 3.83 -4.30 -17.16
CA SER A 139 4.94 -3.65 -17.83
C SER A 139 5.89 -3.02 -16.82
N PRO A 140 7.14 -2.72 -17.23
CA PRO A 140 8.14 -2.10 -16.34
C PRO A 140 7.78 -0.65 -15.99
N ILE A 141 6.89 -0.05 -16.79
CA ILE A 141 6.46 1.33 -16.58
C ILE A 141 5.77 1.47 -15.22
N SER A 142 4.99 0.47 -14.87
CA SER A 142 4.27 0.44 -13.59
C SER A 142 5.25 0.51 -12.42
N VAL A 143 6.36 -0.20 -12.55
CA VAL A 143 7.38 -0.25 -11.52
C VAL A 143 7.98 1.13 -11.31
N ALA A 144 8.24 1.82 -12.41
CA ALA A 144 8.83 3.16 -12.37
C ALA A 144 7.92 4.12 -11.62
N ALA A 145 6.62 4.07 -11.92
CA ALA A 145 5.65 4.94 -11.29
C ALA A 145 5.45 4.58 -9.81
N ALA A 146 5.38 3.28 -9.53
CA ALA A 146 5.18 2.82 -8.16
C ALA A 146 6.35 3.20 -7.28
N ALA A 147 7.56 3.11 -7.82
CA ALA A 147 8.76 3.45 -7.07
C ALA A 147 8.74 4.91 -6.63
N ILE A 148 8.04 5.75 -7.37
CA ILE A 148 7.93 7.16 -7.04
C ILE A 148 7.23 7.32 -5.70
N TYR A 149 6.06 6.70 -5.55
CA TYR A 149 5.31 6.78 -4.31
C TYR A 149 6.03 5.99 -3.22
N MET A 150 6.69 4.91 -3.63
CA MET A 150 7.43 4.08 -2.69
C MET A 150 8.55 4.90 -2.06
N ALA A 151 9.23 5.68 -2.88
CA ALA A 151 10.30 6.54 -2.41
C ALA A 151 9.75 7.69 -1.59
N SER A 152 8.52 8.10 -1.91
CA SER A 152 7.86 9.19 -1.19
C SER A 152 7.71 8.84 0.29
N GLN A 153 7.15 7.67 0.58
CA GLN A 153 6.97 7.24 1.95
C GLN A 153 8.32 7.00 2.62
N ALA A 154 9.32 6.65 1.82
CA ALA A 154 10.66 6.40 2.32
C ALA A 154 11.34 7.71 2.69
N SER A 155 10.97 8.78 1.99
CA SER A 155 11.53 10.10 2.24
C SER A 155 10.66 10.85 3.24
N ALA A 156 9.79 10.11 3.94
CA ALA A 156 8.90 10.67 4.95
C ALA A 156 7.93 11.70 4.37
N GLU A 157 7.42 11.44 3.18
CA GLU A 157 6.47 12.34 2.56
C GLU A 157 5.06 12.05 3.08
N LYS A 158 4.17 13.01 2.91
CA LYS A 158 2.80 12.86 3.40
C LYS A 158 1.78 13.25 2.33
N ARG A 159 2.18 13.15 1.08
CA ARG A 159 1.28 13.49 -0.02
C ARG A 159 0.61 12.23 -0.57
N THR A 160 -0.58 12.38 -1.12
CA THR A 160 -1.32 11.26 -1.67
C THR A 160 -0.92 11.00 -3.11
N GLN A 161 -1.13 9.76 -3.55
CA GLN A 161 -0.80 9.36 -4.91
C GLN A 161 -1.71 10.03 -5.93
N LYS A 162 -2.80 10.63 -5.45
CA LYS A 162 -3.75 11.30 -6.32
C LYS A 162 -3.11 12.50 -7.01
N GLU A 163 -2.19 13.15 -6.32
CA GLU A 163 -1.52 14.31 -6.90
C GLU A 163 -0.10 13.94 -7.32
N ILE A 164 0.12 12.66 -7.57
CA ILE A 164 1.41 12.15 -7.99
C ILE A 164 1.26 11.26 -9.22
N GLY A 165 0.57 10.14 -9.06
CA GLY A 165 0.39 9.21 -10.16
C GLY A 165 -0.95 9.39 -10.84
N ASP A 166 -1.99 9.68 -10.05
CA ASP A 166 -3.34 9.86 -10.57
C ASP A 166 -3.42 10.96 -11.63
N ILE A 167 -2.56 11.97 -11.49
CA ILE A 167 -2.54 13.09 -12.45
C ILE A 167 -2.31 12.57 -13.87
N ALA A 168 -1.25 11.79 -14.04
CA ALA A 168 -0.92 11.24 -15.34
C ALA A 168 -1.84 10.07 -15.66
N GLY A 169 -2.19 9.32 -14.63
CA GLY A 169 -3.05 8.18 -14.79
C GLY A 169 -2.30 6.90 -14.54
N VAL A 170 -1.30 6.64 -15.37
CA VAL A 170 -0.47 5.45 -15.29
C VAL A 170 -1.31 4.18 -15.36
N ALA A 171 -1.75 3.70 -14.20
CA ALA A 171 -2.54 2.49 -14.11
C ALA A 171 -2.87 2.18 -12.65
N ASP A 172 -3.59 1.09 -12.43
CA ASP A 172 -3.96 0.66 -11.09
C ASP A 172 -3.60 -0.81 -10.90
N VAL A 173 -4.29 -1.68 -11.64
CA VAL A 173 -4.03 -3.11 -11.55
C VAL A 173 -2.67 -3.41 -12.17
N THR A 174 -2.28 -2.60 -13.15
CA THR A 174 -1.00 -2.75 -13.82
C THR A 174 0.13 -2.53 -12.82
N ILE A 175 -0.01 -1.50 -11.99
CA ILE A 175 0.99 -1.18 -10.99
C ILE A 175 1.00 -2.21 -9.87
N ARG A 176 -0.18 -2.51 -9.35
CA ARG A 176 -0.33 -3.46 -8.26
C ARG A 176 0.19 -4.85 -8.63
N GLN A 177 -0.14 -5.31 -9.83
CA GLN A 177 0.28 -6.63 -10.30
C GLN A 177 1.80 -6.70 -10.45
N SER A 178 2.41 -5.57 -10.76
CA SER A 178 3.85 -5.52 -10.94
C SER A 178 4.56 -5.13 -9.65
N TYR A 179 3.82 -5.14 -8.55
CA TYR A 179 4.39 -4.78 -7.25
C TYR A 179 3.83 -5.68 -6.15
N ARG A 180 3.24 -6.80 -6.54
CA ARG A 180 2.66 -7.73 -5.58
C ARG A 180 3.74 -8.45 -4.77
N LEU A 181 4.80 -8.88 -5.43
CA LEU A 181 5.89 -9.57 -4.75
C LEU A 181 7.22 -8.87 -5.03
N ILE A 182 7.24 -7.58 -4.76
CA ILE A 182 8.44 -6.77 -4.97
C ILE A 182 9.43 -6.95 -3.81
N TYR A 183 8.91 -7.29 -2.65
CA TYR A 183 9.75 -7.49 -1.47
C TYR A 183 9.42 -8.81 -0.78
N PRO A 184 10.45 -9.59 -0.42
CA PRO A 184 10.28 -10.86 0.27
C PRO A 184 9.91 -10.65 1.74
N ARG A 185 10.38 -9.53 2.28
CA ARG A 185 10.12 -9.15 3.66
C ARG A 185 10.38 -7.66 3.79
N ALA A 186 11.54 -7.24 3.34
CA ALA A 186 11.94 -5.85 3.36
C ALA A 186 12.26 -5.39 1.94
N PRO A 187 12.15 -4.08 1.65
CA PRO A 187 12.43 -3.55 0.31
C PRO A 187 13.88 -3.84 -0.13
N ASP A 188 14.83 -3.12 0.46
CA ASP A 188 16.25 -3.29 0.18
C ASP A 188 16.57 -3.19 -1.32
N LEU A 189 15.79 -2.39 -2.04
CA LEU A 189 16.01 -2.22 -3.47
C LEU A 189 16.73 -0.91 -3.73
N PHE A 190 17.61 -0.55 -2.82
CA PHE A 190 18.36 0.69 -2.92
C PHE A 190 19.81 0.40 -3.28
N PRO A 191 20.27 0.97 -4.41
CA PRO A 191 21.65 0.79 -4.87
C PRO A 191 22.69 1.30 -3.87
N THR A 192 22.76 2.61 -3.70
CA THR A 192 23.73 3.20 -2.78
C THR A 192 23.36 4.64 -2.43
N ASP A 193 23.00 5.40 -3.46
CA ASP A 193 22.64 6.81 -3.33
C ASP A 193 21.53 7.03 -2.30
N PHE A 194 20.48 6.21 -2.36
CA PHE A 194 19.37 6.34 -1.42
C PHE A 194 19.81 5.93 -0.02
N LYS A 195 20.09 6.92 0.81
CA LYS A 195 20.51 6.70 2.18
C LYS A 195 19.32 6.44 3.10
N PHE A 196 18.11 6.49 2.53
CA PHE A 196 16.88 6.26 3.28
C PHE A 196 16.62 7.38 4.28
N ASP A 197 15.75 8.32 3.92
CA ASP A 197 15.43 9.44 4.80
C ASP A 197 14.87 8.93 6.11
N THR A 198 13.94 7.99 6.04
CA THR A 198 13.37 7.41 7.25
C THR A 198 14.30 6.32 7.78
N PRO A 199 14.88 6.53 8.98
CA PRO A 199 15.83 5.59 9.59
C PRO A 199 15.15 4.34 10.16
N VAL A 200 14.19 3.79 9.43
CA VAL A 200 13.50 2.59 9.88
C VAL A 200 14.11 1.36 9.25
N ASP A 201 14.76 1.57 8.10
CA ASP A 201 15.43 0.50 7.34
C ASP A 201 14.44 -0.57 6.91
N LYS A 202 14.15 -1.50 7.80
CA LYS A 202 13.22 -2.58 7.52
C LYS A 202 11.80 -2.14 7.86
N LEU A 203 10.94 -2.10 6.85
CA LEU A 203 9.56 -1.71 7.04
C LEU A 203 8.80 -2.80 7.80
N PRO A 204 8.15 -2.43 8.92
CA PRO A 204 7.40 -3.38 9.75
C PRO A 204 6.19 -3.94 9.01
N GLN A 205 5.64 -3.11 8.12
CA GLN A 205 4.49 -3.47 7.31
C GLN A 205 4.21 -2.35 6.32
N LEU A 206 5.16 -2.12 5.43
CA LEU A 206 5.07 -1.06 4.42
C LEU A 206 5.03 0.32 5.07
N TYR B 1 -14.49 -21.35 -10.31
CA TYR B 1 -13.17 -20.69 -10.24
C TYR B 1 -13.13 -19.63 -9.13
N GLY B 2 -14.20 -18.84 -9.04
CA GLY B 2 -14.29 -17.78 -8.03
C GLY B 2 -13.93 -18.22 -6.63
N ALA B 3 -14.37 -19.43 -6.26
CA ALA B 3 -14.09 -19.98 -4.94
C ALA B 3 -12.60 -20.19 -4.76
N LEU B 4 -11.97 -20.83 -5.74
CA LEU B 4 -10.53 -21.10 -5.69
C LEU B 4 -9.76 -19.79 -5.80
N ASP B 5 -10.30 -18.87 -6.61
CA ASP B 5 -9.71 -17.56 -6.81
C ASP B 5 -9.74 -16.75 -5.53
N MET B 6 -10.61 -17.15 -4.60
CA MET B 6 -10.73 -16.47 -3.32
C MET B 6 -10.09 -17.31 -2.22
N ALA B 7 -9.17 -18.19 -2.59
CA ALA B 7 -8.49 -19.04 -1.63
C ALA B 7 -7.06 -19.36 -2.08
N ASP B 8 -6.76 -19.07 -3.34
CA ASP B 8 -5.43 -19.34 -3.90
C ASP B 8 -4.34 -18.59 -3.13
N PHE B 9 -4.58 -17.31 -2.90
CA PHE B 9 -3.62 -16.49 -2.18
C PHE B 9 -3.93 -16.47 -0.69
N GLU B 10 -5.01 -17.11 -0.30
CA GLU B 10 -5.42 -17.14 1.10
C GLU B 10 -4.33 -17.74 1.97
N PHE B 11 -3.80 -18.86 1.51
CA PHE B 11 -2.74 -19.56 2.24
C PHE B 11 -1.44 -18.76 2.16
N GLU B 12 -1.19 -18.19 0.99
CA GLU B 12 0.00 -17.37 0.76
C GLU B 12 -0.01 -16.18 1.72
N GLN B 13 -1.19 -15.57 1.86
CA GLN B 13 -1.37 -14.44 2.76
C GLN B 13 -1.05 -14.83 4.19
N MET B 14 -1.62 -15.96 4.60
CA MET B 14 -1.41 -16.48 5.95
C MET B 14 0.08 -16.65 6.23
N PHE B 15 0.80 -17.20 5.25
CA PHE B 15 2.23 -17.40 5.38
C PHE B 15 2.97 -16.05 5.41
N THR B 16 2.45 -15.08 4.67
CA THR B 16 3.02 -13.75 4.61
C THR B 16 3.06 -13.11 5.99
N ASP B 17 1.96 -13.24 6.73
CA ASP B 17 1.87 -12.65 8.07
C ASP B 17 2.43 -13.60 9.12
N ALA B 18 2.39 -14.90 8.84
CA ALA B 18 2.91 -15.90 9.77
C ALA B 18 4.37 -15.63 10.09
N LEU B 19 5.14 -15.35 9.05
CA LEU B 19 6.57 -15.05 9.22
C LEU B 19 6.72 -13.63 9.78
N GLY B 20 5.64 -12.87 9.72
CA GLY B 20 5.64 -11.50 10.21
C GLY B 20 5.49 -11.44 11.71
N ILE B 21 6.45 -12.06 12.39
CA ILE B 21 6.49 -12.10 13.84
C ILE B 21 7.86 -12.63 14.26
N ASP B 22 8.32 -13.64 13.54
CA ASP B 22 9.62 -14.23 13.78
C ASP B 22 10.67 -13.40 13.07
N GLU B 23 10.35 -13.04 11.84
CA GLU B 23 11.23 -12.23 11.01
C GLU B 23 10.77 -10.78 11.06
N TYR B 24 10.20 -10.41 12.19
CA TYR B 24 9.70 -9.06 12.41
C TYR B 24 10.60 -8.34 13.43
N GLY B 25 11.48 -9.09 14.06
CA GLY B 25 12.38 -8.54 15.06
C GLY B 25 13.30 -7.47 14.51
N GLY B 26 13.99 -7.79 13.42
CA GLY B 26 14.91 -6.84 12.83
C GLY B 26 15.53 -7.38 11.57
N SER A 1 -25.00 -5.76 14.18
CA SER A 1 -23.70 -6.44 14.08
C SER A 1 -22.75 -5.95 15.16
N ARG A 2 -21.83 -6.80 15.58
CA ARG A 2 -20.87 -6.45 16.61
C ARG A 2 -19.55 -5.98 16.00
N ALA A 3 -18.99 -6.81 15.13
CA ALA A 3 -17.72 -6.52 14.49
C ALA A 3 -17.79 -5.25 13.64
N MET A 4 -18.86 -5.14 12.85
CA MET A 4 -19.06 -3.98 11.97
C MET A 4 -19.04 -2.67 12.74
N MET A 5 -19.76 -2.63 13.86
CA MET A 5 -19.83 -1.42 14.67
C MET A 5 -18.49 -1.13 15.34
N ASN A 6 -17.86 -2.18 15.88
CA ASN A 6 -16.57 -2.04 16.56
C ASN A 6 -15.51 -1.49 15.60
N ALA A 7 -15.56 -1.94 14.35
CA ALA A 7 -14.61 -1.49 13.34
C ALA A 7 -14.84 -0.01 13.02
N PHE A 8 -16.11 0.36 12.86
CA PHE A 8 -16.47 1.75 12.55
C PHE A 8 -16.03 2.69 13.67
N LYS A 9 -16.17 2.23 14.91
CA LYS A 9 -15.79 3.03 16.08
C LYS A 9 -14.31 3.41 16.01
N GLU A 10 -13.48 2.46 15.61
CA GLU A 10 -12.05 2.70 15.51
C GLU A 10 -11.75 3.67 14.37
N ILE A 11 -12.39 3.46 13.24
CA ILE A 11 -12.17 4.32 12.07
C ILE A 11 -12.64 5.75 12.33
N THR A 12 -13.83 5.90 12.91
CA THR A 12 -14.37 7.23 13.19
C THR A 12 -13.48 7.98 14.18
N THR A 13 -12.80 7.25 15.05
CA THR A 13 -11.93 7.87 16.03
C THR A 13 -10.53 8.08 15.44
N MET A 14 -10.05 7.10 14.69
CA MET A 14 -8.73 7.17 14.05
C MET A 14 -8.65 8.35 13.11
N ALA A 15 -9.78 8.67 12.47
CA ALA A 15 -9.85 9.78 11.53
C ALA A 15 -9.40 11.10 12.19
N ASP A 16 -9.60 11.20 13.49
CA ASP A 16 -9.21 12.40 14.21
C ASP A 16 -8.00 12.12 15.09
N ARG A 17 -7.69 10.85 15.27
CA ARG A 17 -6.57 10.43 16.08
C ARG A 17 -5.26 10.49 15.31
N ILE A 18 -5.30 10.10 14.03
CA ILE A 18 -4.11 10.11 13.19
C ILE A 18 -4.31 11.05 11.99
N ASN A 19 -5.43 11.76 11.99
CA ASN A 19 -5.78 12.71 10.92
C ASN A 19 -6.03 11.99 9.59
N LEU A 20 -7.30 11.72 9.32
CA LEU A 20 -7.69 11.03 8.09
C LEU A 20 -8.84 11.75 7.42
N PRO A 21 -8.87 11.73 6.07
CA PRO A 21 -9.93 12.38 5.29
C PRO A 21 -11.29 11.69 5.47
N ARG A 22 -12.36 12.43 5.21
CA ARG A 22 -13.72 11.92 5.37
C ARG A 22 -14.01 10.73 4.46
N ASN A 23 -13.41 10.72 3.27
CA ASN A 23 -13.63 9.64 2.30
C ASN A 23 -13.24 8.27 2.87
N ILE A 24 -12.40 8.25 3.91
CA ILE A 24 -12.01 6.99 4.53
C ILE A 24 -13.24 6.27 5.07
N VAL A 25 -14.05 6.99 5.82
CA VAL A 25 -15.26 6.42 6.40
C VAL A 25 -16.35 6.33 5.35
N ASP A 26 -16.38 7.32 4.46
CA ASP A 26 -17.37 7.40 3.38
C ASP A 26 -17.29 6.20 2.44
N ARG A 27 -16.10 5.65 2.29
CA ARG A 27 -15.91 4.49 1.41
C ARG A 27 -16.08 3.19 2.18
N THR A 28 -15.43 3.09 3.33
CA THR A 28 -15.46 1.90 4.17
C THR A 28 -16.88 1.44 4.50
N ASN A 29 -17.78 2.39 4.79
CA ASN A 29 -19.15 2.06 5.17
C ASN A 29 -19.86 1.19 4.11
N ASN A 30 -19.39 1.27 2.87
CA ASN A 30 -19.98 0.50 1.78
C ASN A 30 -19.11 -0.69 1.42
N LEU A 31 -17.82 -0.44 1.25
CA LEU A 31 -16.86 -1.47 0.88
C LEU A 31 -16.77 -2.59 1.92
N PHE A 32 -16.75 -2.21 3.19
CA PHE A 32 -16.65 -3.17 4.29
C PHE A 32 -17.90 -4.04 4.36
N LYS A 33 -19.06 -3.45 4.08
CA LYS A 33 -20.33 -4.16 4.12
C LYS A 33 -20.36 -5.30 3.10
N GLN A 34 -19.79 -5.05 1.92
CA GLN A 34 -19.76 -6.04 0.85
C GLN A 34 -19.07 -7.33 1.26
N VAL A 35 -17.96 -7.22 1.99
CA VAL A 35 -17.21 -8.40 2.42
C VAL A 35 -17.68 -8.87 3.80
N TYR A 36 -18.39 -8.01 4.51
CA TYR A 36 -18.90 -8.34 5.83
C TYR A 36 -19.92 -9.47 5.73
N GLU A 37 -20.50 -9.61 4.55
CA GLU A 37 -21.50 -10.65 4.31
C GLU A 37 -20.86 -11.86 3.64
N GLN A 38 -19.54 -11.91 3.66
CA GLN A 38 -18.81 -13.02 3.06
C GLN A 38 -18.58 -14.12 4.10
N LYS A 39 -18.51 -15.36 3.64
CA LYS A 39 -18.32 -16.51 4.52
C LYS A 39 -16.93 -16.53 5.13
N SER A 40 -16.00 -15.80 4.52
CA SER A 40 -14.62 -15.75 5.01
C SER A 40 -14.54 -15.13 6.40
N LEU A 41 -15.40 -14.16 6.67
CA LEU A 41 -15.42 -13.50 7.97
C LEU A 41 -16.32 -14.26 8.93
N LYS A 42 -15.74 -15.25 9.61
CA LYS A 42 -16.48 -16.06 10.57
C LYS A 42 -16.36 -15.47 11.97
N GLY A 43 -15.25 -14.79 12.24
CA GLY A 43 -15.05 -14.19 13.53
C GLY A 43 -13.67 -14.43 14.09
N ARG A 44 -13.05 -13.38 14.60
CA ARG A 44 -11.71 -13.44 15.19
C ARG A 44 -11.34 -12.09 15.78
N ALA A 45 -11.36 -11.08 14.93
CA ALA A 45 -11.04 -9.72 15.33
C ALA A 45 -12.11 -8.77 14.80
N ASN A 46 -12.28 -7.64 15.46
CA ASN A 46 -13.28 -6.67 15.04
C ASN A 46 -12.64 -5.33 14.69
N ASP A 47 -12.02 -4.71 15.70
CA ASP A 47 -11.38 -3.41 15.53
C ASP A 47 -10.10 -3.51 14.71
N ALA A 48 -9.50 -4.69 14.67
CA ALA A 48 -8.28 -4.91 13.91
C ALA A 48 -8.53 -4.76 12.41
N ILE A 49 -9.76 -5.02 12.00
CA ILE A 49 -10.13 -4.92 10.59
C ILE A 49 -10.17 -3.46 10.15
N ALA A 50 -10.41 -2.57 11.10
CA ALA A 50 -10.48 -1.14 10.82
C ALA A 50 -9.16 -0.64 10.26
N SER A 51 -8.06 -1.15 10.79
CA SER A 51 -6.73 -0.78 10.35
C SER A 51 -6.52 -1.15 8.89
N ALA A 52 -7.19 -2.20 8.45
CA ALA A 52 -7.07 -2.66 7.07
C ALA A 52 -7.89 -1.79 6.15
N CYS A 53 -9.12 -1.48 6.58
CA CYS A 53 -10.03 -0.65 5.80
C CYS A 53 -9.43 0.73 5.51
N LEU A 54 -8.49 1.14 6.37
CA LEU A 54 -7.82 2.42 6.24
C LEU A 54 -7.24 2.61 4.85
N TYR A 55 -6.33 1.72 4.44
CA TYR A 55 -5.71 1.84 3.13
C TYR A 55 -6.65 1.41 2.02
N ILE A 56 -7.64 0.58 2.36
CA ILE A 56 -8.62 0.13 1.38
C ILE A 56 -9.45 1.31 0.87
N ALA A 57 -9.75 2.23 1.77
CA ALA A 57 -10.53 3.42 1.42
C ALA A 57 -9.65 4.45 0.71
N CYS A 58 -8.34 4.25 0.78
CA CYS A 58 -7.39 5.16 0.17
C CYS A 58 -7.19 4.84 -1.31
N ARG A 59 -8.29 4.57 -2.01
CA ARG A 59 -8.23 4.24 -3.42
C ARG A 59 -7.85 5.47 -4.24
N GLN A 60 -8.60 6.54 -4.06
CA GLN A 60 -8.35 7.78 -4.76
C GLN A 60 -7.49 8.70 -3.90
N GLU A 61 -7.87 8.82 -2.64
CA GLU A 61 -7.15 9.66 -1.70
C GLU A 61 -7.32 9.08 -0.30
N GLY A 62 -6.40 9.42 0.59
CA GLY A 62 -6.48 8.93 1.95
C GLY A 62 -5.21 9.22 2.71
N VAL A 63 -4.57 8.19 3.22
CA VAL A 63 -3.34 8.35 3.98
C VAL A 63 -2.17 8.57 3.02
N PRO A 64 -1.44 9.67 3.21
CA PRO A 64 -0.29 10.02 2.36
C PRO A 64 0.97 9.23 2.73
N ARG A 65 1.99 9.37 1.87
CA ARG A 65 3.28 8.73 2.04
C ARG A 65 3.25 7.26 1.61
N THR A 66 2.68 6.39 2.45
CA THR A 66 2.61 4.97 2.14
C THR A 66 1.93 4.18 3.27
N PHE A 67 1.93 2.86 3.15
CA PHE A 67 1.31 1.94 4.11
C PHE A 67 1.93 2.09 5.50
N LYS A 68 3.23 2.39 5.54
CA LYS A 68 3.96 2.58 6.79
C LYS A 68 3.25 3.56 7.75
N GLU A 69 2.49 4.49 7.21
CA GLU A 69 1.79 5.48 8.02
C GLU A 69 0.72 4.84 8.90
N ILE A 70 0.03 3.84 8.37
CA ILE A 70 -1.03 3.17 9.13
C ILE A 70 -0.50 1.99 9.91
N CYS A 71 0.80 1.73 9.79
CA CYS A 71 1.43 0.62 10.51
C CYS A 71 1.58 0.95 12.00
N ALA A 72 1.21 2.17 12.36
CA ALA A 72 1.29 2.61 13.75
C ALA A 72 0.11 2.04 14.55
N VAL A 73 -0.95 1.66 13.85
CA VAL A 73 -2.12 1.11 14.49
C VAL A 73 -2.13 -0.43 14.40
N SER A 74 -1.04 -1.00 13.90
CA SER A 74 -0.93 -2.44 13.81
C SER A 74 -0.63 -3.02 15.18
N ARG A 75 -1.68 -3.17 15.99
CA ARG A 75 -1.55 -3.67 17.35
C ARG A 75 -2.07 -5.10 17.48
N ILE A 76 -3.37 -5.24 17.71
CA ILE A 76 -3.99 -6.56 17.87
C ILE A 76 -4.02 -7.34 16.57
N SER A 77 -3.35 -8.49 16.56
CA SER A 77 -3.30 -9.37 15.39
C SER A 77 -2.96 -8.59 14.12
N LYS A 78 -1.83 -7.90 14.15
CA LYS A 78 -1.38 -7.09 13.02
C LYS A 78 -1.23 -7.93 11.75
N LYS A 79 -0.90 -9.21 11.90
CA LYS A 79 -0.74 -10.09 10.74
C LYS A 79 -2.10 -10.41 10.15
N GLU A 80 -3.09 -10.55 11.01
CA GLU A 80 -4.45 -10.87 10.60
C GLU A 80 -5.13 -9.65 9.99
N ILE A 81 -4.65 -8.46 10.35
CA ILE A 81 -5.19 -7.22 9.81
C ILE A 81 -5.09 -7.18 8.29
N GLY A 82 -3.95 -7.65 7.78
CA GLY A 82 -3.74 -7.65 6.35
C GLY A 82 -4.56 -8.69 5.62
N ARG A 83 -5.06 -9.68 6.35
CA ARG A 83 -5.88 -10.73 5.75
C ARG A 83 -7.19 -10.13 5.27
N CYS A 84 -7.85 -9.40 6.15
CA CYS A 84 -9.10 -8.75 5.82
C CYS A 84 -8.87 -7.61 4.84
N PHE A 85 -7.64 -7.11 4.81
CA PHE A 85 -7.26 -6.02 3.92
C PHE A 85 -7.51 -6.41 2.46
N LYS A 86 -7.11 -7.62 2.10
CA LYS A 86 -7.31 -8.10 0.75
C LYS A 86 -8.74 -8.58 0.56
N LEU A 87 -9.34 -9.08 1.63
CA LEU A 87 -10.71 -9.56 1.59
C LEU A 87 -11.64 -8.44 1.12
N ILE A 88 -11.47 -7.27 1.73
CA ILE A 88 -12.30 -6.12 1.39
C ILE A 88 -11.86 -5.51 0.06
N LEU A 89 -10.55 -5.35 -0.13
CA LEU A 89 -10.02 -4.75 -1.36
C LEU A 89 -10.45 -5.50 -2.61
N LYS A 90 -10.56 -6.81 -2.51
CA LYS A 90 -10.96 -7.63 -3.66
C LYS A 90 -12.46 -7.58 -3.90
N ALA A 91 -13.16 -6.78 -3.11
CA ALA A 91 -14.61 -6.62 -3.26
C ALA A 91 -14.90 -5.36 -4.07
N LEU A 92 -13.86 -4.62 -4.41
CA LEU A 92 -13.99 -3.40 -5.17
C LEU A 92 -12.80 -3.22 -6.11
N GLU A 93 -12.72 -4.08 -7.10
CA GLU A 93 -11.64 -4.01 -8.08
C GLU A 93 -11.94 -2.98 -9.14
N THR A 94 -10.89 -2.45 -9.77
CA THR A 94 -11.05 -1.44 -10.80
C THR A 94 -10.07 -1.67 -11.95
N SER A 95 -8.79 -1.73 -11.59
CA SER A 95 -7.71 -1.92 -12.57
C SER A 95 -7.69 -0.75 -13.54
N VAL A 96 -7.23 0.40 -13.06
CA VAL A 96 -7.16 1.61 -13.88
C VAL A 96 -5.96 1.58 -14.83
N ASP A 97 -5.87 0.51 -15.59
CA ASP A 97 -4.79 0.35 -16.56
C ASP A 97 -5.26 0.80 -17.93
N LEU A 98 -5.25 2.10 -18.13
CA LEU A 98 -5.68 2.69 -19.40
C LEU A 98 -4.51 3.30 -20.14
N ILE A 99 -3.79 4.19 -19.46
CA ILE A 99 -2.63 4.84 -20.04
C ILE A 99 -1.38 4.04 -19.73
N THR A 100 -0.83 4.26 -18.53
CA THR A 100 0.37 3.55 -18.08
C THR A 100 1.53 3.71 -19.06
N THR A 101 1.53 4.81 -19.80
CA THR A 101 2.57 5.06 -20.79
C THR A 101 3.11 6.48 -20.70
N GLY A 102 2.22 7.46 -20.60
CA GLY A 102 2.63 8.85 -20.51
C GLY A 102 3.46 9.15 -19.28
N ASP A 103 3.33 8.31 -18.27
CA ASP A 103 4.05 8.47 -17.01
C ASP A 103 5.56 8.30 -17.21
N PHE A 104 5.94 7.71 -18.34
CA PHE A 104 7.35 7.47 -18.64
C PHE A 104 8.17 8.76 -18.67
N MET A 105 7.49 9.89 -18.79
CA MET A 105 8.16 11.19 -18.80
C MET A 105 8.70 11.51 -17.42
N SER A 106 8.10 10.89 -16.40
CA SER A 106 8.49 11.06 -14.99
C SER A 106 8.77 12.52 -14.63
N ARG A 107 7.86 13.41 -14.98
CA ARG A 107 8.04 14.83 -14.67
C ARG A 107 6.75 15.45 -14.16
N PHE A 108 5.71 15.42 -14.98
CA PHE A 108 4.41 15.99 -14.60
C PHE A 108 3.83 15.28 -13.38
N CYS A 109 4.23 14.04 -13.17
CA CYS A 109 3.76 13.26 -12.03
C CYS A 109 4.35 13.79 -10.73
N SER A 110 5.33 14.67 -10.86
CA SER A 110 5.98 15.26 -9.70
C SER A 110 5.88 16.79 -9.75
N ASN A 111 4.69 17.27 -10.10
CA ASN A 111 4.44 18.71 -10.17
C ASN A 111 4.29 19.31 -8.78
N LEU A 112 3.98 18.46 -7.81
CA LEU A 112 3.80 18.88 -6.44
C LEU A 112 5.14 18.96 -5.71
N CYS A 113 5.10 19.06 -4.39
CA CYS A 113 6.29 19.11 -3.58
C CYS A 113 7.11 17.84 -3.77
N LEU A 114 8.20 17.96 -4.53
CA LEU A 114 9.04 16.81 -4.82
C LEU A 114 10.41 17.27 -5.32
N PRO A 115 11.47 17.03 -4.53
CA PRO A 115 12.83 17.42 -4.90
C PRO A 115 13.42 16.46 -5.93
N LYS A 116 14.46 16.90 -6.62
CA LYS A 116 15.09 16.08 -7.66
C LYS A 116 15.69 14.80 -7.07
N GLN A 117 16.03 14.85 -5.78
CA GLN A 117 16.62 13.70 -5.10
C GLN A 117 15.68 12.50 -5.14
N VAL A 118 14.42 12.72 -4.79
CA VAL A 118 13.42 11.66 -4.77
C VAL A 118 13.21 11.09 -6.17
N GLN A 119 13.12 11.98 -7.15
CA GLN A 119 12.90 11.57 -8.53
C GLN A 119 14.09 10.77 -9.06
N MET A 120 15.29 11.23 -8.72
CA MET A 120 16.51 10.56 -9.13
C MET A 120 16.62 9.19 -8.47
N ALA A 121 16.36 9.16 -7.16
CA ALA A 121 16.42 7.91 -6.41
C ALA A 121 15.43 6.89 -6.96
N ALA A 122 14.20 7.35 -7.18
CA ALA A 122 13.14 6.48 -7.69
C ALA A 122 13.55 5.82 -9.00
N THR A 123 13.96 6.63 -9.97
CA THR A 123 14.38 6.14 -11.26
C THR A 123 15.56 5.17 -11.15
N HIS A 124 16.44 5.42 -10.17
CA HIS A 124 17.60 4.58 -9.97
C HIS A 124 17.21 3.23 -9.37
N ILE A 125 16.23 3.25 -8.47
CA ILE A 125 15.75 2.01 -7.83
C ILE A 125 14.96 1.19 -8.84
N ALA A 126 14.12 1.86 -9.61
CA ALA A 126 13.30 1.21 -10.62
C ALA A 126 14.14 0.46 -11.64
N ARG A 127 15.25 1.08 -12.04
CA ARG A 127 16.16 0.48 -13.00
C ARG A 127 16.69 -0.85 -12.49
N LYS A 128 17.11 -0.87 -11.23
CA LYS A 128 17.64 -2.08 -10.62
C LYS A 128 16.57 -3.16 -10.52
N ALA A 129 15.40 -2.76 -10.04
CA ALA A 129 14.28 -3.68 -9.85
C ALA A 129 13.79 -4.27 -11.19
N VAL A 130 13.67 -3.42 -12.21
CA VAL A 130 13.20 -3.85 -13.51
C VAL A 130 14.20 -4.78 -14.20
N GLU A 131 15.49 -4.59 -13.91
CA GLU A 131 16.51 -5.43 -14.52
C GLU A 131 16.60 -6.78 -13.82
N LEU A 132 16.22 -6.80 -12.55
CA LEU A 132 16.23 -8.04 -11.77
C LEU A 132 15.08 -8.93 -12.18
N ASP A 133 13.97 -8.29 -12.56
CA ASP A 133 12.76 -9.01 -12.99
C ASP A 133 12.27 -9.93 -11.88
N LEU A 134 11.85 -9.32 -10.78
CA LEU A 134 11.35 -10.07 -9.63
C LEU A 134 9.82 -10.10 -9.63
N VAL A 135 9.22 -8.98 -10.01
CA VAL A 135 7.78 -8.87 -10.04
C VAL A 135 7.31 -8.16 -11.31
N PRO A 136 6.32 -8.74 -12.01
CA PRO A 136 5.77 -8.15 -13.22
C PRO A 136 4.59 -7.23 -12.91
N GLY A 137 4.40 -6.21 -13.74
CA GLY A 137 3.30 -5.29 -13.53
C GLY A 137 2.92 -4.56 -14.80
N ARG A 138 2.27 -5.28 -15.71
CA ARG A 138 1.83 -4.70 -16.99
C ARG A 138 3.03 -4.18 -17.77
N SER A 139 3.01 -2.89 -18.09
CA SER A 139 4.10 -2.28 -18.83
C SER A 139 5.27 -1.96 -17.90
N PRO A 140 6.50 -1.92 -18.43
CA PRO A 140 7.70 -1.61 -17.63
C PRO A 140 7.64 -0.22 -17.01
N ILE A 141 6.77 0.63 -17.57
CA ILE A 141 6.61 1.99 -17.11
C ILE A 141 5.93 2.04 -15.73
N SER A 142 5.05 1.07 -15.47
CA SER A 142 4.35 1.02 -14.19
C SER A 142 5.31 0.84 -13.02
N VAL A 143 6.48 0.27 -13.31
CA VAL A 143 7.49 0.04 -12.28
C VAL A 143 8.14 1.35 -11.86
N ALA A 144 8.13 2.33 -12.76
CA ALA A 144 8.72 3.63 -12.49
C ALA A 144 7.92 4.37 -11.43
N ALA A 145 6.61 4.48 -11.65
CA ALA A 145 5.72 5.15 -10.71
C ALA A 145 5.74 4.45 -9.36
N ALA A 146 5.83 3.12 -9.40
CA ALA A 146 5.87 2.31 -8.18
C ALA A 146 7.12 2.63 -7.38
N ALA A 147 8.23 2.85 -8.08
CA ALA A 147 9.49 3.18 -7.44
C ALA A 147 9.42 4.56 -6.78
N ILE A 148 8.65 5.46 -7.39
CA ILE A 148 8.47 6.81 -6.85
C ILE A 148 7.79 6.73 -5.49
N TYR A 149 6.88 5.78 -5.36
CA TYR A 149 6.15 5.56 -4.12
C TYR A 149 7.13 5.17 -3.02
N MET A 150 8.03 4.25 -3.35
CA MET A 150 9.04 3.79 -2.40
C MET A 150 10.05 4.89 -2.10
N ALA A 151 10.48 5.59 -3.14
CA ALA A 151 11.44 6.68 -3.01
C ALA A 151 10.92 7.77 -2.09
N SER A 152 9.62 8.01 -2.14
CA SER A 152 8.99 9.01 -1.29
C SER A 152 9.14 8.63 0.18
N GLN A 153 8.86 7.36 0.48
CA GLN A 153 8.99 6.87 1.85
C GLN A 153 10.45 6.89 2.28
N ALA A 154 11.33 6.52 1.35
CA ALA A 154 12.77 6.48 1.63
C ALA A 154 13.33 7.88 1.91
N SER A 155 12.59 8.90 1.50
CA SER A 155 13.00 10.27 1.70
C SER A 155 12.13 10.96 2.76
N ALA A 156 11.26 10.16 3.40
CA ALA A 156 10.36 10.64 4.44
C ALA A 156 9.36 11.67 3.90
N GLU A 157 9.02 11.56 2.64
CA GLU A 157 8.08 12.49 2.02
C GLU A 157 6.68 11.89 2.00
N LYS A 158 5.69 12.72 2.33
CA LYS A 158 4.30 12.26 2.36
C LYS A 158 3.62 12.52 1.02
N ARG A 159 3.70 11.54 0.13
CA ARG A 159 3.09 11.66 -1.19
C ARG A 159 1.62 11.27 -1.12
N THR A 160 0.76 12.15 -1.60
CA THR A 160 -0.67 11.91 -1.61
C THR A 160 -1.02 10.88 -2.68
N GLN A 161 -2.03 10.06 -2.38
CA GLN A 161 -2.48 9.00 -3.29
C GLN A 161 -2.88 9.53 -4.67
N LYS A 162 -3.78 10.49 -4.70
CA LYS A 162 -4.26 11.05 -5.96
C LYS A 162 -3.15 11.82 -6.69
N GLU A 163 -2.21 12.37 -5.93
CA GLU A 163 -1.13 13.15 -6.51
C GLU A 163 0.01 12.26 -6.98
N ILE A 164 -0.15 10.95 -6.86
CA ILE A 164 0.87 10.01 -7.32
C ILE A 164 0.26 8.90 -8.17
N GLY A 165 -1.05 8.89 -8.27
CA GLY A 165 -1.73 7.87 -9.04
C GLY A 165 -2.61 8.42 -10.14
N ASP A 166 -3.72 9.04 -9.75
CA ASP A 166 -4.67 9.61 -10.70
C ASP A 166 -4.03 10.65 -11.62
N ILE A 167 -3.36 11.64 -11.02
CA ILE A 167 -2.72 12.69 -11.81
C ILE A 167 -1.61 12.13 -12.69
N ALA A 168 -1.00 11.03 -12.27
CA ALA A 168 0.08 10.40 -13.03
C ALA A 168 -0.49 9.70 -14.26
N GLY A 169 -1.55 8.93 -14.06
CA GLY A 169 -2.17 8.22 -15.17
C GLY A 169 -1.53 6.87 -15.42
N VAL A 170 -1.13 6.22 -14.35
CA VAL A 170 -0.49 4.90 -14.45
C VAL A 170 -1.54 3.81 -14.24
N ALA A 171 -1.67 3.36 -13.00
CA ALA A 171 -2.62 2.32 -12.64
C ALA A 171 -2.72 2.24 -11.13
N ASP A 172 -3.73 1.53 -10.64
CA ASP A 172 -3.94 1.40 -9.20
C ASP A 172 -3.54 0.01 -8.70
N VAL A 173 -4.16 -1.03 -9.27
CA VAL A 173 -3.89 -2.41 -8.87
C VAL A 173 -2.43 -2.79 -9.13
N THR A 174 -1.90 -2.32 -10.24
CA THR A 174 -0.52 -2.61 -10.63
C THR A 174 0.48 -2.24 -9.55
N ILE A 175 0.32 -1.06 -8.95
CA ILE A 175 1.23 -0.61 -7.90
C ILE A 175 1.01 -1.40 -6.62
N ARG A 176 -0.19 -1.94 -6.47
CA ARG A 176 -0.55 -2.70 -5.28
C ARG A 176 0.02 -4.12 -5.33
N GLN A 177 0.42 -4.59 -6.51
CA GLN A 177 0.95 -5.94 -6.63
C GLN A 177 2.44 -5.95 -6.99
N SER A 178 2.98 -4.81 -7.38
CA SER A 178 4.38 -4.73 -7.75
C SER A 178 5.29 -4.72 -6.53
N TYR A 179 5.13 -3.72 -5.67
CA TYR A 179 5.95 -3.60 -4.47
C TYR A 179 5.45 -4.50 -3.34
N ARG A 180 5.09 -5.73 -3.71
CA ARG A 180 4.62 -6.70 -2.73
C ARG A 180 5.69 -7.76 -2.54
N LEU A 181 6.26 -8.23 -3.65
CA LEU A 181 7.30 -9.23 -3.62
C LEU A 181 8.60 -8.65 -4.18
N ILE A 182 8.72 -7.33 -4.08
CA ILE A 182 9.90 -6.62 -4.58
C ILE A 182 11.13 -6.95 -3.72
N TYR A 183 10.90 -7.14 -2.43
CA TYR A 183 11.99 -7.45 -1.50
C TYR A 183 11.60 -8.62 -0.60
N PRO A 184 12.50 -9.60 -0.45
CA PRO A 184 12.26 -10.77 0.40
C PRO A 184 12.33 -10.44 1.88
N ARG A 185 13.18 -9.48 2.22
CA ARG A 185 13.36 -9.07 3.60
C ARG A 185 13.90 -7.64 3.64
N ALA A 186 15.04 -7.44 2.99
CA ALA A 186 15.67 -6.13 2.93
C ALA A 186 15.68 -5.61 1.50
N PRO A 187 15.47 -4.29 1.32
CA PRO A 187 15.47 -3.69 0.00
C PRO A 187 16.89 -3.46 -0.54
N ASP A 188 17.60 -4.56 -0.74
CA ASP A 188 18.98 -4.51 -1.24
C ASP A 188 19.02 -4.13 -2.72
N LEU A 189 17.84 -3.92 -3.30
CA LEU A 189 17.71 -3.55 -4.70
C LEU A 189 18.26 -2.16 -4.94
N PHE A 190 18.49 -1.42 -3.86
CA PHE A 190 19.02 -0.06 -3.95
C PHE A 190 20.38 -0.07 -4.66
N PRO A 191 20.55 0.81 -5.66
CA PRO A 191 21.80 0.92 -6.38
C PRO A 191 22.88 1.59 -5.55
N THR A 192 24.08 1.69 -6.10
CA THR A 192 25.19 2.32 -5.40
C THR A 192 24.95 3.82 -5.22
N ASP A 193 24.02 4.35 -6.02
CA ASP A 193 23.67 5.76 -5.97
C ASP A 193 22.88 6.10 -4.70
N PHE A 194 21.91 5.26 -4.37
CA PHE A 194 21.08 5.49 -3.20
C PHE A 194 21.78 5.00 -1.94
N LYS A 195 22.28 5.94 -1.16
CA LYS A 195 23.01 5.62 0.07
C LYS A 195 22.06 5.57 1.27
N PHE A 196 20.76 5.51 1.01
CA PHE A 196 19.74 5.45 2.07
C PHE A 196 19.83 6.69 2.97
N ASP A 197 19.18 7.77 2.55
CA ASP A 197 19.21 9.02 3.30
C ASP A 197 18.49 8.87 4.65
N THR A 198 17.20 8.57 4.60
CA THR A 198 16.42 8.41 5.82
C THR A 198 16.49 6.98 6.32
N PRO A 199 16.99 6.78 7.56
CA PRO A 199 17.11 5.45 8.16
C PRO A 199 15.75 4.91 8.64
N VAL A 200 14.97 4.36 7.73
CA VAL A 200 13.67 3.81 8.06
C VAL A 200 13.80 2.36 8.53
N ASP A 201 15.01 1.81 8.40
CA ASP A 201 15.32 0.44 8.79
C ASP A 201 14.55 -0.56 7.92
N LYS A 202 13.36 -0.94 8.38
CA LYS A 202 12.54 -1.90 7.64
C LYS A 202 11.13 -1.35 7.47
N LEU A 203 10.52 -1.71 6.35
CA LEU A 203 9.17 -1.27 6.04
C LEU A 203 8.24 -2.47 5.95
N PRO A 204 7.12 -2.43 6.68
CA PRO A 204 6.13 -3.50 6.69
C PRO A 204 5.23 -3.40 5.46
N GLN A 205 5.73 -3.90 4.33
CA GLN A 205 5.01 -3.87 3.07
C GLN A 205 4.86 -2.42 2.60
N LEU A 206 5.96 -1.67 2.75
CA LEU A 206 6.05 -0.26 2.38
C LEU A 206 5.41 0.62 3.45
N TYR B 1 -9.45 -16.88 -15.57
CA TYR B 1 -9.30 -15.62 -14.79
C TYR B 1 -9.75 -15.82 -13.34
N GLY B 2 -10.79 -16.63 -13.14
CA GLY B 2 -11.32 -16.89 -11.82
C GLY B 2 -10.27 -17.28 -10.80
N ALA B 3 -9.33 -18.13 -11.21
CA ALA B 3 -8.27 -18.58 -10.31
C ALA B 3 -7.40 -17.42 -9.86
N LEU B 4 -6.90 -16.64 -10.82
CA LEU B 4 -6.05 -15.49 -10.53
C LEU B 4 -6.82 -14.43 -9.76
N ASP B 5 -8.08 -14.26 -10.10
CA ASP B 5 -8.94 -13.27 -9.45
C ASP B 5 -9.17 -13.65 -7.99
N MET B 6 -9.47 -14.91 -7.74
CA MET B 6 -9.72 -15.38 -6.38
C MET B 6 -8.41 -15.47 -5.60
N ALA B 7 -7.30 -15.60 -6.32
CA ALA B 7 -6.00 -15.69 -5.68
C ALA B 7 -5.64 -14.37 -5.02
N ASP B 8 -6.03 -13.27 -5.64
CA ASP B 8 -5.75 -11.94 -5.11
C ASP B 8 -6.54 -11.70 -3.84
N PHE B 9 -7.66 -12.40 -3.68
CA PHE B 9 -8.51 -12.27 -2.50
C PHE B 9 -7.70 -12.56 -1.25
N GLU B 10 -6.78 -13.51 -1.36
CA GLU B 10 -5.91 -13.89 -0.27
C GLU B 10 -4.45 -13.82 -0.72
N PHE B 11 -4.16 -12.86 -1.58
CA PHE B 11 -2.81 -12.68 -2.11
C PHE B 11 -1.83 -12.30 -1.01
N GLU B 12 -2.12 -11.21 -0.32
CA GLU B 12 -1.27 -10.72 0.76
C GLU B 12 -1.50 -11.52 2.05
N GLN B 13 -2.01 -12.74 1.91
CA GLN B 13 -2.27 -13.61 3.06
C GLN B 13 -0.97 -13.89 3.81
N MET B 14 -0.02 -14.50 3.12
CA MET B 14 1.27 -14.82 3.72
C MET B 14 2.16 -13.59 3.80
N PHE B 15 1.85 -12.60 2.97
CA PHE B 15 2.61 -11.36 2.93
C PHE B 15 2.44 -10.55 4.21
N THR B 16 1.20 -10.42 4.67
CA THR B 16 0.94 -9.65 5.88
C THR B 16 1.21 -10.49 7.13
N ASP B 17 1.34 -11.79 6.95
CA ASP B 17 1.64 -12.67 8.07
C ASP B 17 3.08 -12.42 8.54
N ALA B 18 3.85 -11.78 7.67
CA ALA B 18 5.23 -11.44 7.97
C ALA B 18 5.33 -9.98 8.37
N LEU B 19 4.17 -9.31 8.48
CA LEU B 19 4.12 -7.90 8.86
C LEU B 19 4.41 -7.76 10.35
N GLY B 20 4.18 -8.84 11.08
CA GLY B 20 4.43 -8.83 12.51
C GLY B 20 5.12 -10.09 12.98
N ILE B 21 6.44 -10.08 12.89
CA ILE B 21 7.23 -11.23 13.30
C ILE B 21 8.73 -10.91 13.26
N ASP B 22 9.15 -10.16 12.25
CA ASP B 22 10.55 -9.78 12.12
C ASP B 22 10.95 -8.78 13.18
N GLU B 23 10.03 -7.87 13.50
CA GLU B 23 10.29 -6.86 14.51
C GLU B 23 10.37 -7.50 15.89
N TYR B 24 9.90 -8.75 15.97
CA TYR B 24 9.93 -9.50 17.21
C TYR B 24 11.20 -10.34 17.26
N GLY B 25 11.95 -10.31 16.17
CA GLY B 25 13.18 -11.06 16.08
C GLY B 25 14.33 -10.31 16.70
N GLY B 26 14.46 -10.42 18.02
CA GLY B 26 15.53 -9.75 18.73
C GLY B 26 15.31 -9.84 20.22
N SER A 1 -26.07 -6.45 14.95
CA SER A 1 -24.72 -6.04 14.51
C SER A 1 -24.08 -5.09 15.52
N ARG A 2 -22.85 -5.39 15.90
CA ARG A 2 -22.12 -4.55 16.86
C ARG A 2 -20.74 -4.20 16.31
N ALA A 3 -20.10 -5.17 15.67
CA ALA A 3 -18.77 -4.98 15.10
C ALA A 3 -18.76 -3.84 14.08
N MET A 4 -19.89 -3.66 13.40
CA MET A 4 -20.02 -2.60 12.39
C MET A 4 -19.83 -1.23 13.04
N MET A 5 -20.60 -0.98 14.09
CA MET A 5 -20.54 0.29 14.81
C MET A 5 -19.19 0.48 15.46
N ASN A 6 -18.65 -0.59 16.04
CA ASN A 6 -17.35 -0.54 16.69
C ASN A 6 -16.25 -0.21 15.68
N ALA A 7 -16.32 -0.84 14.51
CA ALA A 7 -15.35 -0.61 13.46
C ALA A 7 -15.40 0.82 12.96
N PHE A 8 -16.62 1.34 12.82
CA PHE A 8 -16.82 2.71 12.35
C PHE A 8 -16.13 3.69 13.29
N LYS A 9 -16.23 3.44 14.59
CA LYS A 9 -15.60 4.30 15.58
C LYS A 9 -14.09 4.21 15.46
N GLU A 10 -13.59 3.00 15.20
CA GLU A 10 -12.15 2.79 15.03
C GLU A 10 -11.68 3.52 13.79
N ILE A 11 -12.40 3.35 12.68
CA ILE A 11 -12.07 4.01 11.43
C ILE A 11 -12.04 5.52 11.61
N THR A 12 -12.99 6.02 12.40
CA THR A 12 -13.08 7.45 12.68
C THR A 12 -11.76 7.96 13.26
N THR A 13 -11.33 7.36 14.36
CA THR A 13 -10.09 7.76 15.02
C THR A 13 -8.86 7.50 14.16
N MET A 14 -8.89 6.41 13.39
CA MET A 14 -7.77 6.05 12.52
C MET A 14 -7.58 7.10 11.43
N ALA A 15 -8.68 7.49 10.80
CA ALA A 15 -8.63 8.50 9.73
C ALA A 15 -8.39 9.88 10.33
N ASP A 16 -9.03 10.15 11.46
CA ASP A 16 -8.90 11.43 12.15
C ASP A 16 -7.46 11.68 12.56
N ARG A 17 -6.76 10.60 12.92
CA ARG A 17 -5.36 10.70 13.34
C ARG A 17 -4.49 11.27 12.21
N ILE A 18 -4.88 11.00 10.98
CA ILE A 18 -4.13 11.48 9.82
C ILE A 18 -4.84 12.70 9.20
N ASN A 19 -5.92 13.13 9.85
CA ASN A 19 -6.71 14.27 9.38
C ASN A 19 -7.26 14.01 7.97
N LEU A 20 -7.62 12.76 7.71
CA LEU A 20 -8.14 12.37 6.42
C LEU A 20 -9.58 12.87 6.23
N PRO A 21 -9.96 13.21 4.98
CA PRO A 21 -11.30 13.70 4.66
C PRO A 21 -12.35 12.62 4.85
N ARG A 22 -13.60 13.04 5.03
CA ARG A 22 -14.72 12.11 5.23
C ARG A 22 -14.86 11.17 4.04
N ASN A 23 -14.42 11.61 2.86
CA ASN A 23 -14.49 10.80 1.64
C ASN A 23 -13.84 9.44 1.84
N ILE A 24 -12.74 9.43 2.58
CA ILE A 24 -12.01 8.20 2.86
C ILE A 24 -12.84 7.29 3.75
N VAL A 25 -13.33 7.86 4.84
CA VAL A 25 -14.15 7.12 5.79
C VAL A 25 -15.43 6.62 5.14
N ASP A 26 -16.07 7.49 4.37
CA ASP A 26 -17.31 7.17 3.68
C ASP A 26 -17.12 5.96 2.76
N ARG A 27 -16.07 6.00 1.95
CA ARG A 27 -15.76 4.91 1.03
C ARG A 27 -15.43 3.64 1.80
N THR A 28 -14.66 3.78 2.87
CA THR A 28 -14.26 2.66 3.71
C THR A 28 -15.49 1.99 4.33
N ASN A 29 -16.39 2.82 4.87
CA ASN A 29 -17.62 2.34 5.50
C ASN A 29 -18.45 1.52 4.51
N ASN A 30 -18.54 2.02 3.29
CA ASN A 30 -19.30 1.34 2.25
C ASN A 30 -18.72 -0.04 1.94
N LEU A 31 -17.42 -0.08 1.73
CA LEU A 31 -16.72 -1.33 1.42
C LEU A 31 -16.82 -2.31 2.58
N PHE A 32 -16.70 -1.79 3.80
CA PHE A 32 -16.78 -2.61 5.00
C PHE A 32 -18.15 -3.29 5.10
N LYS A 33 -19.21 -2.55 4.78
CA LYS A 33 -20.56 -3.09 4.82
C LYS A 33 -20.73 -4.24 3.83
N GLN A 34 -19.97 -4.19 2.75
CA GLN A 34 -20.04 -5.21 1.71
C GLN A 34 -19.35 -6.51 2.14
N VAL A 35 -18.37 -6.41 3.03
CA VAL A 35 -17.66 -7.59 3.52
C VAL A 35 -18.16 -8.02 4.90
N TYR A 36 -18.84 -7.10 5.58
CA TYR A 36 -19.38 -7.37 6.90
C TYR A 36 -20.40 -8.51 6.87
N GLU A 37 -21.14 -8.60 5.77
CA GLU A 37 -22.14 -9.63 5.62
C GLU A 37 -21.59 -10.84 4.87
N GLN A 38 -20.29 -11.01 4.90
CA GLN A 38 -19.64 -12.13 4.23
C GLN A 38 -19.21 -13.17 5.25
N LYS A 39 -18.75 -14.31 4.77
CA LYS A 39 -18.32 -15.39 5.65
C LYS A 39 -16.80 -15.37 5.83
N SER A 40 -16.19 -14.27 5.45
CA SER A 40 -14.75 -14.11 5.59
C SER A 40 -14.43 -13.70 7.02
N LEU A 41 -15.04 -12.60 7.46
CA LEU A 41 -14.83 -12.10 8.81
C LEU A 41 -15.69 -12.88 9.80
N LYS A 42 -15.16 -14.00 10.28
CA LYS A 42 -15.87 -14.85 11.22
C LYS A 42 -15.37 -14.59 12.64
N GLY A 43 -14.70 -13.47 12.83
CA GLY A 43 -14.18 -13.13 14.13
C GLY A 43 -12.67 -13.23 14.16
N ARG A 44 -12.02 -12.12 14.45
CA ARG A 44 -10.56 -12.08 14.52
C ARG A 44 -10.12 -10.81 15.23
N ALA A 45 -10.27 -9.68 14.55
CA ALA A 45 -9.90 -8.39 15.11
C ALA A 45 -10.74 -7.29 14.49
N ASN A 46 -11.58 -6.67 15.31
CA ASN A 46 -12.48 -5.61 14.85
C ASN A 46 -11.71 -4.41 14.33
N ASP A 47 -10.54 -4.15 14.91
CA ASP A 47 -9.73 -3.01 14.52
C ASP A 47 -8.87 -3.31 13.30
N ALA A 48 -8.32 -4.53 13.23
CA ALA A 48 -7.48 -4.93 12.11
C ALA A 48 -8.24 -4.82 10.80
N ILE A 49 -9.49 -5.24 10.81
CA ILE A 49 -10.33 -5.18 9.62
C ILE A 49 -10.56 -3.73 9.20
N ALA A 50 -10.72 -2.86 10.20
CA ALA A 50 -10.94 -1.44 9.93
C ALA A 50 -9.75 -0.83 9.22
N SER A 51 -8.55 -1.11 9.72
CA SER A 51 -7.33 -0.60 9.13
C SER A 51 -7.14 -1.18 7.73
N ALA A 52 -7.57 -2.42 7.57
CA ALA A 52 -7.47 -3.11 6.28
C ALA A 52 -8.35 -2.45 5.23
N CYS A 53 -9.60 -2.17 5.61
CA CYS A 53 -10.55 -1.53 4.70
C CYS A 53 -10.04 -0.16 4.23
N LEU A 54 -9.30 0.50 5.10
CA LEU A 54 -8.74 1.82 4.79
C LEU A 54 -7.86 1.76 3.55
N TYR A 55 -6.93 0.81 3.52
CA TYR A 55 -6.00 0.67 2.40
C TYR A 55 -6.73 0.21 1.13
N ILE A 56 -7.93 -0.32 1.30
CA ILE A 56 -8.74 -0.76 0.16
C ILE A 56 -9.49 0.42 -0.44
N ALA A 57 -9.77 1.41 0.39
CA ALA A 57 -10.52 2.58 -0.05
C ALA A 57 -9.61 3.72 -0.51
N CYS A 58 -8.66 4.12 0.33
CA CYS A 58 -7.78 5.24 0.00
C CYS A 58 -6.49 4.80 -0.70
N ARG A 59 -6.53 3.67 -1.39
CA ARG A 59 -5.35 3.18 -2.10
C ARG A 59 -5.08 4.03 -3.34
N GLN A 60 -6.12 4.69 -3.84
CA GLN A 60 -5.98 5.53 -5.03
C GLN A 60 -5.78 6.99 -4.65
N GLU A 61 -6.53 7.46 -3.66
CA GLU A 61 -6.42 8.85 -3.22
C GLU A 61 -6.74 8.96 -1.74
N GLY A 62 -6.20 10.00 -1.10
CA GLY A 62 -6.44 10.21 0.32
C GLY A 62 -5.74 9.18 1.20
N VAL A 63 -4.62 8.65 0.70
CA VAL A 63 -3.86 7.66 1.44
C VAL A 63 -3.14 8.30 2.63
N PRO A 64 -3.22 7.65 3.80
CA PRO A 64 -2.58 8.12 5.02
C PRO A 64 -1.07 7.85 5.01
N ARG A 65 -0.39 8.52 4.07
CA ARG A 65 1.07 8.40 3.90
C ARG A 65 1.45 7.07 3.23
N THR A 66 1.07 5.96 3.85
CA THR A 66 1.38 4.64 3.31
C THR A 66 0.69 3.54 4.12
N PHE A 67 1.00 2.29 3.80
CA PHE A 67 0.39 1.14 4.45
C PHE A 67 0.98 0.88 5.85
N LYS A 68 2.30 1.02 5.97
CA LYS A 68 2.96 0.79 7.26
C LYS A 68 2.43 1.73 8.34
N GLU A 69 2.00 2.92 7.93
CA GLU A 69 1.48 3.91 8.87
C GLU A 69 0.12 3.49 9.44
N ILE A 70 -0.75 2.96 8.59
CA ILE A 70 -2.07 2.54 9.05
C ILE A 70 -1.97 1.20 9.76
N CYS A 71 -0.83 0.54 9.62
CA CYS A 71 -0.60 -0.74 10.28
C CYS A 71 -0.29 -0.50 11.75
N ALA A 72 0.16 0.71 12.06
CA ALA A 72 0.49 1.07 13.43
C ALA A 72 -0.73 1.61 14.16
N VAL A 73 -1.65 0.71 14.47
CA VAL A 73 -2.89 1.07 15.17
C VAL A 73 -3.68 -0.19 15.53
N SER A 74 -3.52 -1.23 14.71
CA SER A 74 -4.20 -2.49 14.94
C SER A 74 -3.48 -3.27 16.04
N ARG A 75 -4.25 -3.86 16.94
CA ARG A 75 -3.72 -4.62 18.06
C ARG A 75 -3.87 -6.12 17.84
N ILE A 76 -3.15 -6.66 16.87
CA ILE A 76 -3.22 -8.08 16.56
C ILE A 76 -2.10 -8.48 15.58
N SER A 77 -0.86 -8.18 15.96
CA SER A 77 0.30 -8.51 15.14
C SER A 77 0.24 -7.77 13.80
N LYS A 78 0.92 -8.29 12.78
CA LYS A 78 0.93 -7.65 11.48
C LYS A 78 0.28 -8.54 10.42
N LYS A 79 0.56 -9.84 10.50
CA LYS A 79 0.02 -10.80 9.54
C LYS A 79 -1.50 -10.82 9.56
N GLU A 80 -2.07 -10.76 10.76
CA GLU A 80 -3.52 -10.78 10.93
C GLU A 80 -4.17 -9.62 10.17
N ILE A 81 -3.48 -8.47 10.16
CA ILE A 81 -3.97 -7.30 9.46
C ILE A 81 -3.97 -7.56 7.96
N GLY A 82 -2.85 -8.08 7.48
CA GLY A 82 -2.72 -8.39 6.06
C GLY A 82 -3.72 -9.42 5.61
N ARG A 83 -4.03 -10.37 6.49
CA ARG A 83 -5.00 -11.40 6.18
C ARG A 83 -6.38 -10.79 6.03
N CYS A 84 -6.76 -9.95 6.99
CA CYS A 84 -8.07 -9.29 6.95
C CYS A 84 -8.17 -8.45 5.68
N PHE A 85 -7.05 -7.83 5.33
CA PHE A 85 -6.95 -7.01 4.13
C PHE A 85 -7.23 -7.87 2.90
N LYS A 86 -6.66 -9.07 2.89
CA LYS A 86 -6.84 -10.00 1.80
C LYS A 86 -8.23 -10.63 1.80
N LEU A 87 -8.84 -10.68 2.97
CA LEU A 87 -10.18 -11.24 3.11
C LEU A 87 -11.19 -10.39 2.33
N ILE A 88 -10.94 -9.09 2.32
CA ILE A 88 -11.82 -8.16 1.62
C ILE A 88 -11.35 -7.96 0.17
N LEU A 89 -10.06 -8.14 -0.07
CA LEU A 89 -9.49 -7.98 -1.40
C LEU A 89 -10.08 -8.98 -2.38
N LYS A 90 -10.44 -10.16 -1.91
CA LYS A 90 -11.01 -11.19 -2.75
C LYS A 90 -12.49 -10.96 -3.01
N ALA A 91 -13.03 -9.89 -2.47
CA ALA A 91 -14.44 -9.55 -2.66
C ALA A 91 -14.63 -8.84 -3.98
N LEU A 92 -13.90 -7.75 -4.16
CA LEU A 92 -13.97 -6.95 -5.37
C LEU A 92 -12.69 -6.14 -5.53
N GLU A 93 -12.26 -5.96 -6.76
CA GLU A 93 -11.06 -5.19 -7.04
C GLU A 93 -11.43 -3.84 -7.63
N THR A 94 -10.46 -2.95 -7.74
CA THR A 94 -10.70 -1.64 -8.30
C THR A 94 -10.52 -1.66 -9.80
N SER A 95 -9.56 -2.48 -10.25
CA SER A 95 -9.25 -2.64 -11.66
C SER A 95 -8.80 -1.31 -12.27
N VAL A 96 -8.14 -0.48 -11.47
CA VAL A 96 -7.65 0.80 -11.94
C VAL A 96 -6.34 0.61 -12.69
N ASP A 97 -6.45 0.33 -13.97
CA ASP A 97 -5.29 0.12 -14.84
C ASP A 97 -5.70 0.30 -16.29
N LEU A 98 -5.08 1.25 -16.97
CA LEU A 98 -5.40 1.51 -18.37
C LEU A 98 -4.29 2.27 -19.07
N ILE A 99 -3.88 3.40 -18.49
CA ILE A 99 -2.83 4.22 -19.07
C ILE A 99 -1.45 3.68 -18.73
N THR A 100 -0.84 4.24 -17.68
CA THR A 100 0.49 3.84 -17.23
C THR A 100 1.59 4.36 -18.18
N THR A 101 1.28 4.41 -19.47
CA THR A 101 2.23 4.87 -20.49
C THR A 101 2.69 6.31 -20.24
N GLY A 102 1.82 7.11 -19.64
CA GLY A 102 2.16 8.50 -19.37
C GLY A 102 3.10 8.68 -18.19
N ASP A 103 3.42 7.59 -17.51
CA ASP A 103 4.30 7.65 -16.35
C ASP A 103 5.75 7.88 -16.78
N PHE A 104 6.03 7.67 -18.06
CA PHE A 104 7.38 7.85 -18.59
C PHE A 104 7.80 9.32 -18.53
N MET A 105 6.84 10.20 -18.28
CA MET A 105 7.12 11.62 -18.17
C MET A 105 7.86 11.86 -16.85
N SER A 106 7.23 11.45 -15.75
CA SER A 106 7.79 11.53 -14.38
C SER A 106 8.00 12.96 -13.85
N ARG A 107 8.41 13.89 -14.72
CA ARG A 107 8.68 15.27 -14.29
C ARG A 107 7.47 15.95 -13.65
N PHE A 108 6.28 15.58 -14.09
CA PHE A 108 5.07 16.18 -13.56
C PHE A 108 4.50 15.36 -12.41
N CYS A 109 5.13 14.24 -12.10
CA CYS A 109 4.68 13.37 -11.01
C CYS A 109 5.13 13.95 -9.66
N SER A 110 6.08 14.88 -9.72
CA SER A 110 6.60 15.53 -8.53
C SER A 110 5.91 16.87 -8.30
N ASN A 111 4.71 17.01 -8.86
CA ASN A 111 3.94 18.24 -8.75
C ASN A 111 3.49 18.54 -7.33
N LEU A 112 3.40 17.52 -6.49
CA LEU A 112 2.96 17.71 -5.11
C LEU A 112 4.14 18.06 -4.20
N CYS A 113 4.78 19.19 -4.49
CA CYS A 113 5.92 19.68 -3.69
C CYS A 113 6.96 18.57 -3.44
N LEU A 114 7.24 17.78 -4.47
CA LEU A 114 8.19 16.70 -4.34
C LEU A 114 9.54 17.11 -4.94
N PRO A 115 10.58 17.24 -4.10
CA PRO A 115 11.91 17.63 -4.55
C PRO A 115 12.51 16.67 -5.57
N LYS A 116 13.38 17.20 -6.43
CA LYS A 116 14.02 16.41 -7.48
C LYS A 116 14.88 15.29 -6.88
N GLN A 117 15.29 15.45 -5.63
CA GLN A 117 16.11 14.45 -4.95
C GLN A 117 15.39 13.10 -4.94
N VAL A 118 14.09 13.14 -4.69
CA VAL A 118 13.28 11.94 -4.64
C VAL A 118 13.14 11.34 -6.04
N GLN A 119 13.04 12.20 -7.03
CA GLN A 119 12.90 11.75 -8.43
C GLN A 119 14.16 11.07 -8.91
N MET A 120 15.31 11.67 -8.63
CA MET A 120 16.59 11.12 -9.03
C MET A 120 16.86 9.79 -8.32
N ALA A 121 16.38 9.69 -7.10
CA ALA A 121 16.56 8.48 -6.31
C ALA A 121 15.64 7.37 -6.82
N ALA A 122 14.36 7.70 -6.98
CA ALA A 122 13.35 6.74 -7.44
C ALA A 122 13.74 6.09 -8.78
N THR A 123 14.21 6.91 -9.71
CA THR A 123 14.60 6.40 -11.02
C THR A 123 15.79 5.44 -10.92
N HIS A 124 16.59 5.60 -9.88
CA HIS A 124 17.75 4.74 -9.67
C HIS A 124 17.33 3.43 -9.02
N ILE A 125 16.20 3.45 -8.32
CA ILE A 125 15.66 2.27 -7.67
C ILE A 125 14.98 1.38 -8.70
N ALA A 126 14.10 2.00 -9.48
CA ALA A 126 13.36 1.29 -10.52
C ALA A 126 14.32 0.72 -11.56
N ARG A 127 15.47 1.35 -11.73
CA ARG A 127 16.48 0.91 -12.68
C ARG A 127 16.90 -0.53 -12.38
N LYS A 128 17.23 -0.78 -11.12
CA LYS A 128 17.66 -2.11 -10.69
C LYS A 128 16.47 -3.07 -10.67
N ALA A 129 15.31 -2.55 -10.30
CA ALA A 129 14.09 -3.35 -10.22
C ALA A 129 13.67 -3.88 -11.59
N VAL A 130 13.63 -3.00 -12.57
CA VAL A 130 13.22 -3.37 -13.93
C VAL A 130 14.24 -4.30 -14.58
N GLU A 131 15.52 -3.97 -14.42
CA GLU A 131 16.59 -4.77 -15.01
C GLU A 131 16.68 -6.15 -14.35
N LEU A 132 16.33 -6.23 -13.08
CA LEU A 132 16.36 -7.52 -12.37
C LEU A 132 15.12 -8.32 -12.74
N ASP A 133 14.09 -7.61 -13.21
CA ASP A 133 12.83 -8.22 -13.64
C ASP A 133 12.21 -9.06 -12.53
N LEU A 134 11.93 -8.42 -11.41
CA LEU A 134 11.34 -9.10 -10.26
C LEU A 134 9.81 -9.06 -10.31
N VAL A 135 9.26 -8.29 -11.23
CA VAL A 135 7.82 -8.18 -11.34
C VAL A 135 7.39 -7.94 -12.80
N PRO A 136 7.27 -9.04 -13.58
CA PRO A 136 6.86 -8.97 -14.97
C PRO A 136 5.34 -9.05 -15.13
N GLY A 137 4.63 -8.96 -14.02
CA GLY A 137 3.19 -9.03 -14.04
C GLY A 137 2.54 -7.84 -14.73
N ARG A 138 3.17 -6.68 -14.60
CA ARG A 138 2.64 -5.46 -15.21
C ARG A 138 3.52 -5.05 -16.40
N SER A 139 4.35 -4.05 -16.19
CA SER A 139 5.24 -3.54 -17.24
C SER A 139 6.42 -2.81 -16.61
N PRO A 140 7.47 -2.49 -17.38
CA PRO A 140 8.64 -1.77 -16.87
C PRO A 140 8.32 -0.33 -16.46
N ILE A 141 7.26 0.21 -17.06
CA ILE A 141 6.85 1.59 -16.77
C ILE A 141 6.19 1.70 -15.40
N SER A 142 5.39 0.70 -15.07
CA SER A 142 4.67 0.68 -13.80
C SER A 142 5.60 0.70 -12.59
N VAL A 143 6.86 0.41 -12.81
CA VAL A 143 7.84 0.39 -11.73
C VAL A 143 8.36 1.80 -11.44
N ALA A 144 8.14 2.73 -12.36
CA ALA A 144 8.59 4.10 -12.19
C ALA A 144 7.83 4.80 -11.07
N ALA A 145 6.53 5.05 -11.28
CA ALA A 145 5.69 5.69 -10.27
C ALA A 145 5.70 4.91 -8.97
N ALA A 146 5.81 3.59 -9.07
CA ALA A 146 5.86 2.74 -7.90
C ALA A 146 7.08 3.07 -7.05
N ALA A 147 8.21 3.23 -7.72
CA ALA A 147 9.46 3.57 -7.03
C ALA A 147 9.40 5.00 -6.52
N ILE A 148 8.73 5.87 -7.27
CA ILE A 148 8.58 7.27 -6.88
C ILE A 148 7.80 7.38 -5.57
N TYR A 149 6.73 6.59 -5.47
CA TYR A 149 5.92 6.59 -4.27
C TYR A 149 6.71 6.02 -3.10
N MET A 150 7.42 4.92 -3.35
CA MET A 150 8.23 4.27 -2.33
C MET A 150 9.36 5.18 -1.86
N ALA A 151 9.99 5.87 -2.81
CA ALA A 151 11.09 6.78 -2.50
C ALA A 151 10.63 7.89 -1.56
N SER A 152 9.36 8.26 -1.67
CA SER A 152 8.78 9.29 -0.82
C SER A 152 8.73 8.79 0.62
N GLN A 153 8.35 7.53 0.79
CA GLN A 153 8.27 6.92 2.11
C GLN A 153 9.68 6.64 2.64
N ALA A 154 10.57 6.27 1.72
CA ALA A 154 11.96 5.99 2.07
C ALA A 154 12.66 7.24 2.62
N SER A 155 12.15 8.40 2.21
CA SER A 155 12.69 9.67 2.66
C SER A 155 11.89 10.20 3.85
N ALA A 156 11.01 9.35 4.38
CA ALA A 156 10.16 9.68 5.53
C ALA A 156 9.27 10.88 5.25
N GLU A 157 8.72 10.94 4.04
CA GLU A 157 7.84 12.03 3.65
C GLU A 157 6.39 11.55 3.61
N LYS A 158 5.48 12.47 3.30
CA LYS A 158 4.07 12.13 3.21
C LYS A 158 3.48 12.60 1.88
N ARG A 159 3.35 11.68 0.94
CA ARG A 159 2.81 12.00 -0.38
C ARG A 159 1.53 11.22 -0.60
N THR A 160 0.49 11.90 -1.06
CA THR A 160 -0.79 11.25 -1.31
C THR A 160 -0.79 10.59 -2.69
N GLN A 161 -1.33 9.36 -2.73
CA GLN A 161 -1.41 8.55 -3.95
C GLN A 161 -1.96 9.29 -5.17
N LYS A 162 -2.94 10.16 -4.93
CA LYS A 162 -3.56 10.89 -6.03
C LYS A 162 -2.58 11.87 -6.67
N GLU A 163 -2.05 12.79 -5.86
CA GLU A 163 -1.14 13.81 -6.35
C GLU A 163 0.28 13.29 -6.61
N ILE A 164 0.38 12.05 -7.07
CA ILE A 164 1.68 11.46 -7.39
C ILE A 164 1.53 10.38 -8.47
N GLY A 165 0.45 9.62 -8.41
CA GLY A 165 0.23 8.58 -9.39
C GLY A 165 -1.09 8.72 -10.12
N ASP A 166 -2.15 9.00 -9.36
CA ASP A 166 -3.48 9.14 -9.94
C ASP A 166 -3.58 10.37 -10.85
N ILE A 167 -3.08 11.50 -10.36
CA ILE A 167 -3.11 12.75 -11.12
C ILE A 167 -2.19 12.64 -12.33
N ALA A 168 -1.09 11.90 -12.16
CA ALA A 168 -0.14 11.71 -13.24
C ALA A 168 -0.79 10.97 -14.41
N GLY A 169 -1.56 9.94 -14.09
CA GLY A 169 -2.24 9.18 -15.13
C GLY A 169 -1.63 7.82 -15.32
N VAL A 170 -1.27 7.19 -14.21
CA VAL A 170 -0.68 5.86 -14.26
C VAL A 170 -1.77 4.82 -14.00
N ALA A 171 -1.77 4.24 -12.81
CA ALA A 171 -2.76 3.23 -12.43
C ALA A 171 -2.51 2.76 -11.00
N ASP A 172 -3.58 2.35 -10.32
CA ASP A 172 -3.48 1.89 -8.94
C ASP A 172 -2.81 0.52 -8.87
N VAL A 173 -3.39 -0.46 -9.56
CA VAL A 173 -2.85 -1.81 -9.55
C VAL A 173 -1.50 -1.86 -10.25
N THR A 174 -1.25 -0.88 -11.12
CA THR A 174 0.01 -0.80 -11.84
C THR A 174 1.18 -0.68 -10.86
N ILE A 175 1.01 0.12 -9.82
CA ILE A 175 2.05 0.29 -8.82
C ILE A 175 1.86 -0.67 -7.66
N ARG A 176 0.60 -1.03 -7.40
CA ARG A 176 0.26 -1.94 -6.33
C ARG A 176 0.82 -3.34 -6.61
N GLN A 177 0.72 -3.76 -7.86
CA GLN A 177 1.22 -5.08 -8.26
C GLN A 177 2.74 -5.09 -8.35
N SER A 178 3.31 -3.99 -8.84
CA SER A 178 4.75 -3.87 -8.97
C SER A 178 5.45 -4.05 -7.63
N TYR A 179 4.97 -3.37 -6.60
CA TYR A 179 5.58 -3.48 -5.28
C TYR A 179 4.87 -4.51 -4.41
N ARG A 180 4.13 -5.41 -5.04
CA ARG A 180 3.40 -6.43 -4.32
C ARG A 180 4.35 -7.58 -3.95
N LEU A 181 5.37 -7.78 -4.76
CA LEU A 181 6.33 -8.84 -4.51
C LEU A 181 7.70 -8.48 -5.11
N ILE A 182 7.93 -7.19 -5.29
CA ILE A 182 9.19 -6.71 -5.86
C ILE A 182 10.33 -6.83 -4.85
N TYR A 183 9.96 -6.99 -3.59
CA TYR A 183 10.95 -7.13 -2.53
C TYR A 183 10.79 -8.48 -1.84
N PRO A 184 11.91 -9.16 -1.57
CA PRO A 184 11.89 -10.47 -0.91
C PRO A 184 11.58 -10.33 0.58
N ARG A 185 12.19 -9.34 1.20
CA ARG A 185 11.99 -9.08 2.62
C ARG A 185 12.26 -7.62 2.95
N ALA A 186 13.01 -6.96 2.08
CA ALA A 186 13.35 -5.56 2.24
C ALA A 186 13.56 -4.95 0.87
N PRO A 187 13.67 -3.61 0.76
CA PRO A 187 13.89 -2.94 -0.52
C PRO A 187 15.30 -3.18 -1.05
N ASP A 188 15.58 -4.42 -1.40
CA ASP A 188 16.88 -4.82 -1.95
C ASP A 188 17.00 -4.41 -3.40
N LEU A 189 16.61 -3.18 -3.70
CA LEU A 189 16.65 -2.65 -5.05
C LEU A 189 17.52 -1.40 -5.10
N PHE A 190 18.28 -1.16 -4.04
CA PHE A 190 19.15 0.00 -3.97
C PHE A 190 20.56 -0.37 -4.36
N PRO A 191 21.04 0.11 -5.53
CA PRO A 191 22.39 -0.17 -6.01
C PRO A 191 23.45 0.50 -5.14
N THR A 192 23.57 1.81 -5.26
CA THR A 192 24.55 2.57 -4.48
C THR A 192 24.14 4.04 -4.42
N ASP A 193 23.45 4.50 -5.46
CA ASP A 193 22.99 5.89 -5.53
C ASP A 193 22.06 6.21 -4.38
N PHE A 194 21.28 5.23 -3.97
CA PHE A 194 20.34 5.41 -2.88
C PHE A 194 21.05 5.20 -1.54
N LYS A 195 21.56 6.30 -1.00
CA LYS A 195 22.26 6.27 0.29
C LYS A 195 21.30 5.93 1.43
N PHE A 196 20.01 6.24 1.20
CA PHE A 196 18.94 5.98 2.17
C PHE A 196 19.01 7.00 3.31
N ASP A 197 18.02 7.88 3.36
CA ASP A 197 17.96 8.89 4.40
C ASP A 197 17.56 8.27 5.72
N THR A 198 16.40 7.62 5.72
CA THR A 198 15.89 6.95 6.91
C THR A 198 16.65 5.65 7.15
N PRO A 199 17.39 5.57 8.27
CA PRO A 199 18.18 4.38 8.61
C PRO A 199 17.33 3.21 9.10
N VAL A 200 16.41 2.76 8.26
CA VAL A 200 15.54 1.65 8.60
C VAL A 200 15.98 0.37 7.92
N ASP A 201 16.56 0.52 6.71
CA ASP A 201 17.05 -0.60 5.91
C ASP A 201 15.90 -1.50 5.44
N LYS A 202 15.33 -2.23 6.38
CA LYS A 202 14.23 -3.13 6.09
C LYS A 202 12.90 -2.42 6.26
N LEU A 203 12.29 -2.03 5.15
CA LEU A 203 11.01 -1.34 5.15
C LEU A 203 9.88 -2.37 5.15
N PRO A 204 9.16 -2.49 6.27
CA PRO A 204 8.06 -3.45 6.40
C PRO A 204 6.70 -2.88 5.99
N GLN A 205 6.14 -3.44 4.92
CA GLN A 205 4.83 -3.04 4.40
C GLN A 205 4.85 -1.63 3.81
N LEU A 206 6.06 -1.11 3.59
CA LEU A 206 6.26 0.23 3.04
C LEU A 206 5.75 1.30 4.01
N TYR B 1 -16.66 -12.48 -4.93
CA TYR B 1 -15.61 -13.26 -4.23
C TYR B 1 -15.00 -14.29 -5.17
N GLY B 2 -13.73 -14.10 -5.49
CA GLY B 2 -13.04 -15.02 -6.39
C GLY B 2 -12.21 -16.04 -5.63
N ALA B 3 -10.90 -15.92 -5.77
CA ALA B 3 -9.97 -16.83 -5.11
C ALA B 3 -10.01 -16.65 -3.59
N LEU B 4 -10.69 -17.56 -2.91
CA LEU B 4 -10.83 -17.51 -1.47
C LEU B 4 -9.49 -17.80 -0.78
N ASP B 5 -9.09 -19.07 -0.81
CA ASP B 5 -7.84 -19.50 -0.18
C ASP B 5 -6.63 -19.14 -1.03
N MET B 6 -6.78 -19.24 -2.35
CA MET B 6 -5.69 -18.94 -3.27
C MET B 6 -5.14 -17.54 -3.04
N ALA B 7 -6.02 -16.56 -2.94
CA ALA B 7 -5.61 -15.18 -2.72
C ALA B 7 -5.62 -14.85 -1.23
N ASP B 8 -5.06 -15.75 -0.44
CA ASP B 8 -5.01 -15.55 1.02
C ASP B 8 -3.84 -16.29 1.63
N PHE B 9 -3.75 -17.58 1.34
CA PHE B 9 -2.69 -18.43 1.88
C PHE B 9 -1.30 -17.97 1.44
N GLU B 10 -1.23 -17.38 0.25
CA GLU B 10 0.05 -16.90 -0.28
C GLU B 10 0.56 -15.73 0.57
N PHE B 11 -0.38 -14.97 1.13
CA PHE B 11 -0.05 -13.83 1.97
C PHE B 11 0.50 -14.32 3.31
N GLU B 12 -0.06 -15.42 3.78
CA GLU B 12 0.36 -16.03 5.03
C GLU B 12 1.83 -16.42 4.95
N GLN B 13 2.18 -17.15 3.90
CA GLN B 13 3.55 -17.58 3.69
C GLN B 13 4.47 -16.38 3.49
N MET B 14 4.01 -15.42 2.67
CA MET B 14 4.78 -14.22 2.40
C MET B 14 5.13 -13.47 3.68
N PHE B 15 4.11 -13.27 4.53
CA PHE B 15 4.30 -12.56 5.79
C PHE B 15 5.25 -13.30 6.71
N THR B 16 5.27 -14.62 6.62
CA THR B 16 6.13 -15.45 7.46
C THR B 16 7.56 -15.47 6.93
N ASP B 17 7.72 -15.56 5.62
CA ASP B 17 9.04 -15.62 5.02
C ASP B 17 9.75 -14.27 5.04
N ALA B 18 9.03 -13.23 4.64
CA ALA B 18 9.60 -11.87 4.60
C ALA B 18 10.02 -11.39 5.99
N LEU B 19 9.47 -12.02 7.03
CA LEU B 19 9.80 -11.65 8.40
C LEU B 19 10.79 -12.64 9.01
N GLY B 20 10.46 -13.92 8.90
CA GLY B 20 11.29 -14.98 9.47
C GLY B 20 12.71 -14.99 8.94
N ILE B 21 12.91 -14.57 7.71
CA ILE B 21 14.25 -14.57 7.12
C ILE B 21 15.14 -13.53 7.80
N ASP B 22 14.54 -12.42 8.23
CA ASP B 22 15.29 -11.36 8.91
C ASP B 22 15.44 -11.69 10.38
N GLU B 23 14.56 -12.55 10.86
CA GLU B 23 14.57 -12.98 12.25
C GLU B 23 15.28 -14.33 12.38
N TYR B 24 16.11 -14.63 11.39
CA TYR B 24 16.85 -15.88 11.36
C TYR B 24 18.33 -15.65 11.70
N GLY B 25 18.63 -14.47 12.21
CA GLY B 25 20.00 -14.14 12.55
C GLY B 25 20.45 -12.84 11.92
N GLY B 26 19.67 -11.79 12.13
CA GLY B 26 20.01 -10.50 11.58
C GLY B 26 20.54 -9.55 12.64
N SER A 1 -23.74 -7.39 16.28
CA SER A 1 -23.81 -6.27 17.23
C SER A 1 -22.48 -6.10 17.95
N ARG A 2 -22.32 -4.97 18.64
CA ARG A 2 -21.12 -4.64 19.40
C ARG A 2 -19.92 -4.39 18.49
N ALA A 3 -19.35 -5.46 17.94
CA ALA A 3 -18.20 -5.36 17.05
C ALA A 3 -18.48 -4.41 15.89
N MET A 4 -19.68 -4.49 15.34
CA MET A 4 -20.07 -3.63 14.22
C MET A 4 -19.95 -2.15 14.60
N MET A 5 -20.51 -1.81 15.76
CA MET A 5 -20.48 -0.43 16.24
C MET A 5 -19.07 -0.01 16.61
N ASN A 6 -18.35 -0.91 17.28
CA ASN A 6 -16.98 -0.63 17.71
C ASN A 6 -16.08 -0.36 16.52
N ALA A 7 -16.30 -1.11 15.44
CA ALA A 7 -15.51 -0.95 14.23
C ALA A 7 -15.68 0.45 13.65
N PHE A 8 -16.93 0.90 13.57
CA PHE A 8 -17.24 2.23 13.03
C PHE A 8 -16.48 3.31 13.80
N LYS A 9 -16.44 3.15 15.11
CA LYS A 9 -15.75 4.08 15.98
C LYS A 9 -14.26 4.07 15.69
N GLU A 10 -13.68 2.87 15.67
CA GLU A 10 -12.24 2.73 15.41
C GLU A 10 -11.89 3.23 14.01
N ILE A 11 -12.79 2.98 13.06
CA ILE A 11 -12.61 3.44 11.69
C ILE A 11 -12.45 4.95 11.69
N THR A 12 -13.23 5.60 12.54
CA THR A 12 -13.21 7.04 12.67
C THR A 12 -11.88 7.49 13.31
N THR A 13 -11.43 6.75 14.33
CA THR A 13 -10.18 7.06 15.00
C THR A 13 -9.01 7.05 14.02
N MET A 14 -8.98 6.02 13.18
CA MET A 14 -7.93 5.88 12.19
C MET A 14 -8.08 6.92 11.07
N ALA A 15 -9.30 7.05 10.55
CA ALA A 15 -9.58 8.00 9.48
C ALA A 15 -9.24 9.43 9.89
N ASP A 16 -9.49 9.76 11.16
CA ASP A 16 -9.22 11.09 11.67
C ASP A 16 -7.73 11.44 11.56
N ARG A 17 -6.89 10.47 11.84
CA ARG A 17 -5.44 10.67 11.79
C ARG A 17 -4.95 10.74 10.36
N ILE A 18 -5.73 10.17 9.45
CA ILE A 18 -5.39 10.18 8.03
C ILE A 18 -6.03 11.39 7.37
N ASN A 19 -6.89 12.08 8.14
CA ASN A 19 -7.60 13.27 7.67
C ASN A 19 -8.60 12.89 6.57
N LEU A 20 -9.15 11.70 6.68
CA LEU A 20 -10.12 11.21 5.71
C LEU A 20 -11.50 11.74 6.02
N PRO A 21 -12.14 12.40 5.03
CA PRO A 21 -13.49 12.95 5.18
C PRO A 21 -14.56 11.86 5.27
N ARG A 22 -15.80 12.27 5.52
CA ARG A 22 -16.91 11.34 5.64
C ARG A 22 -17.08 10.49 4.38
N ASN A 23 -16.77 11.07 3.22
CA ASN A 23 -16.88 10.38 1.95
C ASN A 23 -16.14 9.04 1.99
N ILE A 24 -15.01 9.01 2.69
CA ILE A 24 -14.22 7.80 2.81
C ILE A 24 -14.85 6.86 3.83
N VAL A 25 -15.32 7.44 4.93
CA VAL A 25 -15.96 6.68 6.00
C VAL A 25 -17.22 5.98 5.48
N ASP A 26 -18.01 6.73 4.69
CA ASP A 26 -19.25 6.20 4.11
C ASP A 26 -18.97 4.97 3.26
N ARG A 27 -17.96 5.07 2.41
CA ARG A 27 -17.57 3.96 1.54
C ARG A 27 -17.15 2.76 2.38
N THR A 28 -16.34 3.03 3.39
CA THR A 28 -15.85 1.99 4.28
C THR A 28 -17.01 1.30 5.00
N ASN A 29 -17.95 2.09 5.50
CA ASN A 29 -19.12 1.55 6.20
C ASN A 29 -19.97 0.73 5.22
N ASN A 30 -20.08 1.23 4.01
CA ASN A 30 -20.87 0.59 2.96
C ASN A 30 -20.34 -0.81 2.64
N LEU A 31 -19.03 -1.00 2.73
CA LEU A 31 -18.44 -2.31 2.45
C LEU A 31 -18.32 -3.15 3.73
N PHE A 32 -18.12 -2.49 4.86
CA PHE A 32 -17.98 -3.19 6.13
C PHE A 32 -19.27 -3.93 6.49
N LYS A 33 -20.40 -3.31 6.24
CA LYS A 33 -21.69 -3.93 6.54
C LYS A 33 -21.91 -5.18 5.70
N GLN A 34 -21.13 -5.32 4.64
CA GLN A 34 -21.23 -6.47 3.76
C GLN A 34 -20.30 -7.58 4.23
N VAL A 35 -19.07 -7.23 4.58
CA VAL A 35 -18.09 -8.20 5.04
C VAL A 35 -18.38 -8.66 6.46
N TYR A 36 -19.09 -7.83 7.23
CA TYR A 36 -19.43 -8.15 8.61
C TYR A 36 -20.21 -9.47 8.68
N GLU A 37 -21.13 -9.65 7.75
CA GLU A 37 -21.93 -10.87 7.72
C GLU A 37 -21.46 -11.82 6.63
N GLN A 38 -20.23 -11.62 6.17
CA GLN A 38 -19.68 -12.49 5.15
C GLN A 38 -19.29 -13.83 5.77
N LYS A 39 -19.22 -14.87 4.96
CA LYS A 39 -18.90 -16.20 5.45
C LYS A 39 -17.40 -16.40 5.64
N SER A 40 -16.66 -16.42 4.54
CA SER A 40 -15.22 -16.64 4.59
C SER A 40 -14.45 -15.42 5.09
N LEU A 41 -15.17 -14.38 5.51
CA LEU A 41 -14.55 -13.17 6.02
C LEU A 41 -14.91 -12.94 7.49
N LYS A 42 -15.41 -13.99 8.12
CA LYS A 42 -15.79 -13.91 9.53
C LYS A 42 -14.57 -13.99 10.44
N GLY A 43 -13.99 -12.83 10.72
CA GLY A 43 -12.83 -12.76 11.59
C GLY A 43 -13.21 -12.79 13.05
N ARG A 44 -12.27 -12.47 13.94
CA ARG A 44 -12.56 -12.49 15.36
C ARG A 44 -12.18 -11.15 16.00
N ALA A 45 -10.93 -10.74 15.83
CA ALA A 45 -10.45 -9.49 16.40
C ALA A 45 -10.98 -8.30 15.61
N ASN A 46 -12.01 -7.66 16.16
CA ASN A 46 -12.63 -6.51 15.53
C ASN A 46 -11.64 -5.36 15.36
N ASP A 47 -10.71 -5.24 16.30
CA ASP A 47 -9.68 -4.20 16.25
C ASP A 47 -8.93 -4.24 14.92
N ALA A 48 -8.43 -5.42 14.58
CA ALA A 48 -7.70 -5.61 13.34
C ALA A 48 -8.59 -5.39 12.12
N ILE A 49 -9.81 -5.93 12.18
CA ILE A 49 -10.76 -5.79 11.08
C ILE A 49 -11.08 -4.32 10.79
N ALA A 50 -11.23 -3.54 11.85
CA ALA A 50 -11.54 -2.13 11.72
C ALA A 50 -10.43 -1.39 10.98
N SER A 51 -9.21 -1.51 11.48
CA SER A 51 -8.06 -0.87 10.86
C SER A 51 -7.81 -1.41 9.45
N ALA A 52 -8.15 -2.69 9.26
CA ALA A 52 -7.98 -3.33 7.96
C ALA A 52 -8.84 -2.66 6.89
N CYS A 53 -10.06 -2.27 7.29
CA CYS A 53 -10.98 -1.60 6.38
C CYS A 53 -10.38 -0.28 5.88
N LEU A 54 -9.65 0.39 6.77
CA LEU A 54 -9.01 1.65 6.43
C LEU A 54 -7.87 1.42 5.43
N TYR A 55 -7.19 0.29 5.58
CA TYR A 55 -6.08 -0.04 4.68
C TYR A 55 -6.57 -0.18 3.25
N ILE A 56 -7.81 -0.67 3.10
CA ILE A 56 -8.41 -0.85 1.79
C ILE A 56 -9.04 0.46 1.30
N ALA A 57 -8.72 1.55 1.97
CA ALA A 57 -9.28 2.86 1.60
C ALA A 57 -8.20 3.93 1.52
N CYS A 58 -7.45 4.12 2.61
CA CYS A 58 -6.43 5.14 2.68
C CYS A 58 -5.38 5.01 1.56
N ARG A 59 -4.79 3.83 1.44
CA ARG A 59 -3.76 3.60 0.43
C ARG A 59 -4.29 3.78 -0.99
N GLN A 60 -5.61 3.78 -1.15
CA GLN A 60 -6.23 3.95 -2.46
C GLN A 60 -6.31 5.43 -2.79
N GLU A 61 -6.70 6.23 -1.81
CA GLU A 61 -6.82 7.67 -1.98
C GLU A 61 -6.74 8.37 -0.63
N GLY A 62 -6.00 9.49 -0.60
CA GLY A 62 -5.84 10.24 0.63
C GLY A 62 -4.78 9.64 1.53
N VAL A 63 -4.01 8.71 0.98
CA VAL A 63 -2.96 8.03 1.72
C VAL A 63 -1.82 8.99 2.09
N PRO A 64 -1.44 9.01 3.37
CA PRO A 64 -0.35 9.84 3.85
C PRO A 64 0.95 9.05 3.88
N ARG A 65 1.74 9.20 2.82
CA ARG A 65 3.03 8.51 2.66
C ARG A 65 2.80 7.04 2.29
N THR A 66 2.28 6.26 3.23
CA THR A 66 2.02 4.84 3.00
C THR A 66 1.57 4.17 4.30
N PHE A 67 1.31 2.87 4.25
CA PHE A 67 0.85 2.12 5.42
C PHE A 67 1.89 2.14 6.54
N LYS A 68 3.16 2.25 6.15
CA LYS A 68 4.26 2.29 7.12
C LYS A 68 4.14 3.54 8.01
N GLU A 69 3.52 4.58 7.47
CA GLU A 69 3.32 5.82 8.19
C GLU A 69 2.16 5.68 9.18
N ILE A 70 1.23 4.79 8.84
CA ILE A 70 0.04 4.57 9.65
C ILE A 70 0.27 3.45 10.67
N CYS A 71 1.50 2.95 10.77
CA CYS A 71 1.83 1.89 11.71
C CYS A 71 1.94 2.42 13.14
N ALA A 72 1.37 3.59 13.38
CA ALA A 72 1.40 4.20 14.70
C ALA A 72 0.03 4.14 15.36
N VAL A 73 -1.01 3.87 14.58
CA VAL A 73 -2.38 3.80 15.11
C VAL A 73 -2.61 2.47 15.83
N SER A 74 -1.89 1.44 15.40
CA SER A 74 -2.01 0.12 16.01
C SER A 74 -0.65 -0.55 16.02
N ARG A 75 -0.18 -0.92 17.20
CA ARG A 75 1.12 -1.56 17.34
C ARG A 75 1.00 -3.06 17.28
N ILE A 76 -0.23 -3.56 17.18
CA ILE A 76 -0.47 -4.99 17.13
C ILE A 76 -1.55 -5.32 16.09
N SER A 77 -1.50 -6.55 15.58
CA SER A 77 -2.46 -7.06 14.60
C SER A 77 -2.29 -6.41 13.23
N LYS A 78 -1.12 -5.81 12.99
CA LYS A 78 -0.85 -5.16 11.70
C LYS A 78 -0.84 -6.20 10.60
N LYS A 79 -0.36 -7.39 10.93
CA LYS A 79 -0.28 -8.50 9.98
C LYS A 79 -1.64 -8.84 9.41
N GLU A 80 -2.63 -8.96 10.29
CA GLU A 80 -3.99 -9.31 9.87
C GLU A 80 -4.65 -8.16 9.11
N ILE A 81 -4.25 -6.93 9.43
CA ILE A 81 -4.81 -5.75 8.78
C ILE A 81 -4.60 -5.81 7.27
N GLY A 82 -3.41 -6.23 6.87
CA GLY A 82 -3.09 -6.32 5.46
C GLY A 82 -3.56 -7.61 4.82
N ARG A 83 -4.21 -8.46 5.60
CA ARG A 83 -4.69 -9.73 5.08
C ARG A 83 -6.08 -9.56 4.50
N CYS A 84 -6.93 -8.83 5.22
CA CYS A 84 -8.30 -8.58 4.76
C CYS A 84 -8.27 -7.84 3.41
N PHE A 85 -7.28 -6.96 3.28
CA PHE A 85 -7.08 -6.20 2.05
C PHE A 85 -6.89 -7.15 0.86
N LYS A 86 -5.99 -8.10 1.03
CA LYS A 86 -5.69 -9.08 0.00
C LYS A 86 -6.92 -9.95 -0.32
N LEU A 87 -7.65 -10.33 0.72
CA LEU A 87 -8.84 -11.17 0.57
C LEU A 87 -9.88 -10.49 -0.32
N ILE A 88 -10.05 -9.19 -0.15
CA ILE A 88 -11.03 -8.45 -0.92
C ILE A 88 -10.48 -8.08 -2.31
N LEU A 89 -9.20 -7.76 -2.39
CA LEU A 89 -8.58 -7.38 -3.66
C LEU A 89 -8.60 -8.52 -4.67
N LYS A 90 -8.66 -9.76 -4.18
CA LYS A 90 -8.71 -10.91 -5.07
C LYS A 90 -10.16 -11.18 -5.49
N ALA A 91 -11.07 -10.43 -4.90
CA ALA A 91 -12.49 -10.57 -5.22
C ALA A 91 -12.92 -9.45 -6.16
N LEU A 92 -12.32 -8.28 -5.97
CA LEU A 92 -12.61 -7.12 -6.80
C LEU A 92 -11.39 -6.22 -6.88
N GLU A 93 -11.01 -5.85 -8.09
CA GLU A 93 -9.86 -4.97 -8.29
C GLU A 93 -10.33 -3.53 -8.50
N THR A 94 -9.37 -2.66 -8.79
CA THR A 94 -9.66 -1.25 -9.02
C THR A 94 -10.48 -1.05 -10.29
N SER A 95 -10.44 -2.05 -11.17
CA SER A 95 -11.17 -2.02 -12.44
C SER A 95 -10.72 -0.82 -13.27
N VAL A 96 -9.41 -0.66 -13.39
CA VAL A 96 -8.83 0.43 -14.14
C VAL A 96 -7.50 -0.01 -14.76
N ASP A 97 -6.67 0.96 -15.17
CA ASP A 97 -5.35 0.71 -15.78
C ASP A 97 -5.46 0.46 -17.28
N LEU A 98 -4.72 1.24 -18.04
CA LEU A 98 -4.68 1.15 -19.49
C LEU A 98 -3.68 2.16 -20.04
N ILE A 99 -3.60 3.31 -19.38
CA ILE A 99 -2.68 4.37 -19.79
C ILE A 99 -1.24 3.99 -19.45
N THR A 100 -0.71 4.56 -18.38
CA THR A 100 0.66 4.28 -17.94
C THR A 100 1.64 4.41 -19.12
N THR A 101 1.87 5.63 -19.56
CA THR A 101 2.75 5.89 -20.69
C THR A 101 3.38 7.29 -20.58
N GLY A 102 2.52 8.30 -20.46
CA GLY A 102 3.00 9.68 -20.35
C GLY A 102 3.76 9.92 -19.08
N ASP A 103 3.50 9.09 -18.10
CA ASP A 103 4.13 9.17 -16.78
C ASP A 103 5.62 8.83 -16.86
N PHE A 104 6.07 8.38 -18.03
CA PHE A 104 7.47 8.03 -18.25
C PHE A 104 8.38 9.23 -17.97
N MET A 105 7.84 10.44 -18.13
CA MET A 105 8.61 11.65 -17.87
C MET A 105 8.93 11.76 -16.38
N SER A 106 7.88 11.55 -15.56
CA SER A 106 7.97 11.58 -14.10
C SER A 106 8.44 12.94 -13.54
N ARG A 107 8.59 13.93 -14.41
CA ARG A 107 9.03 15.26 -13.97
C ARG A 107 7.87 16.09 -13.45
N PHE A 108 6.66 15.73 -13.85
CA PHE A 108 5.46 16.44 -13.41
C PHE A 108 5.00 15.94 -12.05
N CYS A 109 5.63 14.86 -11.58
CA CYS A 109 5.29 14.30 -10.28
C CYS A 109 5.81 15.18 -9.16
N SER A 110 6.67 16.12 -9.53
CA SER A 110 7.26 17.05 -8.56
C SER A 110 6.35 18.27 -8.37
N ASN A 111 5.12 18.15 -8.87
CA ASN A 111 4.12 19.21 -8.78
C ASN A 111 3.93 19.68 -7.34
N LEU A 112 3.67 18.73 -6.45
CA LEU A 112 3.48 19.04 -5.04
C LEU A 112 4.83 19.34 -4.37
N CYS A 113 5.59 18.29 -4.10
CA CYS A 113 6.90 18.43 -3.47
C CYS A 113 7.74 17.21 -3.77
N LEU A 114 8.90 17.42 -4.39
CA LEU A 114 9.78 16.31 -4.72
C LEU A 114 11.20 16.79 -4.94
N PRO A 115 12.07 16.61 -3.93
CA PRO A 115 13.47 17.00 -4.02
C PRO A 115 14.23 16.16 -5.04
N LYS A 116 15.28 16.75 -5.60
CA LYS A 116 16.10 16.08 -6.61
C LYS A 116 16.67 14.75 -6.09
N GLN A 117 16.96 14.69 -4.81
CA GLN A 117 17.51 13.47 -4.20
C GLN A 117 16.59 12.29 -4.41
N VAL A 118 15.35 12.43 -3.96
CA VAL A 118 14.35 11.37 -4.07
C VAL A 118 14.08 11.01 -5.53
N GLN A 119 13.92 12.01 -6.37
CA GLN A 119 13.66 11.77 -7.79
C GLN A 119 14.81 11.03 -8.46
N MET A 120 16.04 11.39 -8.10
CA MET A 120 17.23 10.75 -8.66
C MET A 120 17.36 9.32 -8.15
N ALA A 121 17.11 9.13 -6.87
CA ALA A 121 17.19 7.81 -6.25
C ALA A 121 16.14 6.88 -6.84
N ALA A 122 14.95 7.43 -7.07
CA ALA A 122 13.84 6.67 -7.64
C ALA A 122 14.20 6.10 -9.01
N THR A 123 14.91 6.90 -9.81
CA THR A 123 15.32 6.45 -11.14
C THR A 123 16.25 5.24 -11.06
N HIS A 124 17.06 5.21 -10.01
CA HIS A 124 18.01 4.11 -9.82
C HIS A 124 17.30 2.88 -9.29
N ILE A 125 16.33 3.08 -8.41
CA ILE A 125 15.55 1.98 -7.85
C ILE A 125 14.70 1.34 -8.93
N ALA A 126 14.08 2.18 -9.75
CA ALA A 126 13.22 1.72 -10.83
C ALA A 126 14.01 0.87 -11.82
N ARG A 127 15.18 1.37 -12.21
CA ARG A 127 16.02 0.65 -13.15
C ARG A 127 16.45 -0.69 -12.60
N LYS A 128 16.78 -0.74 -11.31
CA LYS A 128 17.20 -1.99 -10.68
C LYS A 128 16.09 -3.04 -10.75
N ALA A 129 14.86 -2.61 -10.54
CA ALA A 129 13.72 -3.51 -10.59
C ALA A 129 13.49 -4.01 -12.02
N VAL A 130 13.60 -3.10 -12.99
CA VAL A 130 13.41 -3.44 -14.39
C VAL A 130 14.62 -4.25 -14.92
N GLU A 131 15.77 -4.00 -14.32
CA GLU A 131 17.01 -4.68 -14.70
C GLU A 131 16.89 -6.17 -14.43
N LEU A 132 16.31 -6.52 -13.28
CA LEU A 132 16.14 -7.91 -12.88
C LEU A 132 14.85 -8.49 -13.45
N ASP A 133 13.92 -7.60 -13.83
CA ASP A 133 12.62 -8.01 -14.38
C ASP A 133 11.87 -8.86 -13.36
N LEU A 134 11.75 -8.32 -12.16
CA LEU A 134 11.08 -9.01 -11.07
C LEU A 134 9.56 -9.03 -11.22
N VAL A 135 9.00 -7.95 -11.76
CA VAL A 135 7.56 -7.86 -11.92
C VAL A 135 7.17 -7.43 -13.34
N PRO A 136 7.21 -8.38 -14.29
CA PRO A 136 6.84 -8.12 -15.67
C PRO A 136 5.36 -8.43 -15.92
N GLY A 137 4.54 -8.22 -14.90
CA GLY A 137 3.13 -8.51 -15.02
C GLY A 137 2.30 -7.29 -15.44
N ARG A 138 2.97 -6.29 -15.98
CA ARG A 138 2.27 -5.09 -16.42
C ARG A 138 3.05 -4.39 -17.52
N SER A 139 4.13 -3.71 -17.13
CA SER A 139 4.99 -3.01 -18.06
C SER A 139 6.20 -2.46 -17.34
N PRO A 140 7.30 -2.15 -18.06
CA PRO A 140 8.49 -1.59 -17.43
C PRO A 140 8.27 -0.15 -16.97
N ILE A 141 7.21 0.46 -17.49
CA ILE A 141 6.87 1.83 -17.16
C ILE A 141 6.22 1.90 -15.78
N SER A 142 5.27 1.01 -15.53
CA SER A 142 4.56 0.96 -14.25
C SER A 142 5.54 0.80 -13.08
N VAL A 143 6.62 0.06 -13.32
CA VAL A 143 7.62 -0.18 -12.28
C VAL A 143 8.36 1.12 -11.94
N ALA A 144 8.65 1.91 -12.97
CA ALA A 144 9.35 3.18 -12.78
C ALA A 144 8.54 4.14 -11.92
N ALA A 145 7.25 4.25 -12.23
CA ALA A 145 6.37 5.14 -11.49
C ALA A 145 6.22 4.68 -10.04
N ALA A 146 6.15 3.36 -9.85
CA ALA A 146 6.01 2.78 -8.52
C ALA A 146 7.26 3.03 -7.68
N ALA A 147 8.41 3.00 -8.33
CA ALA A 147 9.68 3.22 -7.65
C ALA A 147 9.75 4.63 -7.07
N ILE A 148 9.13 5.57 -7.75
CA ILE A 148 9.10 6.96 -7.29
C ILE A 148 8.43 7.03 -5.92
N TYR A 149 7.32 6.30 -5.79
CA TYR A 149 6.59 6.26 -4.53
C TYR A 149 7.38 5.52 -3.47
N MET A 150 8.06 4.45 -3.91
CA MET A 150 8.90 3.65 -3.02
C MET A 150 10.01 4.49 -2.41
N ALA A 151 10.65 5.31 -3.25
CA ALA A 151 11.72 6.16 -2.78
C ALA A 151 11.19 7.27 -1.87
N SER A 152 10.05 7.84 -2.25
CA SER A 152 9.43 8.91 -1.48
C SER A 152 9.13 8.47 -0.04
N GLN A 153 8.47 7.33 0.12
CA GLN A 153 8.12 6.84 1.45
C GLN A 153 9.35 6.51 2.28
N ALA A 154 10.42 6.08 1.62
CA ALA A 154 11.65 5.73 2.30
C ALA A 154 12.48 6.96 2.66
N SER A 155 12.25 8.04 1.92
CA SER A 155 12.97 9.30 2.16
C SER A 155 12.18 10.21 3.10
N ALA A 156 11.21 9.62 3.81
CA ALA A 156 10.37 10.33 4.77
C ALA A 156 9.44 11.36 4.10
N GLU A 157 9.14 11.15 2.83
CA GLU A 157 8.25 12.05 2.12
C GLU A 157 6.82 11.54 2.22
N LYS A 158 5.96 12.36 2.80
CA LYS A 158 4.56 11.99 2.97
C LYS A 158 3.77 12.37 1.71
N ARG A 159 3.76 11.46 0.75
CA ARG A 159 3.08 11.69 -0.51
C ARG A 159 1.72 11.01 -0.54
N THR A 160 1.07 11.08 -1.69
CA THR A 160 -0.24 10.48 -1.89
C THR A 160 -0.32 9.88 -3.29
N GLN A 161 -0.96 8.72 -3.40
CA GLN A 161 -1.11 8.01 -4.68
C GLN A 161 -1.56 8.93 -5.82
N LYS A 162 -2.56 9.76 -5.55
CA LYS A 162 -3.08 10.68 -6.56
C LYS A 162 -2.05 11.71 -7.00
N GLU A 163 -1.48 12.41 -6.02
CA GLU A 163 -0.51 13.48 -6.28
C GLU A 163 0.86 12.95 -6.76
N ILE A 164 0.91 11.76 -7.32
CA ILE A 164 2.17 11.20 -7.80
C ILE A 164 1.94 10.26 -8.99
N GLY A 165 0.84 9.51 -8.97
CA GLY A 165 0.57 8.59 -10.04
C GLY A 165 -0.74 8.86 -10.76
N ASP A 166 -1.81 9.02 -9.99
CA ASP A 166 -3.14 9.26 -10.55
C ASP A 166 -3.15 10.48 -11.48
N ILE A 167 -2.50 11.56 -11.07
CA ILE A 167 -2.45 12.77 -11.88
C ILE A 167 -1.54 12.57 -13.10
N ALA A 168 -0.55 11.70 -12.96
CA ALA A 168 0.39 11.42 -14.03
C ALA A 168 -0.25 10.55 -15.11
N GLY A 169 -1.13 9.64 -14.70
CA GLY A 169 -1.79 8.77 -15.64
C GLY A 169 -1.52 7.30 -15.32
N VAL A 170 -0.91 7.07 -14.17
CA VAL A 170 -0.60 5.72 -13.73
C VAL A 170 -1.72 5.21 -12.84
N ALA A 171 -2.14 3.97 -13.07
CA ALA A 171 -3.22 3.37 -12.29
C ALA A 171 -2.69 2.72 -11.01
N ASP A 172 -3.58 2.58 -10.03
CA ASP A 172 -3.22 1.97 -8.74
C ASP A 172 -2.70 0.55 -8.92
N VAL A 173 -3.51 -0.32 -9.52
CA VAL A 173 -3.13 -1.71 -9.73
C VAL A 173 -1.81 -1.84 -10.51
N THR A 174 -1.56 -0.89 -11.42
CA THR A 174 -0.34 -0.90 -12.21
C THR A 174 0.92 -0.77 -11.36
N ILE A 175 0.84 -0.01 -10.27
CA ILE A 175 2.00 0.17 -9.40
C ILE A 175 1.91 -0.71 -8.15
N ARG A 176 0.69 -0.96 -7.69
CA ARG A 176 0.46 -1.76 -6.51
C ARG A 176 0.87 -3.21 -6.73
N GLN A 177 0.50 -3.77 -7.88
CA GLN A 177 0.82 -5.15 -8.21
C GLN A 177 2.32 -5.32 -8.43
N SER A 178 2.94 -4.31 -9.01
CA SER A 178 4.37 -4.34 -9.29
C SER A 178 5.19 -4.35 -8.01
N TYR A 179 4.65 -3.76 -6.95
CA TYR A 179 5.35 -3.71 -5.67
C TYR A 179 4.57 -4.47 -4.61
N ARG A 180 3.88 -5.52 -5.04
CA ARG A 180 3.09 -6.35 -4.12
C ARG A 180 3.86 -7.62 -3.78
N LEU A 181 4.67 -8.08 -4.73
CA LEU A 181 5.46 -9.29 -4.53
C LEU A 181 6.86 -9.12 -5.11
N ILE A 182 7.35 -7.89 -5.08
CA ILE A 182 8.68 -7.58 -5.62
C ILE A 182 9.76 -7.71 -4.54
N TYR A 183 9.34 -7.98 -3.31
CA TYR A 183 10.27 -8.13 -2.20
C TYR A 183 10.09 -9.47 -1.52
N PRO A 184 11.20 -10.18 -1.24
CA PRO A 184 11.17 -11.48 -0.58
C PRO A 184 10.93 -11.35 0.92
N ARG A 185 11.19 -10.14 1.43
CA ARG A 185 11.03 -9.81 2.84
C ARG A 185 11.41 -8.35 3.07
N ALA A 186 12.44 -7.92 2.37
CA ALA A 186 12.93 -6.55 2.48
C ALA A 186 13.07 -5.94 1.09
N PRO A 187 13.13 -4.61 0.99
CA PRO A 187 13.28 -3.94 -0.30
C PRO A 187 14.71 -4.05 -0.84
N ASP A 188 15.04 -5.23 -1.34
CA ASP A 188 16.37 -5.51 -1.88
C ASP A 188 16.59 -4.83 -3.23
N LEU A 189 15.71 -3.90 -3.57
CA LEU A 189 15.80 -3.16 -4.82
C LEU A 189 16.51 -1.85 -4.61
N PHE A 190 16.91 -1.59 -3.37
CA PHE A 190 17.62 -0.36 -3.03
C PHE A 190 19.09 -0.46 -3.40
N PRO A 191 19.53 0.32 -4.39
CA PRO A 191 20.91 0.33 -4.83
C PRO A 191 21.83 1.07 -3.86
N THR A 192 23.12 1.02 -4.14
CA THR A 192 24.12 1.67 -3.29
C THR A 192 23.92 3.19 -3.28
N ASP A 193 23.15 3.68 -4.24
CA ASP A 193 22.88 5.11 -4.37
C ASP A 193 21.88 5.58 -3.31
N PHE A 194 21.02 4.69 -2.86
CA PHE A 194 20.02 5.05 -1.86
C PHE A 194 20.68 5.35 -0.54
N LYS A 195 20.51 6.58 -0.07
CA LYS A 195 21.11 7.01 1.20
C LYS A 195 20.30 6.55 2.39
N PHE A 196 19.07 6.10 2.13
CA PHE A 196 18.17 5.62 3.18
C PHE A 196 17.90 6.72 4.20
N ASP A 197 17.10 7.70 3.81
CA ASP A 197 16.76 8.82 4.68
C ASP A 197 16.15 8.36 6.00
N THR A 198 15.22 7.43 5.93
CA THR A 198 14.58 6.91 7.13
C THR A 198 14.96 5.45 7.36
N PRO A 199 15.96 5.21 8.24
CA PRO A 199 16.43 3.86 8.55
C PRO A 199 15.45 3.10 9.46
N VAL A 200 14.43 2.53 8.85
CA VAL A 200 13.43 1.76 9.59
C VAL A 200 13.57 0.27 9.27
N ASP A 201 14.82 -0.15 9.08
CA ASP A 201 15.15 -1.54 8.75
C ASP A 201 14.62 -1.95 7.38
N LYS A 202 13.33 -2.23 7.31
CA LYS A 202 12.71 -2.62 6.05
C LYS A 202 11.30 -2.03 5.97
N LEU A 203 11.12 -1.09 5.05
CA LEU A 203 9.83 -0.45 4.88
C LEU A 203 9.35 -0.54 3.43
N PRO A 204 8.99 -1.74 2.97
CA PRO A 204 8.50 -1.95 1.62
C PRO A 204 6.98 -1.92 1.55
N GLN A 205 6.43 -0.81 1.08
CA GLN A 205 4.99 -0.65 0.97
C GLN A 205 4.62 0.14 -0.26
N LEU A 206 3.33 0.34 -0.46
CA LEU A 206 2.81 1.10 -1.59
C LEU A 206 1.55 1.82 -1.17
N TYR B 1 2.10 -19.84 -10.06
CA TYR B 1 1.53 -18.50 -9.76
C TYR B 1 0.03 -18.61 -9.49
N GLY B 2 -0.53 -17.57 -8.89
CA GLY B 2 -1.94 -17.57 -8.59
C GLY B 2 -2.22 -17.45 -7.11
N ALA B 3 -2.02 -18.54 -6.39
CA ALA B 3 -2.27 -18.57 -4.95
C ALA B 3 -1.09 -18.01 -4.16
N LEU B 4 -0.08 -17.52 -4.87
CA LEU B 4 1.10 -16.95 -4.24
C LEU B 4 0.75 -15.68 -3.47
N ASP B 5 -0.34 -15.03 -3.88
CA ASP B 5 -0.80 -13.79 -3.26
C ASP B 5 -1.38 -14.06 -1.88
N MET B 6 -1.53 -15.34 -1.53
CA MET B 6 -2.09 -15.69 -0.23
C MET B 6 -1.13 -15.35 0.90
N ALA B 7 0.12 -15.09 0.56
CA ALA B 7 1.12 -14.76 1.57
C ALA B 7 1.90 -13.51 1.20
N ASP B 8 1.25 -12.59 0.47
CA ASP B 8 1.89 -11.36 0.04
C ASP B 8 2.21 -10.45 1.23
N PHE B 9 1.19 -9.90 1.87
CA PHE B 9 1.38 -9.01 3.01
C PHE B 9 1.40 -9.82 4.29
N GLU B 10 1.25 -11.13 4.15
CA GLU B 10 1.23 -12.06 5.29
C GLU B 10 2.52 -11.98 6.08
N PHE B 11 3.63 -11.86 5.37
CA PHE B 11 4.94 -11.80 6.01
C PHE B 11 5.40 -10.36 6.21
N GLU B 12 5.08 -9.49 5.25
CA GLU B 12 5.48 -8.09 5.32
C GLU B 12 4.97 -7.46 6.61
N GLN B 13 3.66 -7.48 6.78
CA GLN B 13 3.06 -6.89 7.96
C GLN B 13 3.36 -7.71 9.21
N MET B 14 3.76 -8.97 9.01
CA MET B 14 4.11 -9.83 10.14
C MET B 14 5.39 -9.32 10.79
N PHE B 15 6.42 -9.12 9.98
CA PHE B 15 7.70 -8.61 10.47
C PHE B 15 7.52 -7.20 11.00
N THR B 16 6.65 -6.44 10.36
CA THR B 16 6.38 -5.07 10.77
C THR B 16 5.62 -5.07 12.10
N ASP B 17 4.79 -6.09 12.30
CA ASP B 17 4.03 -6.22 13.53
C ASP B 17 4.97 -6.51 14.68
N ALA B 18 5.82 -7.52 14.49
CA ALA B 18 6.80 -7.89 15.50
C ALA B 18 7.72 -6.72 15.81
N LEU B 19 8.07 -5.97 14.77
CA LEU B 19 8.93 -4.80 14.92
C LEU B 19 8.23 -3.74 15.77
N GLY B 20 6.93 -3.58 15.54
CA GLY B 20 6.14 -2.61 16.29
C GLY B 20 6.04 -2.99 17.76
N ILE B 21 6.06 -4.29 18.05
CA ILE B 21 5.97 -4.78 19.41
C ILE B 21 7.29 -4.50 20.14
N ASP B 22 8.39 -4.61 19.41
CA ASP B 22 9.71 -4.36 19.96
C ASP B 22 9.94 -2.86 20.08
N GLU B 23 9.52 -2.14 19.05
CA GLU B 23 9.64 -0.69 19.01
C GLU B 23 8.46 -0.07 19.76
N TYR B 24 8.35 -0.40 21.04
CA TYR B 24 7.28 0.13 21.87
C TYR B 24 7.49 1.61 22.12
N GLY B 25 8.73 1.98 22.40
CA GLY B 25 9.06 3.36 22.66
C GLY B 25 10.39 3.51 23.34
N GLY B 26 10.37 3.68 24.64
CA GLY B 26 11.59 3.84 25.39
C GLY B 26 12.02 5.28 25.48
N SER A 1 -22.50 -9.39 15.32
CA SER A 1 -23.58 -8.40 15.54
C SER A 1 -23.03 -7.16 16.25
N ARG A 2 -22.76 -7.28 17.54
CA ARG A 2 -22.23 -6.17 18.33
C ARG A 2 -20.83 -5.78 17.87
N ALA A 3 -20.06 -6.77 17.44
CA ALA A 3 -18.69 -6.54 16.99
C ALA A 3 -18.65 -5.54 15.84
N MET A 4 -19.72 -5.48 15.05
CA MET A 4 -19.80 -4.56 13.92
C MET A 4 -19.74 -3.13 14.40
N MET A 5 -20.60 -2.79 15.37
CA MET A 5 -20.65 -1.44 15.91
C MET A 5 -19.41 -1.16 16.75
N ASN A 6 -18.94 -2.18 17.46
CA ASN A 6 -17.75 -2.06 18.30
C ASN A 6 -16.54 -1.72 17.45
N ALA A 7 -16.47 -2.33 16.27
CA ALA A 7 -15.38 -2.09 15.35
C ALA A 7 -15.50 -0.71 14.72
N PHE A 8 -16.73 -0.26 14.52
CA PHE A 8 -16.97 1.07 13.95
C PHE A 8 -16.32 2.14 14.83
N LYS A 9 -16.44 1.94 16.14
CA LYS A 9 -15.85 2.85 17.11
C LYS A 9 -14.34 2.90 16.92
N GLU A 10 -13.74 1.73 16.71
CA GLU A 10 -12.31 1.61 16.51
C GLU A 10 -11.90 2.32 15.22
N ILE A 11 -12.67 2.10 14.15
CA ILE A 11 -12.40 2.72 12.87
C ILE A 11 -12.43 4.23 13.00
N THR A 12 -13.46 4.74 13.66
CA THR A 12 -13.61 6.17 13.87
C THR A 12 -12.43 6.72 14.65
N THR A 13 -12.06 6.02 15.72
CA THR A 13 -10.95 6.42 16.56
C THR A 13 -9.64 6.43 15.76
N MET A 14 -9.43 5.38 14.96
CA MET A 14 -8.23 5.24 14.15
C MET A 14 -8.12 6.37 13.14
N ALA A 15 -9.20 6.62 12.40
CA ALA A 15 -9.22 7.67 11.39
C ALA A 15 -9.04 9.03 12.03
N ASP A 16 -9.68 9.22 13.19
CA ASP A 16 -9.61 10.47 13.92
C ASP A 16 -8.19 10.76 14.40
N ARG A 17 -7.42 9.70 14.67
CA ARG A 17 -6.03 9.85 15.14
C ARG A 17 -5.21 10.67 14.14
N ILE A 18 -5.39 10.39 12.87
CA ILE A 18 -4.67 11.10 11.82
C ILE A 18 -5.54 12.21 11.22
N ASN A 19 -6.71 12.38 11.84
CA ASN A 19 -7.70 13.38 11.42
C ASN A 19 -8.11 13.18 9.96
N LEU A 20 -8.29 11.92 9.59
CA LEU A 20 -8.68 11.58 8.23
C LEU A 20 -10.06 12.16 7.91
N PRO A 21 -10.24 12.65 6.68
CA PRO A 21 -11.51 13.24 6.25
C PRO A 21 -12.64 12.20 6.16
N ARG A 22 -13.87 12.68 6.07
CA ARG A 22 -15.04 11.82 5.98
C ARG A 22 -14.97 10.92 4.76
N ASN A 23 -14.20 11.35 3.76
CA ASN A 23 -14.02 10.59 2.53
C ASN A 23 -13.45 9.21 2.85
N ILE A 24 -12.67 9.14 3.93
CA ILE A 24 -12.08 7.89 4.37
C ILE A 24 -12.93 7.23 5.44
N VAL A 25 -13.37 8.04 6.41
CA VAL A 25 -14.19 7.56 7.52
C VAL A 25 -15.47 6.89 7.04
N ASP A 26 -16.30 7.64 6.33
CA ASP A 26 -17.58 7.12 5.84
C ASP A 26 -17.38 5.97 4.87
N ARG A 27 -16.33 6.05 4.05
CA ARG A 27 -16.04 5.00 3.09
C ARG A 27 -15.69 3.70 3.79
N THR A 28 -14.76 3.76 4.73
CA THR A 28 -14.34 2.57 5.47
C THR A 28 -15.48 2.03 6.34
N ASN A 29 -16.22 2.94 6.96
CA ASN A 29 -17.34 2.56 7.82
C ASN A 29 -18.38 1.77 7.03
N ASN A 30 -18.77 2.31 5.88
CA ASN A 30 -19.76 1.65 5.02
C ASN A 30 -19.19 0.36 4.45
N LEU A 31 -17.90 0.35 4.16
CA LEU A 31 -17.25 -0.82 3.61
C LEU A 31 -17.23 -1.96 4.63
N PHE A 32 -16.83 -1.64 5.86
CA PHE A 32 -16.76 -2.62 6.94
C PHE A 32 -18.11 -3.29 7.15
N LYS A 33 -19.18 -2.51 7.07
CA LYS A 33 -20.54 -3.04 7.24
C LYS A 33 -20.85 -4.11 6.21
N GLN A 34 -20.27 -3.98 5.02
CA GLN A 34 -20.52 -4.93 3.93
C GLN A 34 -19.59 -6.14 4.02
N VAL A 35 -18.31 -5.91 4.31
CA VAL A 35 -17.35 -7.01 4.39
C VAL A 35 -17.20 -7.52 5.82
N TYR A 36 -18.22 -7.26 6.64
CA TYR A 36 -18.22 -7.69 8.04
C TYR A 36 -18.12 -9.21 8.13
N GLU A 37 -18.76 -9.89 7.19
CA GLU A 37 -18.74 -11.33 7.12
C GLU A 37 -18.97 -11.78 5.69
N GLN A 38 -17.99 -12.45 5.12
CA GLN A 38 -18.09 -12.92 3.74
C GLN A 38 -18.80 -14.27 3.66
N LYS A 39 -19.59 -14.58 4.69
CA LYS A 39 -20.35 -15.84 4.77
C LYS A 39 -19.43 -17.05 4.73
N SER A 40 -18.20 -16.86 5.19
CA SER A 40 -17.21 -17.93 5.22
C SER A 40 -16.20 -17.66 6.33
N LEU A 41 -15.70 -16.44 6.35
CA LEU A 41 -14.74 -16.01 7.36
C LEU A 41 -15.33 -14.88 8.19
N LYS A 42 -15.23 -15.00 9.50
CA LYS A 42 -15.73 -13.99 10.41
C LYS A 42 -15.11 -14.21 11.80
N GLY A 43 -15.41 -13.31 12.73
CA GLY A 43 -14.87 -13.45 14.07
C GLY A 43 -14.61 -12.12 14.74
N ARG A 44 -13.68 -12.10 15.68
CA ARG A 44 -13.34 -10.89 16.40
C ARG A 44 -12.12 -10.21 15.77
N ALA A 45 -12.11 -10.17 14.44
CA ALA A 45 -11.01 -9.57 13.71
C ALA A 45 -11.42 -8.18 13.22
N ASN A 46 -11.55 -7.26 14.17
CA ASN A 46 -11.95 -5.89 13.85
C ASN A 46 -10.90 -5.16 13.02
N ASP A 47 -9.67 -5.08 13.52
CA ASP A 47 -8.59 -4.40 12.79
C ASP A 47 -8.33 -5.06 11.46
N ALA A 48 -8.44 -6.39 11.44
CA ALA A 48 -8.21 -7.17 10.22
C ALA A 48 -9.08 -6.69 9.06
N ILE A 49 -10.33 -6.38 9.35
CA ILE A 49 -11.25 -5.92 8.31
C ILE A 49 -11.24 -4.39 8.22
N ALA A 50 -11.06 -3.74 9.35
CA ALA A 50 -11.05 -2.28 9.40
C ALA A 50 -9.90 -1.70 8.57
N SER A 51 -8.68 -2.10 8.89
CA SER A 51 -7.51 -1.61 8.17
C SER A 51 -7.49 -2.12 6.73
N ALA A 52 -8.18 -3.22 6.47
CA ALA A 52 -8.26 -3.75 5.12
C ALA A 52 -9.00 -2.77 4.23
N CYS A 53 -10.12 -2.27 4.74
CA CYS A 53 -10.92 -1.29 4.03
C CYS A 53 -10.22 0.06 4.05
N LEU A 54 -9.50 0.31 5.16
CA LEU A 54 -8.76 1.55 5.32
C LEU A 54 -7.73 1.70 4.21
N TYR A 55 -7.00 0.63 3.94
CA TYR A 55 -5.99 0.63 2.88
C TYR A 55 -6.64 0.87 1.53
N ILE A 56 -7.78 0.21 1.30
CA ILE A 56 -8.51 0.35 0.05
C ILE A 56 -8.98 1.79 -0.13
N ALA A 57 -9.41 2.40 0.97
CA ALA A 57 -9.89 3.77 0.95
C ALA A 57 -8.73 4.75 0.77
N CYS A 58 -7.51 4.26 0.97
CA CYS A 58 -6.33 5.10 0.82
C CYS A 58 -5.51 4.66 -0.39
N ARG A 59 -6.09 3.79 -1.21
CA ARG A 59 -5.40 3.31 -2.40
C ARG A 59 -5.35 4.38 -3.47
N GLN A 60 -6.24 5.35 -3.36
CA GLN A 60 -6.30 6.46 -4.31
C GLN A 60 -6.10 7.79 -3.58
N GLU A 61 -7.16 8.26 -2.94
CA GLU A 61 -7.09 9.53 -2.22
C GLU A 61 -7.34 9.29 -0.73
N GLY A 62 -6.28 9.00 0.00
CA GLY A 62 -6.38 8.76 1.42
C GLY A 62 -5.16 9.25 2.17
N VAL A 63 -4.54 8.35 2.93
CA VAL A 63 -3.34 8.71 3.69
C VAL A 63 -2.13 8.75 2.76
N PRO A 64 -1.37 9.85 2.78
CA PRO A 64 -0.19 10.00 1.95
C PRO A 64 1.03 9.26 2.50
N ARG A 65 2.11 9.25 1.72
CA ARG A 65 3.36 8.60 2.09
C ARG A 65 3.21 7.08 2.11
N THR A 66 2.76 6.56 3.25
CA THR A 66 2.59 5.13 3.40
C THR A 66 1.53 4.82 4.44
N PHE A 67 0.82 3.71 4.23
CA PHE A 67 -0.24 3.28 5.15
C PHE A 67 0.36 2.81 6.47
N LYS A 68 1.62 2.45 6.45
CA LYS A 68 2.32 1.97 7.63
C LYS A 68 2.47 3.07 8.69
N GLU A 69 2.43 4.32 8.25
CA GLU A 69 2.57 5.45 9.16
C GLU A 69 1.45 5.48 10.20
N ILE A 70 0.23 5.18 9.77
CA ILE A 70 -0.92 5.20 10.68
C ILE A 70 -1.01 3.89 11.46
N CYS A 71 -0.23 2.90 11.05
CA CYS A 71 -0.23 1.59 11.69
C CYS A 71 0.73 1.57 12.88
N ALA A 72 1.48 2.64 13.05
CA ALA A 72 2.44 2.75 14.15
C ALA A 72 1.74 2.73 15.50
N VAL A 73 0.47 3.12 15.50
CA VAL A 73 -0.32 3.16 16.72
C VAL A 73 -1.14 1.87 16.88
N SER A 74 -0.92 0.93 15.99
CA SER A 74 -1.63 -0.34 16.03
C SER A 74 -0.65 -1.51 16.11
N ARG A 75 -0.52 -2.09 17.29
CA ARG A 75 0.40 -3.21 17.47
C ARG A 75 -0.37 -4.46 17.88
N ILE A 76 -1.43 -4.77 17.14
CA ILE A 76 -2.25 -5.93 17.42
C ILE A 76 -1.93 -7.07 16.44
N SER A 77 -0.92 -6.84 15.61
CA SER A 77 -0.47 -7.80 14.59
C SER A 77 -1.54 -7.99 13.51
N LYS A 78 -1.32 -7.34 12.37
CA LYS A 78 -2.24 -7.42 11.24
C LYS A 78 -2.01 -8.70 10.44
N LYS A 79 -2.19 -9.83 11.11
CA LYS A 79 -1.99 -11.13 10.48
C LYS A 79 -2.98 -11.37 9.35
N GLU A 80 -4.26 -11.41 9.70
CA GLU A 80 -5.33 -11.66 8.74
C GLU A 80 -5.26 -10.72 7.54
N ILE A 81 -4.90 -9.47 7.79
CA ILE A 81 -4.80 -8.47 6.72
C ILE A 81 -3.73 -8.87 5.70
N GLY A 82 -2.68 -9.51 6.19
CA GLY A 82 -1.60 -9.93 5.31
C GLY A 82 -2.00 -11.06 4.38
N ARG A 83 -3.20 -11.58 4.54
CA ARG A 83 -3.68 -12.69 3.72
C ARG A 83 -5.06 -12.39 3.14
N CYS A 84 -6.04 -12.25 4.03
CA CYS A 84 -7.43 -12.00 3.65
C CYS A 84 -7.59 -10.74 2.79
N PHE A 85 -6.88 -9.68 3.15
CA PHE A 85 -6.96 -8.43 2.40
C PHE A 85 -6.45 -8.64 0.98
N LYS A 86 -5.40 -9.43 0.84
CA LYS A 86 -4.82 -9.71 -0.47
C LYS A 86 -5.80 -10.52 -1.32
N LEU A 87 -6.65 -11.28 -0.65
CA LEU A 87 -7.65 -12.09 -1.33
C LEU A 87 -8.78 -11.19 -1.82
N ILE A 88 -9.14 -10.21 -0.99
CA ILE A 88 -10.19 -9.27 -1.35
C ILE A 88 -9.73 -8.41 -2.52
N LEU A 89 -8.42 -8.09 -2.52
CA LEU A 89 -7.82 -7.29 -3.58
C LEU A 89 -7.94 -8.01 -4.93
N LYS A 90 -8.03 -9.34 -4.87
CA LYS A 90 -8.15 -10.15 -6.08
C LYS A 90 -9.56 -10.02 -6.66
N ALA A 91 -10.53 -9.79 -5.80
CA ALA A 91 -11.91 -9.65 -6.22
C ALA A 91 -12.17 -8.29 -6.85
N LEU A 92 -11.52 -7.25 -6.33
CA LEU A 92 -11.70 -5.90 -6.86
C LEU A 92 -10.75 -5.64 -8.04
N GLU A 93 -9.81 -6.55 -8.25
CA GLU A 93 -8.87 -6.43 -9.36
C GLU A 93 -9.63 -6.41 -10.67
N THR A 94 -9.31 -5.43 -11.50
CA THR A 94 -9.96 -5.27 -12.78
C THR A 94 -8.96 -5.30 -13.94
N SER A 95 -7.69 -5.01 -13.61
CA SER A 95 -6.62 -4.99 -14.60
C SER A 95 -6.96 -4.08 -15.78
N VAL A 96 -7.52 -2.92 -15.49
CA VAL A 96 -7.89 -1.97 -16.54
C VAL A 96 -6.70 -1.10 -16.92
N ASP A 97 -6.22 -1.28 -18.14
CA ASP A 97 -5.09 -0.50 -18.63
C ASP A 97 -5.59 0.80 -19.24
N LEU A 98 -5.61 1.84 -18.43
CA LEU A 98 -6.07 3.15 -18.87
C LEU A 98 -5.00 3.87 -19.67
N ILE A 99 -4.03 4.44 -18.98
CA ILE A 99 -2.96 5.18 -19.64
C ILE A 99 -1.68 4.35 -19.66
N THR A 100 -0.97 4.35 -18.53
CA THR A 100 0.29 3.62 -18.39
C THR A 100 1.25 3.92 -19.55
N THR A 101 1.29 5.17 -19.96
CA THR A 101 2.17 5.57 -21.06
C THR A 101 2.77 6.96 -20.80
N GLY A 102 2.08 7.79 -20.04
CA GLY A 102 2.59 9.12 -19.73
C GLY A 102 3.77 9.06 -18.80
N ASP A 103 3.91 7.94 -18.09
CA ASP A 103 4.99 7.73 -17.13
C ASP A 103 6.35 7.72 -17.84
N PHE A 104 6.34 7.62 -19.16
CA PHE A 104 7.57 7.61 -19.95
C PHE A 104 8.27 8.96 -19.87
N MET A 105 7.53 9.99 -19.47
CA MET A 105 8.09 11.32 -19.34
C MET A 105 8.75 11.50 -17.98
N SER A 106 8.00 11.14 -16.93
CA SER A 106 8.45 11.24 -15.53
C SER A 106 8.95 12.66 -15.17
N ARG A 107 8.51 13.66 -15.92
CA ARG A 107 8.94 15.03 -15.67
C ARG A 107 7.88 15.80 -14.89
N PHE A 108 6.61 15.57 -15.22
CA PHE A 108 5.51 16.25 -14.53
C PHE A 108 5.42 15.81 -13.07
N CYS A 109 6.13 14.74 -12.73
CA CYS A 109 6.15 14.22 -11.36
C CYS A 109 6.80 15.21 -10.41
N SER A 110 7.59 16.12 -10.94
CA SER A 110 8.28 17.12 -10.14
C SER A 110 7.42 18.38 -9.98
N ASN A 111 6.14 18.25 -10.31
CA ASN A 111 5.19 19.37 -10.22
C ASN A 111 5.09 19.91 -8.81
N LEU A 112 5.31 19.04 -7.83
CA LEU A 112 5.23 19.44 -6.43
C LEU A 112 6.60 19.91 -5.92
N CYS A 113 7.38 20.52 -6.83
CA CYS A 113 8.71 21.03 -6.52
C CYS A 113 9.62 19.91 -6.02
N LEU A 114 9.57 18.78 -6.73
CA LEU A 114 10.39 17.63 -6.37
C LEU A 114 11.75 17.72 -7.03
N PRO A 115 12.83 17.66 -6.22
CA PRO A 115 14.20 17.75 -6.74
C PRO A 115 14.56 16.56 -7.64
N LYS A 116 15.48 16.78 -8.57
CA LYS A 116 15.90 15.75 -9.50
C LYS A 116 16.60 14.61 -8.78
N GLN A 117 17.10 14.89 -7.59
CA GLN A 117 17.78 13.88 -6.76
C GLN A 117 16.86 12.70 -6.51
N VAL A 118 15.62 12.99 -6.15
CA VAL A 118 14.64 11.95 -5.87
C VAL A 118 14.27 11.19 -7.14
N GLN A 119 14.10 11.93 -8.22
CA GLN A 119 13.75 11.33 -9.51
C GLN A 119 14.85 10.37 -9.95
N MET A 120 16.09 10.81 -9.86
CA MET A 120 17.24 10.00 -10.26
C MET A 120 17.35 8.76 -9.36
N ALA A 121 17.11 8.96 -8.07
CA ALA A 121 17.16 7.88 -7.11
C ALA A 121 16.10 6.83 -7.42
N ALA A 122 14.90 7.31 -7.74
CA ALA A 122 13.78 6.43 -8.09
C ALA A 122 14.10 5.60 -9.32
N THR A 123 14.76 6.23 -10.28
CA THR A 123 15.14 5.56 -11.52
C THR A 123 16.09 4.40 -11.21
N HIS A 124 16.90 4.56 -10.17
CA HIS A 124 17.84 3.52 -9.77
C HIS A 124 17.11 2.37 -9.08
N ILE A 125 16.02 2.71 -8.40
CA ILE A 125 15.21 1.71 -7.71
C ILE A 125 14.51 0.82 -8.73
N ALA A 126 13.89 1.45 -9.72
CA ALA A 126 13.19 0.73 -10.78
C ALA A 126 14.15 -0.20 -11.51
N ARG A 127 15.39 0.25 -11.65
CA ARG A 127 16.44 -0.52 -12.32
C ARG A 127 16.66 -1.85 -11.60
N LYS A 128 16.81 -1.78 -10.28
CA LYS A 128 17.04 -2.98 -9.47
C LYS A 128 15.78 -3.83 -9.41
N ALA A 129 14.63 -3.17 -9.44
CA ALA A 129 13.34 -3.85 -9.40
C ALA A 129 13.17 -4.80 -10.57
N VAL A 130 13.49 -4.32 -11.77
CA VAL A 130 13.38 -5.14 -12.97
C VAL A 130 14.37 -6.32 -12.92
N GLU A 131 15.51 -6.10 -12.29
CA GLU A 131 16.53 -7.13 -12.17
C GLU A 131 15.99 -8.35 -11.43
N LEU A 132 15.24 -8.10 -10.35
CA LEU A 132 14.66 -9.17 -9.55
C LEU A 132 13.52 -9.84 -10.31
N ASP A 133 12.85 -9.07 -11.16
CA ASP A 133 11.75 -9.56 -11.99
C ASP A 133 10.56 -10.05 -11.16
N LEU A 134 10.31 -9.39 -10.04
CA LEU A 134 9.20 -9.77 -9.17
C LEU A 134 8.39 -8.54 -8.77
N VAL A 135 8.53 -7.48 -9.53
CA VAL A 135 7.81 -6.24 -9.25
C VAL A 135 6.65 -5.99 -10.24
N PRO A 136 6.91 -6.01 -11.57
CA PRO A 136 5.85 -5.79 -12.56
C PRO A 136 4.91 -6.99 -12.69
N GLY A 137 4.15 -7.26 -11.65
CA GLY A 137 3.21 -8.37 -11.67
C GLY A 137 1.92 -8.03 -12.38
N ARG A 138 2.03 -7.33 -13.50
CA ARG A 138 0.89 -6.92 -14.29
C ARG A 138 1.35 -6.43 -15.65
N SER A 139 2.07 -5.31 -15.63
CA SER A 139 2.59 -4.71 -16.84
C SER A 139 3.76 -3.79 -16.50
N PRO A 140 4.73 -3.64 -17.42
CA PRO A 140 5.89 -2.77 -17.21
C PRO A 140 5.49 -1.29 -17.22
N ILE A 141 6.50 -0.40 -17.24
CA ILE A 141 6.28 1.05 -17.25
C ILE A 141 5.85 1.54 -15.88
N SER A 142 4.85 0.88 -15.29
CA SER A 142 4.32 1.24 -13.98
C SER A 142 5.39 1.17 -12.89
N VAL A 143 6.54 0.59 -13.22
CA VAL A 143 7.64 0.46 -12.28
C VAL A 143 8.33 1.80 -12.03
N ALA A 144 8.11 2.76 -12.92
CA ALA A 144 8.72 4.08 -12.80
C ALA A 144 8.06 4.89 -11.69
N ALA A 145 6.81 5.31 -11.93
CA ALA A 145 6.06 6.10 -10.97
C ALA A 145 6.01 5.45 -9.59
N ALA A 146 5.93 4.12 -9.57
CA ALA A 146 5.89 3.37 -8.33
C ALA A 146 7.15 3.63 -7.50
N ALA A 147 8.31 3.52 -8.14
CA ALA A 147 9.58 3.75 -7.48
C ALA A 147 9.71 5.22 -7.08
N ILE A 148 9.18 6.10 -7.91
CA ILE A 148 9.23 7.54 -7.64
C ILE A 148 8.45 7.86 -6.38
N TYR A 149 7.31 7.20 -6.21
CA TYR A 149 6.46 7.41 -5.05
C TYR A 149 7.18 7.02 -3.76
N MET A 150 7.76 5.81 -3.75
CA MET A 150 8.46 5.32 -2.57
C MET A 150 9.71 6.17 -2.28
N ALA A 151 10.33 6.67 -3.34
CA ALA A 151 11.51 7.51 -3.19
C ALA A 151 11.14 8.85 -2.61
N SER A 152 9.90 9.26 -2.84
CA SER A 152 9.41 10.53 -2.34
C SER A 152 8.72 10.39 -0.98
N GLN A 153 8.97 9.28 -0.30
CA GLN A 153 8.37 9.06 1.01
C GLN A 153 9.42 8.70 2.05
N ALA A 154 10.48 8.03 1.62
CA ALA A 154 11.56 7.63 2.51
C ALA A 154 12.66 8.68 2.57
N SER A 155 12.58 9.66 1.68
CA SER A 155 13.58 10.72 1.63
C SER A 155 13.12 11.96 2.38
N ALA A 156 12.78 11.77 3.65
CA ALA A 156 12.33 12.85 4.55
C ALA A 156 10.93 13.36 4.20
N GLU A 157 10.81 13.95 3.02
CA GLU A 157 9.54 14.51 2.56
C GLU A 157 8.51 13.39 2.32
N LYS A 158 7.26 13.71 2.56
CA LYS A 158 6.17 12.76 2.39
C LYS A 158 5.36 13.12 1.14
N ARG A 159 5.27 12.19 0.21
CA ARG A 159 4.55 12.40 -1.02
C ARG A 159 3.07 12.02 -0.87
N THR A 160 2.20 12.80 -1.47
CA THR A 160 0.77 12.55 -1.42
C THR A 160 0.41 11.35 -2.30
N GLN A 161 -0.72 10.72 -2.01
CA GLN A 161 -1.17 9.56 -2.78
C GLN A 161 -1.82 9.98 -4.10
N LYS A 162 -2.24 11.24 -4.18
CA LYS A 162 -2.89 11.76 -5.38
C LYS A 162 -1.90 11.99 -6.52
N GLU A 163 -0.62 12.06 -6.18
CA GLU A 163 0.43 12.32 -7.18
C GLU A 163 0.42 11.27 -8.30
N ILE A 164 0.04 10.06 -7.99
CA ILE A 164 0.02 8.98 -8.98
C ILE A 164 -1.03 9.21 -10.07
N GLY A 165 -2.04 10.04 -9.77
CA GLY A 165 -3.10 10.27 -10.73
C GLY A 165 -3.18 11.71 -11.23
N ASP A 166 -3.13 12.68 -10.32
CA ASP A 166 -3.24 14.08 -10.71
C ASP A 166 -1.91 14.68 -11.13
N ILE A 167 -0.82 14.26 -10.51
CA ILE A 167 0.50 14.78 -10.84
C ILE A 167 1.12 14.00 -11.99
N ALA A 168 1.15 12.69 -11.86
CA ALA A 168 1.72 11.82 -12.90
C ALA A 168 0.65 11.42 -13.90
N GLY A 169 -0.30 10.62 -13.46
CA GLY A 169 -1.36 10.17 -14.34
C GLY A 169 -0.97 8.92 -15.10
N VAL A 170 -0.71 7.84 -14.38
CA VAL A 170 -0.33 6.59 -15.00
C VAL A 170 -1.52 5.65 -15.07
N ALA A 171 -1.89 5.09 -13.93
CA ALA A 171 -3.01 4.17 -13.82
C ALA A 171 -3.24 3.79 -12.37
N ASP A 172 -4.39 3.19 -12.08
CA ASP A 172 -4.71 2.78 -10.72
C ASP A 172 -3.99 1.47 -10.38
N VAL A 173 -3.76 0.66 -11.40
CA VAL A 173 -3.10 -0.62 -11.23
C VAL A 173 -1.62 -0.44 -10.92
N THR A 174 -1.09 0.74 -11.27
CA THR A 174 0.30 1.07 -11.04
C THR A 174 0.71 0.86 -9.58
N ILE A 175 -0.15 1.28 -8.65
CA ILE A 175 0.13 1.13 -7.24
C ILE A 175 -0.78 0.08 -6.62
N ARG A 176 -1.36 -0.75 -7.48
CA ARG A 176 -2.26 -1.81 -7.05
C ARG A 176 -1.61 -3.18 -7.16
N GLN A 177 -0.99 -3.43 -8.30
CA GLN A 177 -0.34 -4.71 -8.55
C GLN A 177 1.16 -4.55 -8.74
N SER A 178 1.84 -4.07 -7.71
CA SER A 178 3.28 -3.87 -7.76
C SER A 178 3.89 -4.08 -6.37
N TYR A 179 3.71 -3.10 -5.51
CA TYR A 179 4.24 -3.13 -4.14
C TYR A 179 3.35 -3.99 -3.25
N ARG A 180 2.99 -5.17 -3.74
CA ARG A 180 2.12 -6.08 -3.00
C ARG A 180 2.86 -7.37 -2.63
N LEU A 181 3.90 -7.71 -3.37
CA LEU A 181 4.65 -8.93 -3.10
C LEU A 181 6.15 -8.73 -3.25
N ILE A 182 6.59 -7.48 -3.21
CA ILE A 182 8.00 -7.17 -3.36
C ILE A 182 8.68 -6.94 -2.02
N TYR A 183 8.00 -7.28 -0.93
CA TYR A 183 8.54 -7.10 0.40
C TYR A 183 8.45 -8.38 1.22
N PRO A 184 9.37 -9.33 0.97
CA PRO A 184 9.38 -10.59 1.71
C PRO A 184 10.24 -10.52 2.97
N ARG A 185 10.94 -9.40 3.13
CA ARG A 185 11.82 -9.19 4.28
C ARG A 185 12.16 -7.71 4.43
N ALA A 186 12.69 -7.14 3.36
CA ALA A 186 13.08 -5.74 3.32
C ALA A 186 13.01 -5.25 1.89
N PRO A 187 13.13 -3.92 1.65
CA PRO A 187 13.09 -3.36 0.29
C PRO A 187 14.30 -3.78 -0.54
N ASP A 188 14.22 -4.98 -1.12
CA ASP A 188 15.30 -5.52 -1.95
C ASP A 188 15.37 -4.81 -3.30
N LEU A 189 14.51 -3.82 -3.49
CA LEU A 189 14.46 -3.06 -4.73
C LEU A 189 15.48 -1.92 -4.70
N PHE A 190 16.12 -1.75 -3.55
CA PHE A 190 17.11 -0.70 -3.37
C PHE A 190 18.42 -1.09 -4.04
N PRO A 191 18.98 -0.20 -4.88
CA PRO A 191 20.25 -0.45 -5.57
C PRO A 191 21.43 -0.48 -4.58
N THR A 192 22.10 0.66 -4.43
CA THR A 192 23.24 0.76 -3.52
C THR A 192 23.49 2.22 -3.15
N ASP A 193 23.34 3.11 -4.12
CA ASP A 193 23.56 4.53 -3.90
C ASP A 193 22.34 5.23 -3.33
N PHE A 194 21.24 4.50 -3.21
CA PHE A 194 20.01 5.07 -2.69
C PHE A 194 19.97 4.95 -1.17
N LYS A 195 20.32 6.03 -0.49
CA LYS A 195 20.31 6.06 0.96
C LYS A 195 19.14 6.91 1.44
N PHE A 196 18.18 6.26 2.08
CA PHE A 196 17.00 6.94 2.58
C PHE A 196 17.37 7.94 3.67
N ASP A 197 16.65 9.04 3.73
CA ASP A 197 16.92 10.08 4.72
C ASP A 197 16.27 9.71 6.05
N THR A 198 15.02 9.29 5.99
CA THR A 198 14.28 8.89 7.18
C THR A 198 14.60 7.45 7.52
N PRO A 199 15.14 7.19 8.72
CA PRO A 199 15.49 5.84 9.18
C PRO A 199 14.27 4.97 9.45
N VAL A 200 13.51 4.69 8.41
CA VAL A 200 12.32 3.85 8.51
C VAL A 200 12.71 2.41 8.80
N ASP A 201 13.94 2.06 8.42
CA ASP A 201 14.52 0.73 8.63
C ASP A 201 13.87 -0.33 7.75
N LYS A 202 12.57 -0.50 7.88
CA LYS A 202 11.85 -1.49 7.11
C LYS A 202 10.61 -0.89 6.45
N LEU A 203 10.46 -1.15 5.16
CA LEU A 203 9.32 -0.65 4.40
C LEU A 203 8.46 -1.82 3.94
N PRO A 204 7.39 -2.12 4.69
CA PRO A 204 6.48 -3.23 4.36
C PRO A 204 5.46 -2.86 3.28
N GLN A 205 5.25 -1.56 3.10
CA GLN A 205 4.29 -1.07 2.11
C GLN A 205 4.74 0.27 1.58
N LEU A 206 4.92 0.33 0.26
CA LEU A 206 5.34 1.54 -0.44
C LEU A 206 6.73 1.95 0.00
N TYR B 1 -9.13 -17.07 -16.13
CA TYR B 1 -9.08 -16.37 -14.82
C TYR B 1 -8.91 -17.38 -13.69
N GLY B 2 -9.48 -18.58 -13.85
CA GLY B 2 -9.39 -19.60 -12.82
C GLY B 2 -7.98 -19.89 -12.37
N ALA B 3 -7.09 -20.14 -13.32
CA ALA B 3 -5.70 -20.44 -13.01
C ALA B 3 -4.99 -19.22 -12.43
N LEU B 4 -5.24 -18.06 -13.02
CA LEU B 4 -4.64 -16.81 -12.57
C LEU B 4 -5.05 -16.50 -11.13
N ASP B 5 -6.34 -16.60 -10.85
CA ASP B 5 -6.88 -16.33 -9.52
C ASP B 5 -6.29 -17.30 -8.50
N MET B 6 -6.31 -18.59 -8.85
CA MET B 6 -5.78 -19.62 -7.96
C MET B 6 -4.29 -19.42 -7.70
N ALA B 7 -3.55 -19.07 -8.75
CA ALA B 7 -2.13 -18.84 -8.63
C ALA B 7 -1.83 -17.68 -7.70
N ASP B 8 -2.51 -16.56 -7.95
CA ASP B 8 -2.36 -15.36 -7.14
C ASP B 8 -3.02 -15.54 -5.77
N PHE B 9 -3.69 -16.66 -5.59
CA PHE B 9 -4.37 -16.95 -4.34
C PHE B 9 -3.49 -17.76 -3.40
N GLU B 10 -2.93 -18.87 -3.88
CA GLU B 10 -2.10 -19.74 -3.05
C GLU B 10 -0.65 -19.31 -2.97
N PHE B 11 -0.20 -18.47 -3.89
CA PHE B 11 1.20 -18.01 -3.89
C PHE B 11 1.46 -17.12 -2.66
N GLU B 12 0.40 -16.54 -2.14
CA GLU B 12 0.50 -15.66 -0.99
C GLU B 12 -0.14 -16.27 0.25
N GLN B 13 -0.13 -17.61 0.31
CA GLN B 13 -0.72 -18.33 1.44
C GLN B 13 -0.05 -17.93 2.75
N MET B 14 1.24 -18.20 2.86
CA MET B 14 1.98 -17.86 4.08
C MET B 14 2.36 -16.39 4.10
N PHE B 15 1.36 -15.53 4.18
CA PHE B 15 1.60 -14.09 4.21
C PHE B 15 0.88 -13.46 5.39
N THR B 16 0.08 -14.24 6.09
CA THR B 16 -0.64 -13.77 7.25
C THR B 16 0.33 -13.34 8.35
N ASP B 17 1.26 -14.23 8.68
CA ASP B 17 2.25 -13.96 9.72
C ASP B 17 3.19 -12.83 9.33
N ALA B 18 3.37 -12.63 8.03
CA ALA B 18 4.26 -11.58 7.52
C ALA B 18 3.82 -10.20 7.98
N LEU B 19 2.59 -9.81 7.64
CA LEU B 19 2.07 -8.52 8.03
C LEU B 19 1.74 -8.52 9.52
N GLY B 20 1.58 -9.72 10.07
CA GLY B 20 1.28 -9.86 11.48
C GLY B 20 2.45 -9.44 12.35
N ILE B 21 3.62 -10.01 12.08
CA ILE B 21 4.82 -9.69 12.84
C ILE B 21 5.32 -8.28 12.50
N ASP B 22 4.82 -7.75 11.38
CA ASP B 22 5.18 -6.42 10.93
C ASP B 22 4.57 -5.37 11.85
N GLU B 23 3.39 -5.66 12.38
CA GLU B 23 2.69 -4.75 13.26
C GLU B 23 3.10 -4.97 14.72
N TYR B 24 4.41 -5.04 14.95
CA TYR B 24 4.94 -5.23 16.29
C TYR B 24 6.24 -4.47 16.45
N GLY B 25 6.24 -3.48 17.33
CA GLY B 25 7.42 -2.69 17.55
C GLY B 25 7.58 -1.60 16.51
N GLY B 26 7.95 -2.01 15.30
CA GLY B 26 8.13 -1.07 14.21
C GLY B 26 7.30 -1.45 13.01
#